data_4Q3M
#
_entry.id   4Q3M
#
_cell.length_a   172.469
_cell.length_b   172.469
_cell.length_c   113.055
_cell.angle_alpha   90.00
_cell.angle_beta   90.00
_cell.angle_gamma   120.00
#
_symmetry.space_group_name_H-M   'P 64'
#
loop_
_entity.id
_entity.type
_entity.pdbx_description
1 polymer MGS-M4
2 non-polymer 'SULFATE ION'
3 non-polymer 'SODIUM ION'
4 water water
#
_entity_poly.entity_id   1
_entity_poly.type   'polypeptide(L)'
_entity_poly.pdbx_seq_one_letter_code
;MHSVKLNNNYEMPIIGLGTFRSKKNDAYNAVKAALEGGYRHIDTAMIYGNEEEVGRAIKDSNIPREEIFVTTKLWNTDQG
YEKTLEAFNTSLKNLGLDYIDLYLIHWFKGYDNALSTYRAFETLYEEGKVKAIGVSNFNVHHLMYLMENAKIPPMVNQVE
THVTLQNHFLHDYCKKNNIQLEAYAPLMSHQIKDLLSNETMAKIAKKHDKTIPQIAIRWLIEREIVVIPKSITPERIVQN
FDVFDFTLDEEDMKSIRSVNTGKKIFTEFDNVDY
;
_entity_poly.pdbx_strand_id   A,B,C,D,E,F
#
# COMPACT_ATOMS: atom_id res chain seq x y z
N HIS A 2 31.80 -4.14 20.33
CA HIS A 2 32.05 -4.84 19.07
C HIS A 2 32.81 -4.01 18.09
N SER A 3 33.46 -4.65 17.14
CA SER A 3 34.38 -3.92 16.28
C SER A 3 34.01 -4.01 14.80
N VAL A 4 34.45 -3.00 14.05
CA VAL A 4 34.31 -3.00 12.60
C VAL A 4 35.67 -3.28 11.99
N LYS A 5 35.70 -3.72 10.73
CA LYS A 5 36.98 -3.90 10.05
C LYS A 5 37.15 -2.93 8.89
N LEU A 6 38.26 -2.20 8.94
CA LEU A 6 38.60 -1.22 7.92
C LEU A 6 38.99 -1.93 6.63
N ASN A 7 39.20 -1.17 5.56
CA ASN A 7 39.45 -1.76 4.24
C ASN A 7 40.74 -2.58 4.15
N ASN A 8 41.59 -2.47 5.17
CA ASN A 8 42.82 -3.25 5.23
C ASN A 8 42.70 -4.42 6.22
N ASN A 9 41.46 -4.79 6.51
CA ASN A 9 41.13 -5.90 7.41
C ASN A 9 41.56 -5.67 8.86
N TYR A 10 41.91 -4.43 9.19
CA TYR A 10 42.31 -4.11 10.56
C TYR A 10 41.09 -3.74 11.39
N GLU A 11 40.93 -4.41 12.53
CA GLU A 11 39.76 -4.21 13.37
C GLU A 11 39.83 -2.93 14.18
N MET A 12 38.67 -2.33 14.41
CA MET A 12 38.56 -1.08 15.15
C MET A 12 37.32 -1.10 16.02
N PRO A 13 37.50 -1.04 17.36
CA PRO A 13 36.38 -1.00 18.30
C PRO A 13 35.39 0.10 17.94
N ILE A 14 34.14 -0.27 17.71
CA ILE A 14 33.13 0.67 17.20
C ILE A 14 32.83 1.78 18.21
N ILE A 15 33.21 1.57 19.46
CA ILE A 15 33.08 2.61 20.47
C ILE A 15 34.45 2.91 21.08
N GLY A 16 34.65 4.15 21.50
CA GLY A 16 35.89 4.56 22.12
C GLY A 16 35.73 5.82 22.94
N LEU A 17 36.71 6.08 23.81
CA LEU A 17 36.67 7.27 24.64
C LEU A 17 37.23 8.48 23.89
N GLY A 18 36.47 9.57 23.91
CA GLY A 18 36.92 10.82 23.33
C GLY A 18 37.66 11.65 24.39
N THR A 19 38.77 12.25 23.98
CA THR A 19 39.55 13.08 24.88
C THR A 19 39.61 14.52 24.38
N PHE A 20 39.28 15.47 25.23
CA PHE A 20 39.37 16.89 24.87
C PHE A 20 40.45 17.58 25.70
N ARG A 21 40.98 18.67 25.17
CA ARG A 21 42.04 19.42 25.83
C ARG A 21 41.58 19.96 27.19
N SER A 22 41.90 19.22 28.25
CA SER A 22 41.50 19.61 29.59
C SER A 22 42.72 19.83 30.49
N LYS A 23 42.49 19.74 31.80
CA LYS A 23 43.46 20.14 32.81
C LYS A 23 44.22 18.90 33.32
N LYS A 24 45.16 19.12 34.24
CA LYS A 24 46.05 18.07 34.73
C LYS A 24 45.34 16.82 35.26
N ASN A 25 45.77 15.66 34.75
CA ASN A 25 45.33 14.34 35.22
C ASN A 25 43.84 14.05 35.03
N ASP A 26 43.11 15.00 34.47
CA ASP A 26 41.71 14.77 34.14
C ASP A 26 41.62 13.89 32.90
N ALA A 27 42.60 14.04 32.02
CA ALA A 27 42.69 13.18 30.84
C ALA A 27 43.23 11.82 31.23
N TYR A 28 44.18 11.81 32.17
CA TYR A 28 44.76 10.58 32.67
C TYR A 28 43.72 9.70 33.36
N ASN A 29 42.97 10.31 34.27
CA ASN A 29 41.95 9.58 35.02
C ASN A 29 40.84 9.03 34.13
N ALA A 30 40.42 9.84 33.16
CA ALA A 30 39.34 9.47 32.26
C ALA A 30 39.67 8.22 31.44
N VAL A 31 40.90 8.16 30.93
CA VAL A 31 41.34 7.04 30.11
C VAL A 31 41.26 5.72 30.86
N LYS A 32 41.79 5.69 32.09
CA LYS A 32 41.79 4.47 32.88
C LYS A 32 40.39 4.13 33.38
N ALA A 33 39.63 5.15 33.78
CA ALA A 33 38.25 4.96 34.20
C ALA A 33 37.43 4.34 33.07
N ALA A 34 37.86 4.62 31.83
CA ALA A 34 37.25 4.04 30.66
C ALA A 34 37.80 2.64 30.38
N LEU A 35 39.12 2.51 30.45
CA LEU A 35 39.78 1.23 30.20
C LEU A 35 39.31 0.16 31.18
N GLU A 36 39.12 0.54 32.44
CA GLU A 36 38.60 -0.37 33.45
C GLU A 36 37.14 -0.69 33.17
N GLY A 37 36.42 0.26 32.58
CA GLY A 37 35.01 0.09 32.28
C GLY A 37 34.75 -0.86 31.13
N GLY A 38 35.77 -1.07 30.30
CA GLY A 38 35.65 -1.99 29.17
C GLY A 38 36.08 -1.40 27.85
N TYR A 39 36.43 -0.11 27.86
CA TYR A 39 36.91 0.56 26.65
C TYR A 39 38.21 -0.06 26.15
N ARG A 40 38.31 -0.26 24.84
CA ARG A 40 39.54 -0.73 24.23
C ARG A 40 39.92 0.18 23.06
N HIS A 41 39.39 1.40 23.10
CA HIS A 41 39.64 2.38 22.05
C HIS A 41 39.76 3.78 22.64
N ILE A 42 40.91 4.42 22.41
CA ILE A 42 41.15 5.76 22.91
C ILE A 42 41.46 6.72 21.75
N ASP A 43 40.78 7.87 21.74
CA ASP A 43 40.94 8.83 20.66
C ASP A 43 41.54 10.13 21.17
N THR A 44 42.74 10.47 20.67
CA THR A 44 43.42 11.70 21.08
C THR A 44 43.96 12.46 19.88
N ALA A 45 44.71 13.52 20.15
CA ALA A 45 45.32 14.35 19.11
C ALA A 45 46.40 15.24 19.71
N MET A 46 47.30 15.74 18.86
CA MET A 46 48.40 16.56 19.36
C MET A 46 47.91 17.91 19.86
N ILE A 47 46.80 18.41 19.29
CA ILE A 47 46.27 19.70 19.68
C ILE A 47 45.60 19.64 21.05
N TYR A 48 45.23 18.44 21.47
CA TYR A 48 44.61 18.25 22.78
C TYR A 48 45.66 18.40 23.88
N GLY A 49 46.91 18.09 23.55
CA GLY A 49 48.00 18.21 24.49
C GLY A 49 47.86 17.26 25.67
N ASN A 50 47.28 16.08 25.42
CA ASN A 50 47.12 15.08 26.46
C ASN A 50 47.72 13.73 26.07
N GLU A 51 48.47 13.72 24.98
CA GLU A 51 49.13 12.50 24.49
C GLU A 51 50.03 11.90 25.56
N GLU A 52 50.58 12.76 26.40
CA GLU A 52 51.43 12.33 27.51
C GLU A 52 50.62 11.60 28.58
N GLU A 53 49.53 12.22 29.02
CA GLU A 53 48.70 11.64 30.07
C GLU A 53 47.93 10.42 29.59
N VAL A 54 47.51 10.44 28.32
CA VAL A 54 46.81 9.31 27.73
C VAL A 54 47.74 8.10 27.62
N GLY A 55 48.95 8.33 27.14
CA GLY A 55 49.92 7.27 26.94
C GLY A 55 50.36 6.57 28.21
N ARG A 56 50.46 7.33 29.30
CA ARG A 56 50.88 6.77 30.58
C ARG A 56 49.75 6.03 31.28
N ALA A 57 48.52 6.46 31.01
CA ALA A 57 47.35 5.79 31.56
C ALA A 57 47.20 4.41 30.94
N ILE A 58 47.64 4.28 29.69
CA ILE A 58 47.60 3.01 28.98
C ILE A 58 48.63 2.02 29.53
N LYS A 59 49.80 2.54 29.86
CA LYS A 59 50.86 1.71 30.44
C LYS A 59 50.46 1.13 31.79
N ASP A 60 49.99 1.99 32.68
CA ASP A 60 49.73 1.60 34.07
C ASP A 60 48.44 0.81 34.23
N SER A 61 47.72 0.57 33.14
CA SER A 61 46.44 -0.11 33.19
C SER A 61 46.58 -1.63 33.27
N ASN A 62 47.81 -2.11 33.08
CA ASN A 62 48.11 -3.56 33.05
C ASN A 62 47.30 -4.29 31.98
N ILE A 63 46.92 -3.56 30.93
CA ILE A 63 46.21 -4.15 29.79
C ILE A 63 47.12 -4.16 28.57
N PRO A 64 47.28 -5.35 27.96
CA PRO A 64 48.15 -5.55 26.79
C PRO A 64 47.94 -4.51 25.70
N ARG A 65 49.04 -3.96 25.19
CA ARG A 65 49.02 -2.88 24.20
C ARG A 65 48.21 -3.21 22.96
N GLU A 66 48.38 -4.41 22.43
CA GLU A 66 47.74 -4.79 21.17
C GLU A 66 46.22 -4.97 21.29
N GLU A 67 45.70 -4.87 22.50
CA GLU A 67 44.27 -5.00 22.70
C GLU A 67 43.62 -3.63 22.93
N ILE A 68 44.41 -2.59 22.79
CA ILE A 68 43.91 -1.22 22.92
C ILE A 68 44.14 -0.42 21.63
N PHE A 69 43.05 0.10 21.08
CA PHE A 69 43.10 0.89 19.86
C PHE A 69 43.40 2.35 20.17
N VAL A 70 44.55 2.84 19.72
CA VAL A 70 44.94 4.22 19.99
C VAL A 70 44.96 5.06 18.72
N THR A 71 44.16 6.11 18.71
CA THR A 71 44.11 7.03 17.58
C THR A 71 44.60 8.42 17.98
N THR A 72 45.55 8.96 17.24
CA THR A 72 45.93 10.35 17.39
C THR A 72 45.90 11.02 16.03
N LYS A 73 45.95 12.35 16.03
CA LYS A 73 45.78 13.11 14.80
C LYS A 73 46.92 14.08 14.57
N LEU A 74 47.12 14.45 13.31
CA LEU A 74 48.15 15.41 12.96
C LEU A 74 47.53 16.80 12.82
N TRP A 75 48.10 17.79 13.49
CA TRP A 75 47.51 19.13 13.49
C TRP A 75 47.84 19.92 12.23
N ASN A 76 47.00 20.91 11.94
CA ASN A 76 47.09 21.72 10.73
C ASN A 76 48.47 22.32 10.44
N THR A 77 49.13 22.78 11.49
CA THR A 77 50.42 23.47 11.35
C THR A 77 51.55 22.53 10.91
N ASP A 78 51.32 21.22 11.04
CA ASP A 78 52.37 20.25 10.74
C ASP A 78 52.17 19.55 9.41
N GLN A 79 51.19 20.00 8.62
CA GLN A 79 50.93 19.39 7.33
C GLN A 79 52.09 19.62 6.37
N GLY A 80 52.41 18.60 5.58
CA GLY A 80 53.60 18.62 4.74
C GLY A 80 54.44 17.41 5.06
N TYR A 81 55.06 16.82 4.04
CA TYR A 81 55.74 15.53 4.17
C TYR A 81 56.76 15.48 5.32
N GLU A 82 57.76 16.34 5.28
CA GLU A 82 58.82 16.33 6.28
C GLU A 82 58.31 16.70 7.67
N LYS A 83 57.38 17.64 7.73
CA LYS A 83 56.86 18.12 9.01
C LYS A 83 55.94 17.07 9.64
N THR A 84 55.30 16.27 8.79
CA THR A 84 54.38 15.24 9.27
C THR A 84 55.14 14.09 9.91
N LEU A 85 56.22 13.65 9.28
CA LEU A 85 57.06 12.58 9.80
C LEU A 85 57.58 12.91 11.19
N GLU A 86 57.95 14.18 11.39
CA GLU A 86 58.47 14.64 12.66
C GLU A 86 57.38 14.79 13.72
N ALA A 87 56.23 15.32 13.30
CA ALA A 87 55.11 15.50 14.21
C ALA A 87 54.55 14.16 14.67
N PHE A 88 54.74 13.13 13.84
CA PHE A 88 54.29 11.79 14.17
C PHE A 88 55.18 11.17 15.25
N ASN A 89 56.49 11.34 15.10
CA ASN A 89 57.44 10.84 16.08
C ASN A 89 57.25 11.52 17.43
N THR A 90 56.88 12.79 17.40
CA THR A 90 56.57 13.54 18.61
C THR A 90 55.33 12.95 19.28
N SER A 91 54.30 12.68 18.48
CA SER A 91 53.10 12.03 18.98
C SER A 91 53.42 10.67 19.55
N LEU A 92 54.21 9.92 18.80
CA LEU A 92 54.58 8.56 19.15
C LEU A 92 55.34 8.50 20.47
N LYS A 93 56.29 9.42 20.64
CA LYS A 93 57.11 9.47 21.85
C LYS A 93 56.31 9.95 23.05
N ASN A 94 55.45 10.94 22.85
CA ASN A 94 54.59 11.45 23.91
C ASN A 94 53.66 10.36 24.43
N LEU A 95 53.13 9.56 23.51
CA LEU A 95 52.22 8.48 23.86
C LEU A 95 52.94 7.29 24.49
N GLY A 96 54.27 7.28 24.42
CA GLY A 96 55.04 6.19 24.98
C GLY A 96 54.81 4.88 24.25
N LEU A 97 54.27 4.99 23.05
CA LEU A 97 54.12 3.86 22.13
C LEU A 97 55.21 3.98 21.09
N ASP A 98 55.41 2.94 20.29
CA ASP A 98 56.18 3.08 19.06
C ASP A 98 55.49 2.37 17.89
N TYR A 99 54.17 2.20 18.00
CA TYR A 99 53.30 2.01 16.85
C TYR A 99 51.93 2.57 17.21
N ILE A 100 51.24 3.16 16.24
CA ILE A 100 49.94 3.76 16.47
C ILE A 100 48.87 3.06 15.62
N ASP A 101 47.72 2.80 16.22
CA ASP A 101 46.65 2.07 15.53
C ASP A 101 46.07 2.87 14.37
N LEU A 102 45.75 4.13 14.62
CA LEU A 102 45.16 4.98 13.59
C LEU A 102 45.73 6.39 13.65
N TYR A 103 46.08 6.93 12.48
CA TYR A 103 46.59 8.29 12.37
C TYR A 103 45.77 9.08 11.37
N LEU A 104 45.27 10.23 11.80
CA LEU A 104 44.35 11.02 10.97
C LEU A 104 44.87 12.42 10.66
N ILE A 105 44.52 12.92 9.47
CA ILE A 105 44.70 14.33 9.16
C ILE A 105 43.53 15.08 9.78
N HIS A 106 43.83 16.00 10.69
CA HIS A 106 42.81 16.63 11.52
C HIS A 106 41.84 17.51 10.73
N TRP A 107 42.38 18.35 9.85
CA TRP A 107 41.55 19.24 9.04
C TRP A 107 42.07 19.31 7.60
N PHE A 108 41.21 19.75 6.69
CA PHE A 108 41.61 19.97 5.31
C PHE A 108 42.26 21.34 5.15
N LYS A 109 43.46 21.37 4.58
CA LYS A 109 44.20 22.61 4.40
C LYS A 109 44.75 22.73 2.98
N GLY A 110 43.91 22.40 2.00
CA GLY A 110 44.33 22.41 0.62
C GLY A 110 44.67 21.01 0.13
N TYR A 111 44.47 20.77 -1.16
CA TYR A 111 44.72 19.44 -1.74
C TYR A 111 46.19 19.05 -1.66
N ASP A 112 47.07 19.98 -2.02
CA ASP A 112 48.49 19.72 -2.03
C ASP A 112 49.02 19.40 -0.64
N ASN A 113 48.55 20.15 0.36
CA ASN A 113 48.91 19.88 1.74
C ASN A 113 48.36 18.56 2.22
N ALA A 114 47.20 18.19 1.72
CA ALA A 114 46.57 16.93 2.08
C ALA A 114 47.36 15.74 1.53
N LEU A 115 47.70 15.82 0.24
CA LEU A 115 48.42 14.73 -0.43
C LEU A 115 49.85 14.60 0.09
N SER A 116 50.51 15.73 0.31
CA SER A 116 51.88 15.75 0.82
C SER A 116 51.93 15.15 2.22
N THR A 117 50.94 15.48 3.02
CA THR A 117 50.79 14.91 4.35
C THR A 117 50.49 13.42 4.32
N TYR A 118 49.60 13.04 3.40
CA TYR A 118 49.16 11.66 3.31
C TYR A 118 50.27 10.75 2.78
N ARG A 119 51.11 11.30 1.91
CA ARG A 119 52.27 10.57 1.41
C ARG A 119 53.18 10.18 2.57
N ALA A 120 53.26 11.05 3.57
CA ALA A 120 54.01 10.76 4.78
C ALA A 120 53.31 9.68 5.61
N PHE A 121 51.98 9.76 5.64
CA PHE A 121 51.18 8.73 6.29
C PHE A 121 51.45 7.37 5.64
N GLU A 122 51.51 7.37 4.31
CA GLU A 122 51.73 6.16 3.54
C GLU A 122 53.11 5.56 3.80
N THR A 123 54.11 6.42 3.96
CA THR A 123 55.46 5.98 4.28
C THR A 123 55.48 5.31 5.66
N LEU A 124 54.79 5.92 6.61
CA LEU A 124 54.71 5.38 7.96
C LEU A 124 53.94 4.06 7.98
N TYR A 125 52.93 3.95 7.13
CA TYR A 125 52.14 2.73 7.04
C TYR A 125 52.96 1.58 6.49
N GLU A 126 53.78 1.89 5.49
CA GLU A 126 54.66 0.90 4.89
C GLU A 126 55.74 0.47 5.87
N GLU A 127 56.13 1.38 6.75
CA GLU A 127 57.17 1.10 7.74
C GLU A 127 56.59 0.42 8.99
N GLY A 128 55.27 0.24 9.00
CA GLY A 128 54.61 -0.48 10.08
C GLY A 128 54.46 0.31 11.36
N LYS A 129 54.57 1.63 11.26
CA LYS A 129 54.43 2.49 12.44
C LYS A 129 52.98 2.89 12.67
N VAL A 130 52.16 2.83 11.62
CA VAL A 130 50.72 3.00 11.76
C VAL A 130 49.98 1.82 11.14
N LYS A 131 48.98 1.33 11.87
CA LYS A 131 48.23 0.15 11.44
C LYS A 131 47.06 0.55 10.54
N ALA A 132 46.70 1.83 10.58
CA ALA A 132 45.62 2.36 9.75
C ALA A 132 45.77 3.86 9.57
N ILE A 133 45.50 4.34 8.35
CA ILE A 133 45.59 5.76 8.05
C ILE A 133 44.28 6.28 7.50
N GLY A 134 43.95 7.52 7.86
CA GLY A 134 42.72 8.13 7.40
C GLY A 134 42.74 9.64 7.55
N VAL A 135 41.55 10.25 7.50
CA VAL A 135 41.43 11.70 7.64
C VAL A 135 40.34 12.09 8.63
N SER A 136 40.21 13.40 8.84
CA SER A 136 39.16 13.95 9.70
C SER A 136 38.71 15.29 9.15
N ASN A 137 37.42 15.58 9.29
CA ASN A 137 36.82 16.81 8.77
C ASN A 137 37.04 16.97 7.27
N PHE A 138 37.05 15.85 6.55
CA PHE A 138 37.14 15.88 5.10
C PHE A 138 35.76 15.72 4.47
N ASN A 139 35.42 16.63 3.57
CA ASN A 139 34.15 16.54 2.85
C ASN A 139 34.33 15.64 1.63
N VAL A 140 33.27 15.55 0.81
CA VAL A 140 33.27 14.62 -0.32
C VAL A 140 34.37 14.92 -1.34
N HIS A 141 34.48 16.18 -1.78
CA HIS A 141 35.46 16.52 -2.81
C HIS A 141 36.89 16.41 -2.29
N HIS A 142 37.06 16.51 -0.98
CA HIS A 142 38.36 16.29 -0.36
C HIS A 142 38.71 14.80 -0.44
N LEU A 143 37.71 13.96 -0.21
CA LEU A 143 37.91 12.51 -0.26
C LEU A 143 38.15 12.05 -1.69
N MET A 144 37.45 12.64 -2.65
CA MET A 144 37.60 12.30 -4.06
C MET A 144 39.04 12.50 -4.51
N TYR A 145 39.68 13.53 -3.99
CA TYR A 145 41.06 13.84 -4.33
C TYR A 145 42.01 12.77 -3.79
N LEU A 146 41.81 12.40 -2.55
CA LEU A 146 42.57 11.34 -1.94
C LEU A 146 42.33 9.94 -2.57
N MET A 147 41.08 9.61 -2.91
CA MET A 147 40.74 8.38 -3.59
C MET A 147 41.46 8.28 -4.93
N GLU A 148 41.59 9.42 -5.60
CA GLU A 148 42.23 9.48 -6.90
C GLU A 148 43.75 9.38 -6.81
N ASN A 149 44.34 10.05 -5.82
CA ASN A 149 45.79 10.23 -5.79
C ASN A 149 46.56 9.37 -4.78
N ALA A 150 45.86 8.84 -3.78
CA ALA A 150 46.53 7.99 -2.79
C ALA A 150 46.90 6.64 -3.38
N LYS A 151 47.96 6.04 -2.85
CA LYS A 151 48.37 4.70 -3.27
C LYS A 151 47.89 3.70 -2.22
N ILE A 152 47.61 4.22 -1.03
CA ILE A 152 46.96 3.45 0.02
C ILE A 152 45.70 4.20 0.44
N PRO A 153 44.54 3.81 -0.12
CA PRO A 153 43.25 4.49 0.05
C PRO A 153 42.88 4.74 1.52
N PRO A 154 42.27 5.90 1.79
CA PRO A 154 41.80 6.29 3.13
C PRO A 154 40.92 5.23 3.77
N MET A 155 41.09 5.03 5.07
CA MET A 155 40.39 3.96 5.76
C MET A 155 39.33 4.51 6.71
N VAL A 156 39.57 5.72 7.24
CA VAL A 156 38.68 6.33 8.21
C VAL A 156 38.48 7.83 7.94
N ASN A 157 37.23 8.28 8.04
CA ASN A 157 36.94 9.71 7.99
C ASN A 157 36.16 10.13 9.23
N GLN A 158 36.86 10.77 10.17
CA GLN A 158 36.23 11.21 11.42
C GLN A 158 35.61 12.60 11.27
N VAL A 159 34.29 12.66 11.30
CA VAL A 159 33.57 13.92 11.13
C VAL A 159 32.48 14.10 12.19
N GLU A 160 32.08 15.34 12.41
CA GLU A 160 30.99 15.67 13.31
C GLU A 160 29.69 15.00 12.84
N THR A 161 29.19 14.07 13.66
CA THR A 161 27.97 13.35 13.31
C THR A 161 27.14 13.06 14.54
N HIS A 162 25.89 13.54 14.53
CA HIS A 162 24.95 13.30 15.61
C HIS A 162 23.53 13.37 15.08
N VAL A 163 22.56 13.32 15.99
CA VAL A 163 21.16 13.19 15.60
C VAL A 163 20.59 14.44 14.90
N THR A 164 21.27 15.57 15.03
CA THR A 164 20.83 16.79 14.35
C THR A 164 21.65 17.05 13.09
N LEU A 165 22.79 16.36 12.98
CA LEU A 165 23.61 16.42 11.76
C LEU A 165 24.02 15.00 11.39
N GLN A 166 23.12 14.30 10.69
CA GLN A 166 23.24 12.85 10.53
C GLN A 166 24.15 12.43 9.37
N ASN A 167 24.41 13.35 8.45
CA ASN A 167 25.39 13.13 7.37
C ASN A 167 25.16 11.86 6.55
N HIS A 168 23.92 11.62 6.13
CA HIS A 168 23.60 10.42 5.36
C HIS A 168 24.26 10.42 3.99
N PHE A 169 24.42 11.60 3.41
CA PHE A 169 25.05 11.73 2.09
C PHE A 169 26.52 11.37 2.17
N LEU A 170 27.22 11.99 3.11
CA LEU A 170 28.65 11.74 3.31
C LEU A 170 28.89 10.29 3.73
N HIS A 171 28.00 9.77 4.56
CA HIS A 171 28.09 8.38 5.01
C HIS A 171 27.99 7.41 3.83
N ASP A 172 27.01 7.64 2.97
CA ASP A 172 26.81 6.80 1.79
C ASP A 172 28.03 6.86 0.87
N TYR A 173 28.57 8.05 0.68
CA TYR A 173 29.76 8.21 -0.16
C TYR A 173 30.93 7.39 0.39
N CYS A 174 31.18 7.53 1.68
CA CYS A 174 32.27 6.81 2.33
C CYS A 174 32.10 5.30 2.19
N LYS A 175 30.89 4.82 2.43
CA LYS A 175 30.60 3.39 2.33
C LYS A 175 30.80 2.87 0.91
N LYS A 176 30.49 3.70 -0.08
CA LYS A 176 30.70 3.33 -1.47
C LYS A 176 32.19 3.26 -1.80
N ASN A 177 32.98 4.05 -1.09
CA ASN A 177 34.42 4.10 -1.32
C ASN A 177 35.22 3.42 -0.21
N ASN A 178 34.54 2.54 0.52
CA ASN A 178 35.18 1.72 1.56
C ASN A 178 35.90 2.53 2.62
N ILE A 179 35.29 3.63 3.02
CA ILE A 179 35.83 4.48 4.08
C ILE A 179 34.96 4.38 5.32
N GLN A 180 35.56 4.01 6.45
CA GLN A 180 34.82 3.90 7.70
C GLN A 180 34.57 5.29 8.29
N LEU A 181 33.31 5.72 8.28
CA LEU A 181 32.95 7.00 8.87
C LEU A 181 32.99 6.90 10.39
N GLU A 182 33.66 7.86 11.01
CA GLU A 182 33.75 7.92 12.46
C GLU A 182 33.10 9.20 12.97
N ALA A 183 32.30 9.08 14.01
CA ALA A 183 31.53 10.22 14.52
C ALA A 183 32.15 10.81 15.77
N TYR A 184 32.58 12.06 15.70
CA TYR A 184 32.96 12.79 16.90
C TYR A 184 31.83 13.76 17.23
N ALA A 185 31.85 14.31 18.44
CA ALA A 185 30.73 15.05 18.99
C ALA A 185 29.40 14.30 18.84
N PRO A 186 29.34 13.04 19.28
CA PRO A 186 28.09 12.29 19.09
C PRO A 186 26.99 12.78 20.04
N LEU A 187 27.39 13.46 21.10
CA LEU A 187 26.43 14.02 22.05
C LEU A 187 26.29 15.52 21.82
N MET A 188 26.61 15.95 20.60
CA MET A 188 26.52 17.34 20.17
C MET A 188 27.41 18.29 20.98
N SER A 189 28.44 17.72 21.61
CA SER A 189 29.46 18.49 22.33
C SER A 189 28.89 19.53 23.29
N HIS A 190 29.38 20.76 23.18
CA HIS A 190 28.96 21.85 24.06
C HIS A 190 27.50 22.23 23.84
N GLN A 191 26.94 21.77 22.72
CA GLN A 191 25.51 21.93 22.46
C GLN A 191 24.75 20.73 23.00
N ILE A 192 25.18 20.25 24.16
CA ILE A 192 24.60 19.08 24.81
C ILE A 192 23.10 19.27 25.10
N LYS A 193 22.66 20.52 25.18
CA LYS A 193 21.29 20.83 25.60
C LYS A 193 20.23 20.44 24.59
N ASP A 194 20.47 20.72 23.31
CA ASP A 194 19.50 20.39 22.27
C ASP A 194 19.18 18.90 22.24
N LEU A 195 20.18 18.08 22.54
CA LEU A 195 20.03 16.63 22.54
C LEU A 195 19.23 16.17 23.76
N LEU A 196 19.58 16.68 24.93
CA LEU A 196 18.92 16.29 26.17
C LEU A 196 17.49 16.81 26.24
N SER A 197 17.21 17.87 25.49
CA SER A 197 15.89 18.48 25.49
C SER A 197 15.00 17.91 24.38
N ASN A 198 15.60 17.11 23.51
CA ASN A 198 14.88 16.55 22.37
C ASN A 198 13.76 15.62 22.79
N GLU A 199 12.53 15.95 22.42
CA GLU A 199 11.36 15.17 22.78
C GLU A 199 11.42 13.75 22.24
N THR A 200 11.82 13.63 20.97
CA THR A 200 11.90 12.32 20.33
C THR A 200 12.95 11.45 21.00
N MET A 201 14.12 12.02 21.24
CA MET A 201 15.19 11.31 21.93
C MET A 201 14.78 10.92 23.35
N ALA A 202 14.03 11.81 24.00
CA ALA A 202 13.59 11.58 25.37
C ALA A 202 12.54 10.48 25.45
N LYS A 203 11.68 10.41 24.43
CA LYS A 203 10.63 9.41 24.41
C LYS A 203 11.22 8.01 24.24
N ILE A 204 12.00 7.81 23.18
CA ILE A 204 12.45 6.48 22.83
C ILE A 204 13.39 5.94 23.91
N ALA A 205 13.90 6.83 24.75
CA ALA A 205 14.70 6.45 25.91
C ALA A 205 13.82 5.76 26.95
N LYS A 206 12.53 6.07 26.94
CA LYS A 206 11.57 5.40 27.82
C LYS A 206 11.42 3.92 27.43
N LYS A 207 11.60 3.66 26.14
CA LYS A 207 11.28 2.36 25.57
C LYS A 207 12.31 1.31 25.93
N HIS A 208 13.56 1.74 26.10
CA HIS A 208 14.65 0.82 26.36
C HIS A 208 15.27 1.06 27.74
N ASP A 209 14.62 1.90 28.54
CA ASP A 209 15.08 2.22 29.89
C ASP A 209 16.52 2.71 29.89
N LYS A 210 16.84 3.57 28.92
CA LYS A 210 18.18 4.11 28.79
C LYS A 210 18.19 5.61 28.97
N THR A 211 19.38 6.19 28.94
CA THR A 211 19.50 7.65 28.96
C THR A 211 19.56 8.16 27.53
N ILE A 212 19.27 9.44 27.35
CA ILE A 212 19.32 10.05 26.02
C ILE A 212 20.69 9.92 25.33
N PRO A 213 21.80 10.14 26.06
CA PRO A 213 23.09 9.92 25.39
C PRO A 213 23.30 8.48 24.92
N GLN A 214 22.98 7.51 25.79
CA GLN A 214 23.11 6.09 25.45
C GLN A 214 22.37 5.77 24.16
N ILE A 215 21.27 6.48 23.95
CA ILE A 215 20.47 6.34 22.73
C ILE A 215 21.21 6.83 21.50
N ALA A 216 21.65 8.09 21.54
CA ALA A 216 22.34 8.71 20.42
C ALA A 216 23.57 7.91 20.02
N ILE A 217 24.21 7.31 21.01
CA ILE A 217 25.37 6.45 20.78
C ILE A 217 24.96 5.18 20.07
N ARG A 218 23.92 4.52 20.56
CA ARG A 218 23.43 3.27 19.97
C ARG A 218 22.96 3.48 18.54
N TRP A 219 22.32 4.61 18.29
CA TRP A 219 21.83 4.94 16.96
C TRP A 219 22.97 4.97 15.94
N LEU A 220 24.12 5.49 16.37
CA LEU A 220 25.32 5.48 15.53
C LEU A 220 25.85 4.06 15.37
N ILE A 221 25.78 3.28 16.45
CA ILE A 221 26.18 1.88 16.42
C ILE A 221 25.35 1.11 15.40
N GLU A 222 24.05 1.38 15.39
CA GLU A 222 23.13 0.72 14.47
C GLU A 222 23.46 1.04 13.02
N ARG A 223 23.98 2.24 12.80
CA ARG A 223 24.35 2.69 11.45
C ARG A 223 25.77 2.24 11.07
N GLU A 224 26.34 1.34 11.87
CA GLU A 224 27.70 0.84 11.66
C GLU A 224 28.72 1.97 11.60
N ILE A 225 28.53 2.98 12.46
CA ILE A 225 29.44 4.11 12.53
C ILE A 225 30.23 4.09 13.84
N VAL A 226 31.54 4.23 13.73
CA VAL A 226 32.40 4.30 14.90
C VAL A 226 32.12 5.58 15.70
N VAL A 227 31.88 5.43 16.99
CA VAL A 227 31.49 6.56 17.84
C VAL A 227 32.49 6.76 18.99
N ILE A 228 32.83 8.01 19.24
CA ILE A 228 33.78 8.34 20.31
C ILE A 228 33.31 9.50 21.18
N PRO A 229 32.40 9.22 22.12
CA PRO A 229 31.91 10.26 23.04
C PRO A 229 32.98 10.74 24.01
N LYS A 230 33.12 12.05 24.14
CA LYS A 230 34.11 12.64 25.05
C LYS A 230 33.52 12.85 26.44
N SER A 231 34.32 12.58 27.46
CA SER A 231 33.89 12.75 28.85
C SER A 231 35.06 12.63 29.82
N ILE A 232 34.95 13.31 30.96
CA ILE A 232 35.92 13.17 32.04
C ILE A 232 35.22 12.76 33.33
N THR A 233 33.91 12.59 33.24
CA THR A 233 33.12 12.14 34.39
C THR A 233 32.93 10.63 34.34
N PRO A 234 33.60 9.91 35.26
CA PRO A 234 33.65 8.45 35.32
C PRO A 234 32.30 7.76 35.16
N GLU A 235 31.26 8.31 35.79
CA GLU A 235 29.93 7.72 35.72
C GLU A 235 29.39 7.71 34.29
N ARG A 236 29.42 8.87 33.64
CA ARG A 236 28.89 8.99 32.28
C ARG A 236 29.74 8.20 31.29
N ILE A 237 31.01 8.01 31.62
CA ILE A 237 31.89 7.18 30.81
C ILE A 237 31.39 5.74 30.78
N VAL A 238 30.95 5.26 31.94
CA VAL A 238 30.40 3.92 32.06
C VAL A 238 29.04 3.83 31.36
N GLN A 239 28.22 4.87 31.54
CA GLN A 239 26.91 4.93 30.91
C GLN A 239 27.04 4.94 29.39
N ASN A 240 27.96 5.73 28.88
CA ASN A 240 28.19 5.83 27.44
C ASN A 240 28.68 4.52 26.84
N PHE A 241 29.19 3.64 27.69
CA PHE A 241 29.68 2.34 27.24
C PHE A 241 28.60 1.27 27.33
N ASP A 242 27.69 1.42 28.30
CA ASP A 242 26.58 0.50 28.46
C ASP A 242 25.60 0.66 27.30
N VAL A 243 25.98 0.14 26.14
CA VAL A 243 25.24 0.37 24.91
C VAL A 243 25.19 -0.90 24.06
N PHE A 244 25.57 -2.02 24.67
CA PHE A 244 25.61 -3.30 23.97
C PHE A 244 24.70 -4.33 24.61
N ASP A 245 23.68 -3.87 25.34
CA ASP A 245 22.75 -4.76 26.00
C ASP A 245 21.32 -4.53 25.48
N PHE A 246 21.20 -3.75 24.43
CA PHE A 246 19.90 -3.50 23.82
C PHE A 246 20.05 -3.12 22.34
N THR A 247 18.91 -2.99 21.66
CA THR A 247 18.90 -2.69 20.23
C THR A 247 17.83 -1.66 19.89
N LEU A 248 17.92 -1.10 18.69
CA LEU A 248 16.93 -0.15 18.22
C LEU A 248 16.20 -0.69 16.99
N ASP A 249 14.88 -0.76 17.06
CA ASP A 249 14.09 -1.32 15.97
C ASP A 249 13.90 -0.32 14.83
N GLU A 250 13.21 -0.75 13.78
CA GLU A 250 13.02 0.06 12.59
C GLU A 250 12.29 1.37 12.87
N GLU A 251 11.23 1.31 13.65
CA GLU A 251 10.42 2.50 13.93
C GLU A 251 11.20 3.50 14.79
N ASP A 252 12.11 2.99 15.60
CA ASP A 252 13.00 3.86 16.39
C ASP A 252 13.92 4.62 15.46
N MET A 253 14.57 3.89 14.55
CA MET A 253 15.51 4.47 13.61
C MET A 253 14.85 5.52 12.71
N LYS A 254 13.62 5.24 12.30
CA LYS A 254 12.89 6.18 11.45
C LYS A 254 12.40 7.37 12.27
N SER A 255 12.26 7.18 13.57
CA SER A 255 11.87 8.26 14.47
C SER A 255 13.07 9.17 14.77
N ILE A 256 14.24 8.55 14.86
CA ILE A 256 15.49 9.30 15.07
C ILE A 256 15.88 10.03 13.79
N ARG A 257 15.48 9.47 12.65
CA ARG A 257 15.81 10.05 11.35
C ARG A 257 15.25 11.47 11.19
N SER A 258 14.07 11.71 11.74
CA SER A 258 13.38 12.97 11.56
C SER A 258 13.97 14.12 12.38
N VAL A 259 14.74 13.79 13.41
CA VAL A 259 15.28 14.82 14.30
C VAL A 259 16.53 15.48 13.71
N ASN A 260 16.86 15.11 12.47
CA ASN A 260 17.93 15.77 11.74
C ASN A 260 17.53 17.19 11.34
N THR A 261 18.40 18.15 11.63
CA THR A 261 18.13 19.54 11.29
C THR A 261 19.13 20.06 10.26
N GLY A 262 20.34 19.52 10.31
CA GLY A 262 21.38 19.93 9.38
C GLY A 262 22.19 21.11 9.89
N LYS A 263 21.98 21.46 11.15
CA LYS A 263 22.73 22.55 11.78
C LYS A 263 24.08 22.05 12.24
N LYS A 264 25.11 22.31 11.44
CA LYS A 264 26.47 21.89 11.75
C LYS A 264 27.06 22.76 12.85
N ILE A 265 27.62 22.12 13.87
CA ILE A 265 28.15 22.84 15.02
C ILE A 265 29.55 23.39 14.77
N PHE A 266 30.43 22.54 14.25
CA PHE A 266 31.85 22.91 14.12
C PHE A 266 32.18 23.52 12.76
N THR A 267 33.42 24.00 12.65
CA THR A 267 33.90 24.75 11.49
C THR A 267 33.58 24.08 10.16
N GLU A 268 33.10 24.88 9.21
CA GLU A 268 32.78 24.39 7.87
C GLU A 268 34.05 23.85 7.20
N PHE A 269 33.89 22.76 6.46
CA PHE A 269 35.01 21.99 5.90
C PHE A 269 36.05 22.84 5.16
N ASP A 270 35.59 23.87 4.45
CA ASP A 270 36.48 24.64 3.58
C ASP A 270 36.72 26.07 4.07
N ASN A 271 36.55 26.30 5.36
CA ASN A 271 36.78 27.63 5.94
C ASN A 271 37.66 27.58 7.18
N VAL A 272 38.70 26.75 7.13
CA VAL A 272 39.62 26.61 8.26
C VAL A 272 40.89 27.42 8.07
N ASP A 273 41.03 28.48 8.86
CA ASP A 273 42.22 29.33 8.79
C ASP A 273 43.25 28.94 9.83
N TYR A 274 42.80 28.28 10.90
CA TYR A 274 43.70 27.85 11.96
C TYR A 274 44.40 26.53 11.60
N HIS B 2 27.43 49.36 -10.94
CA HIS B 2 28.44 48.32 -11.10
C HIS B 2 27.81 47.04 -11.66
N SER B 3 28.35 46.56 -12.78
CA SER B 3 27.86 45.36 -13.43
C SER B 3 28.90 44.26 -13.42
N VAL B 4 28.45 43.02 -13.61
CA VAL B 4 29.35 41.87 -13.68
C VAL B 4 28.91 40.93 -14.79
N LYS B 5 29.87 40.42 -15.55
CA LYS B 5 29.60 39.60 -16.72
C LYS B 5 29.54 38.12 -16.39
N LEU B 6 28.43 37.47 -16.75
CA LEU B 6 28.31 36.03 -16.59
C LEU B 6 28.95 35.32 -17.79
N ASN B 7 29.11 34.02 -17.70
CA ASN B 7 29.78 33.27 -18.77
C ASN B 7 28.95 33.20 -20.04
N ASN B 8 27.68 33.58 -19.95
CA ASN B 8 26.84 33.72 -21.12
C ASN B 8 26.82 35.19 -21.58
N ASN B 9 27.79 35.94 -21.08
CA ASN B 9 27.97 37.35 -21.42
C ASN B 9 26.77 38.22 -21.08
N TYR B 10 25.97 37.78 -20.12
CA TYR B 10 24.82 38.56 -19.65
C TYR B 10 25.21 39.31 -18.39
N GLU B 11 24.92 40.61 -18.35
CA GLU B 11 25.35 41.44 -17.22
C GLU B 11 24.39 41.34 -16.05
N MET B 12 24.94 41.36 -14.84
CA MET B 12 24.15 41.20 -13.62
C MET B 12 24.61 42.20 -12.56
N PRO B 13 23.67 43.02 -12.05
CA PRO B 13 23.95 44.01 -11.01
C PRO B 13 24.58 43.37 -9.77
N ILE B 14 25.75 43.85 -9.38
CA ILE B 14 26.51 43.26 -8.28
C ILE B 14 25.80 43.49 -6.94
N ILE B 15 24.92 44.47 -6.90
CA ILE B 15 24.11 44.73 -5.71
C ILE B 15 22.65 44.48 -6.03
N GLY B 16 21.94 43.89 -5.08
CA GLY B 16 20.52 43.60 -5.26
C GLY B 16 19.75 43.53 -3.96
N LEU B 17 18.44 43.68 -4.05
CA LEU B 17 17.57 43.54 -2.90
C LEU B 17 17.14 42.09 -2.70
N GLY B 18 17.31 41.57 -1.49
CA GLY B 18 16.80 40.25 -1.14
C GLY B 18 15.38 40.37 -0.59
N THR B 19 14.69 39.27 -0.54
CA THR B 19 13.37 39.29 -0.05
C THR B 19 13.19 38.10 0.86
N PHE B 20 12.18 38.16 1.69
CA PHE B 20 12.01 37.22 2.77
C PHE B 20 10.53 36.90 2.83
N ARG B 21 10.17 35.84 3.52
CA ARG B 21 8.79 35.57 3.84
C ARG B 21 8.36 36.63 4.83
N LYS B 24 2.81 40.72 5.52
CA LYS B 24 2.33 40.96 4.17
C LYS B 24 2.36 42.44 3.79
N ASN B 25 2.57 42.70 2.51
CA ASN B 25 2.76 44.04 2.03
C ASN B 25 4.16 44.52 2.34
N ASP B 26 4.82 43.93 3.32
CA ASP B 26 6.20 44.31 3.56
C ASP B 26 7.08 44.12 2.31
N ALA B 27 6.81 43.05 1.57
CA ALA B 27 7.56 42.76 0.35
C ALA B 27 7.39 43.88 -0.66
N TYR B 28 6.17 44.41 -0.73
CA TYR B 28 5.86 45.52 -1.62
C TYR B 28 6.56 46.79 -1.17
N ASN B 29 6.67 46.96 0.15
CA ASN B 29 7.37 48.10 0.74
C ASN B 29 8.84 48.14 0.31
N ALA B 30 9.51 46.99 0.41
CA ALA B 30 10.94 46.92 0.19
C ALA B 30 11.33 47.12 -1.27
N VAL B 31 10.68 46.38 -2.17
CA VAL B 31 11.03 46.43 -3.59
C VAL B 31 10.81 47.82 -4.17
N LYS B 32 9.65 48.40 -3.92
CA LYS B 32 9.31 49.73 -4.43
C LYS B 32 10.27 50.78 -3.90
N ALA B 33 10.63 50.68 -2.63
CA ALA B 33 11.58 51.60 -2.03
C ALA B 33 12.97 51.40 -2.60
N ALA B 34 13.29 50.16 -2.94
CA ALA B 34 14.60 49.81 -3.47
C ALA B 34 14.76 50.28 -4.92
N LEU B 35 13.72 50.09 -5.72
CA LEU B 35 13.77 50.44 -7.13
C LEU B 35 13.94 51.94 -7.34
N GLU B 36 13.34 52.73 -6.46
CA GLU B 36 13.46 54.18 -6.52
C GLU B 36 14.74 54.65 -5.82
N GLY B 37 15.40 53.73 -5.14
CA GLY B 37 16.64 54.06 -4.44
C GLY B 37 17.86 53.86 -5.31
N GLY B 38 17.69 53.07 -6.38
CA GLY B 38 18.76 52.84 -7.32
C GLY B 38 18.93 51.38 -7.71
N TYR B 39 18.30 50.49 -6.96
CA TYR B 39 18.41 49.05 -7.21
C TYR B 39 17.95 48.67 -8.61
N ARG B 40 18.69 47.77 -9.25
CA ARG B 40 18.29 47.21 -10.54
C ARG B 40 18.13 45.70 -10.41
N HIS B 41 18.26 45.19 -9.19
CA HIS B 41 18.32 43.76 -8.95
C HIS B 41 17.43 43.34 -7.79
N ILE B 42 16.47 42.47 -8.06
CA ILE B 42 15.56 41.96 -7.05
C ILE B 42 15.65 40.43 -6.96
N ASP B 43 15.91 39.91 -5.78
CA ASP B 43 16.07 38.47 -5.59
C ASP B 43 14.95 37.89 -4.72
N THR B 44 14.19 36.96 -5.27
CA THR B 44 13.11 36.31 -4.53
C THR B 44 13.13 34.80 -4.73
N ALA B 45 12.09 34.12 -4.28
CA ALA B 45 11.90 32.69 -4.53
C ALA B 45 10.47 32.28 -4.24
N MET B 46 10.04 31.15 -4.76
CA MET B 46 8.70 30.68 -4.54
C MET B 46 8.45 30.40 -3.09
N ILE B 47 9.45 29.87 -2.42
CA ILE B 47 9.31 29.47 -1.05
C ILE B 47 8.96 30.68 -0.14
N TYR B 48 9.47 31.85 -0.53
CA TYR B 48 9.28 33.09 0.21
C TYR B 48 7.79 33.45 0.27
N GLY B 49 7.09 33.23 -0.83
CA GLY B 49 5.67 33.50 -0.90
C GLY B 49 5.37 34.97 -1.14
N ASN B 50 6.34 35.70 -1.67
CA ASN B 50 6.17 37.13 -1.93
C ASN B 50 6.28 37.48 -3.41
N GLU B 51 6.39 36.45 -4.26
CA GLU B 51 6.48 36.64 -5.70
C GLU B 51 5.29 37.45 -6.21
N GLU B 52 4.13 37.22 -5.60
CA GLU B 52 2.93 37.97 -5.89
C GLU B 52 3.14 39.46 -5.64
N GLU B 53 3.66 39.78 -4.46
CA GLU B 53 4.00 41.15 -4.09
C GLU B 53 5.14 41.69 -4.91
N VAL B 54 6.16 40.87 -5.11
CA VAL B 54 7.39 41.37 -5.66
C VAL B 54 7.14 41.93 -7.04
N GLY B 55 6.33 41.25 -7.81
CA GLY B 55 6.06 41.67 -9.17
C GLY B 55 5.33 42.99 -9.35
N ARG B 56 4.36 43.25 -8.49
CA ARG B 56 3.55 44.44 -8.57
C ARG B 56 4.44 45.64 -8.37
N ALA B 57 5.38 45.49 -7.45
CA ALA B 57 6.32 46.53 -7.07
C ALA B 57 7.28 46.81 -8.21
N ILE B 58 7.27 45.95 -9.23
CA ILE B 58 8.14 46.12 -10.36
C ILE B 58 7.36 46.86 -11.44
N LYS B 59 6.04 46.80 -11.35
CA LYS B 59 5.24 47.67 -12.23
C LYS B 59 5.03 49.10 -11.68
N ASP B 60 4.48 49.18 -10.49
CA ASP B 60 3.90 50.41 -9.97
C ASP B 60 4.78 51.66 -10.19
N SER B 61 6.09 51.46 -10.27
CA SER B 61 6.98 52.56 -10.60
C SER B 61 7.73 52.22 -11.89
N ASN B 62 7.35 52.89 -12.98
CA ASN B 62 7.77 52.48 -14.30
C ASN B 62 9.26 52.68 -14.60
N ILE B 63 10.07 51.77 -14.09
CA ILE B 63 11.40 51.55 -14.64
C ILE B 63 11.26 50.35 -15.56
N PRO B 64 11.49 50.56 -16.87
CA PRO B 64 11.25 49.54 -17.89
C PRO B 64 11.86 48.18 -17.53
N ARG B 65 11.14 47.11 -17.85
CA ARG B 65 11.47 45.76 -17.42
C ARG B 65 12.90 45.33 -17.74
N GLU B 66 13.38 45.70 -18.93
CA GLU B 66 14.69 45.24 -19.38
C GLU B 66 15.85 45.99 -18.69
N GLU B 67 15.52 46.82 -17.72
CA GLU B 67 16.54 47.52 -16.95
C GLU B 67 16.70 46.95 -15.55
N ILE B 68 15.88 45.94 -15.24
CA ILE B 68 15.86 45.39 -13.89
C ILE B 68 16.08 43.88 -13.88
N PHE B 69 17.04 43.45 -13.06
CA PHE B 69 17.39 42.04 -12.93
C PHE B 69 16.50 41.34 -11.90
N VAL B 70 15.78 40.33 -12.35
CA VAL B 70 14.88 39.59 -11.47
C VAL B 70 15.35 38.15 -11.27
N THR B 71 15.47 37.75 -10.01
CA THR B 71 15.92 36.39 -9.68
C THR B 71 14.91 35.67 -8.79
N THR B 72 14.57 34.45 -9.17
CA THR B 72 13.71 33.60 -8.35
C THR B 72 14.21 32.17 -8.39
N LYS B 73 13.79 31.35 -7.44
CA LYS B 73 14.34 30.00 -7.30
C LYS B 73 13.29 28.90 -7.32
N LEU B 74 13.71 27.70 -7.70
CA LEU B 74 12.85 26.53 -7.66
C LEU B 74 12.99 25.79 -6.33
N TRP B 75 11.87 25.57 -5.65
CA TRP B 75 11.91 24.94 -4.34
C TRP B 75 12.16 23.43 -4.44
N ASN B 76 12.65 22.85 -3.35
CA ASN B 76 13.06 21.45 -3.30
C ASN B 76 11.96 20.45 -3.67
N THR B 77 10.74 20.70 -3.19
CA THR B 77 9.63 19.79 -3.42
C THR B 77 9.18 19.78 -4.88
N ASP B 78 9.72 20.72 -5.66
CA ASP B 78 9.33 20.85 -7.06
C ASP B 78 10.44 20.38 -8.01
N GLN B 79 11.48 19.76 -7.46
CA GLN B 79 12.56 19.25 -8.28
C GLN B 79 12.07 18.09 -9.15
N GLY B 80 12.73 17.90 -10.28
CA GLY B 80 12.26 16.97 -11.31
C GLY B 80 11.91 17.77 -12.54
N TYR B 81 12.00 17.15 -13.71
CA TYR B 81 11.85 17.85 -14.98
C TYR B 81 10.51 18.58 -15.11
N GLU B 82 9.43 17.80 -15.22
CA GLU B 82 8.11 18.36 -15.46
C GLU B 82 7.61 19.26 -14.34
N LYS B 83 7.92 18.88 -13.10
CA LYS B 83 7.51 19.68 -11.95
C LYS B 83 8.23 21.03 -11.94
N THR B 84 9.46 21.06 -12.46
CA THR B 84 10.21 22.30 -12.55
C THR B 84 9.60 23.23 -13.60
N LEU B 85 9.12 22.64 -14.69
CA LEU B 85 8.54 23.41 -15.79
C LEU B 85 7.32 24.23 -15.35
N GLU B 86 6.49 23.65 -14.51
CA GLU B 86 5.25 24.33 -14.10
C GLU B 86 5.43 25.12 -12.80
N ALA B 87 6.39 24.70 -11.97
CA ALA B 87 6.74 25.51 -10.81
C ALA B 87 7.38 26.80 -11.29
N PHE B 88 8.02 26.75 -12.45
CA PHE B 88 8.56 27.96 -13.04
C PHE B 88 7.43 28.86 -13.55
N ASN B 89 6.49 28.26 -14.27
CA ASN B 89 5.34 29.00 -14.80
C ASN B 89 4.50 29.63 -13.69
N THR B 90 4.31 28.90 -12.60
CA THR B 90 3.62 29.43 -11.43
C THR B 90 4.38 30.62 -10.88
N SER B 91 5.69 30.45 -10.70
CA SER B 91 6.56 31.53 -10.26
C SER B 91 6.54 32.68 -11.26
N LEU B 92 6.40 32.34 -12.53
CA LEU B 92 6.37 33.33 -13.61
C LEU B 92 5.08 34.14 -13.57
N LYS B 93 3.96 33.45 -13.40
CA LYS B 93 2.66 34.10 -13.36
C LYS B 93 2.46 34.88 -12.06
N ASN B 94 3.06 34.40 -10.98
CA ASN B 94 3.01 35.10 -9.71
C ASN B 94 3.73 36.43 -9.78
N LEU B 95 4.88 36.44 -10.47
CA LEU B 95 5.67 37.66 -10.62
C LEU B 95 5.07 38.61 -11.65
N GLY B 96 4.13 38.10 -12.44
CA GLY B 96 3.47 38.91 -13.46
C GLY B 96 4.36 39.20 -14.66
N LEU B 97 5.37 38.35 -14.85
CA LEU B 97 6.30 38.48 -15.96
C LEU B 97 6.15 37.29 -16.91
N ASP B 98 6.94 37.28 -18.00
CA ASP B 98 7.11 36.07 -18.79
C ASP B 98 8.62 35.93 -19.07
N TYR B 99 9.43 36.61 -18.28
CA TYR B 99 10.85 36.29 -18.29
C TYR B 99 11.55 36.72 -17.01
N ILE B 100 12.29 35.78 -16.44
CA ILE B 100 13.01 35.97 -15.20
C ILE B 100 14.50 35.87 -15.50
N ASP B 101 15.24 36.91 -15.12
CA ASP B 101 16.65 37.04 -15.49
C ASP B 101 17.50 35.89 -14.95
N LEU B 102 17.24 35.48 -13.72
CA LEU B 102 18.01 34.39 -13.11
C LEU B 102 17.11 33.38 -12.41
N TYR B 103 17.26 32.11 -12.77
CA TYR B 103 16.52 31.04 -12.12
C TYR B 103 17.50 30.05 -11.47
N LEU B 104 17.29 29.79 -10.19
CA LEU B 104 18.25 29.00 -9.42
C LEU B 104 17.62 27.77 -8.78
N ILE B 105 18.41 26.70 -8.64
CA ILE B 105 18.02 25.57 -7.82
C ILE B 105 18.33 25.94 -6.37
N HIS B 106 17.28 26.05 -5.55
CA HIS B 106 17.42 26.61 -4.20
C HIS B 106 18.33 25.75 -3.31
N TRP B 107 18.19 24.44 -3.39
CA TRP B 107 18.99 23.54 -2.58
C TRP B 107 19.40 22.29 -3.34
N PHE B 108 20.42 21.60 -2.84
CA PHE B 108 20.86 20.34 -3.43
C PHE B 108 20.07 19.17 -2.85
N LYS B 109 19.41 18.42 -3.72
CA LYS B 109 18.55 17.33 -3.27
C LYS B 109 18.91 16.02 -3.95
N GLY B 110 20.19 15.86 -4.27
CA GLY B 110 20.66 14.67 -4.96
C GLY B 110 21.18 14.97 -6.34
N TYR B 111 22.01 14.06 -6.87
CA TYR B 111 22.60 14.25 -8.20
C TYR B 111 21.56 14.10 -9.30
N ASP B 112 20.75 13.04 -9.22
CA ASP B 112 19.70 12.81 -10.21
C ASP B 112 18.67 13.92 -10.22
N ASN B 113 18.21 14.31 -9.03
CA ASN B 113 17.23 15.38 -8.91
C ASN B 113 17.77 16.70 -9.44
N ALA B 114 19.07 16.92 -9.26
CA ALA B 114 19.71 18.14 -9.73
C ALA B 114 19.74 18.21 -11.25
N LEU B 115 20.22 17.16 -11.89
CA LEU B 115 20.32 17.11 -13.34
C LEU B 115 18.99 17.15 -14.08
N SER B 116 17.98 16.47 -13.56
CA SER B 116 16.67 16.49 -14.19
C SER B 116 16.00 17.84 -14.01
N THR B 117 16.25 18.47 -12.86
CA THR B 117 15.80 19.83 -12.61
C THR B 117 16.50 20.79 -13.55
N TYR B 118 17.83 20.68 -13.61
CA TYR B 118 18.64 21.53 -14.45
C TYR B 118 18.37 21.27 -15.93
N ARG B 119 17.87 20.07 -16.23
CA ARG B 119 17.48 19.73 -17.59
C ARG B 119 16.32 20.63 -18.02
N ALA B 120 15.40 20.87 -17.10
CA ALA B 120 14.29 21.79 -17.34
C ALA B 120 14.78 23.23 -17.41
N PHE B 121 15.80 23.54 -16.61
CA PHE B 121 16.43 24.85 -16.62
C PHE B 121 16.99 25.18 -18.00
N GLU B 122 17.55 24.16 -18.65
CA GLU B 122 18.20 24.32 -19.94
C GLU B 122 17.19 24.49 -21.08
N THR B 123 16.14 23.68 -21.06
CA THR B 123 15.10 23.77 -22.08
C THR B 123 14.38 25.11 -21.98
N LEU B 124 14.20 25.60 -20.76
CA LEU B 124 13.61 26.92 -20.55
C LEU B 124 14.57 28.01 -21.02
N TYR B 125 15.87 27.74 -20.88
CA TYR B 125 16.90 28.69 -21.29
C TYR B 125 16.91 28.87 -22.81
N GLU B 126 16.63 27.79 -23.52
CA GLU B 126 16.56 27.83 -24.97
C GLU B 126 15.31 28.60 -25.41
N GLU B 127 14.21 28.38 -24.70
CA GLU B 127 12.95 29.02 -25.03
C GLU B 127 12.99 30.53 -24.78
N GLY B 128 14.02 30.99 -24.07
CA GLY B 128 14.22 32.40 -23.83
C GLY B 128 13.44 32.91 -22.64
N LYS B 129 12.84 32.00 -21.87
CA LYS B 129 12.06 32.38 -20.71
C LYS B 129 12.97 32.82 -19.56
N VAL B 130 14.15 32.24 -19.47
CA VAL B 130 15.15 32.68 -18.51
C VAL B 130 16.37 33.22 -19.22
N LYS B 131 17.15 34.06 -18.54
CA LYS B 131 18.30 34.70 -19.16
C LYS B 131 19.60 34.14 -18.62
N ALA B 132 19.55 33.67 -17.39
CA ALA B 132 20.70 33.04 -16.76
C ALA B 132 20.23 31.93 -15.84
N ILE B 133 20.97 30.84 -15.78
CA ILE B 133 20.63 29.73 -14.91
C ILE B 133 21.81 29.39 -14.01
N GLY B 134 21.50 28.89 -12.82
CA GLY B 134 22.51 28.55 -11.85
C GLY B 134 21.91 27.81 -10.68
N VAL B 135 22.64 27.75 -9.58
CA VAL B 135 22.20 27.01 -8.41
C VAL B 135 22.34 27.82 -7.13
N SER B 136 21.89 27.25 -6.03
CA SER B 136 22.01 27.87 -4.72
C SER B 136 22.31 26.81 -3.67
N ASN B 137 23.18 27.14 -2.73
CA ASN B 137 23.62 26.21 -1.69
C ASN B 137 24.22 24.94 -2.28
N PHE B 138 24.99 25.09 -3.35
CA PHE B 138 25.70 23.98 -3.96
C PHE B 138 27.16 24.01 -3.56
N ASN B 139 27.68 22.86 -3.14
CA ASN B 139 29.09 22.76 -2.76
C ASN B 139 29.93 22.32 -3.97
N VAL B 140 31.21 22.09 -3.73
CA VAL B 140 32.15 21.77 -4.80
C VAL B 140 31.76 20.52 -5.59
N HIS B 141 31.56 19.41 -4.89
CA HIS B 141 31.21 18.15 -5.54
C HIS B 141 29.83 18.23 -6.20
N HIS B 142 28.99 19.12 -5.69
CA HIS B 142 27.70 19.38 -6.31
C HIS B 142 27.88 20.08 -7.65
N LEU B 143 28.78 21.07 -7.67
CA LEU B 143 29.06 21.83 -8.88
C LEU B 143 29.81 20.99 -9.90
N MET B 144 30.76 20.18 -9.43
CA MET B 144 31.55 19.32 -10.30
C MET B 144 30.67 18.42 -11.17
N TYR B 145 29.57 17.95 -10.60
CA TYR B 145 28.63 17.11 -11.33
C TYR B 145 27.91 17.91 -12.40
N LEU B 146 27.56 19.15 -12.06
CA LEU B 146 26.91 20.05 -13.01
C LEU B 146 27.84 20.37 -14.20
N MET B 147 29.11 20.58 -13.90
CA MET B 147 30.09 20.89 -14.93
C MET B 147 30.26 19.73 -15.91
N GLU B 148 30.26 18.52 -15.38
CA GLU B 148 30.58 17.33 -16.16
C GLU B 148 29.39 16.73 -16.91
N ASN B 149 28.20 16.91 -16.36
CA ASN B 149 27.02 16.22 -16.89
C ASN B 149 25.95 17.13 -17.49
N ALA B 150 26.18 18.44 -17.44
CA ALA B 150 25.23 19.38 -18.04
C ALA B 150 25.82 20.06 -19.27
N LYS B 151 24.94 20.51 -20.16
CA LYS B 151 25.35 21.07 -21.44
C LYS B 151 25.58 22.58 -21.35
N ILE B 152 24.67 23.28 -20.68
CA ILE B 152 24.82 24.69 -20.43
C ILE B 152 25.39 24.88 -19.02
N PRO B 153 26.70 25.20 -18.93
CA PRO B 153 27.39 25.31 -17.64
C PRO B 153 26.77 26.35 -16.71
N PRO B 154 26.61 26.00 -15.42
CA PRO B 154 26.10 26.88 -14.37
C PRO B 154 26.77 28.25 -14.37
N MET B 155 25.97 29.29 -14.14
CA MET B 155 26.47 30.65 -14.20
C MET B 155 26.54 31.28 -12.82
N VAL B 156 25.65 30.88 -11.93
CA VAL B 156 25.57 31.48 -10.59
C VAL B 156 25.47 30.40 -9.50
N ASN B 157 26.20 30.63 -8.41
CA ASN B 157 26.06 29.80 -7.21
C ASN B 157 25.81 30.69 -6.00
N GLN B 158 24.54 30.77 -5.58
CA GLN B 158 24.18 31.65 -4.47
C GLN B 158 24.30 30.93 -3.13
N VAL B 159 25.28 31.33 -2.34
CA VAL B 159 25.56 30.67 -1.06
C VAL B 159 25.75 31.66 0.08
N GLU B 160 25.56 31.17 1.31
CA GLU B 160 25.82 31.97 2.50
C GLU B 160 27.28 32.39 2.54
N THR B 161 27.52 33.69 2.46
CA THR B 161 28.88 34.22 2.46
C THR B 161 28.94 35.56 3.17
N HIS B 162 29.78 35.65 4.19
CA HIS B 162 29.95 36.88 4.95
C HIS B 162 31.32 36.90 5.63
N VAL B 163 31.54 37.88 6.50
CA VAL B 163 32.86 38.11 7.07
C VAL B 163 33.32 37.00 8.03
N THR B 164 32.38 36.20 8.53
CA THR B 164 32.74 35.09 9.40
C THR B 164 32.73 33.75 8.67
N LEU B 165 32.10 33.74 7.49
CA LEU B 165 32.15 32.58 6.59
C LEU B 165 32.49 33.07 5.19
N GLN B 166 33.77 33.34 4.96
CA GLN B 166 34.20 34.10 3.79
C GLN B 166 34.33 33.25 2.53
N ASN B 167 34.33 31.93 2.70
CA ASN B 167 34.29 30.98 1.57
C ASN B 167 35.31 31.21 0.47
N HIS B 168 36.58 31.38 0.84
CA HIS B 168 37.61 31.64 -0.15
C HIS B 168 37.89 30.43 -1.03
N PHE B 169 37.85 29.23 -0.44
CA PHE B 169 38.05 28.01 -1.21
C PHE B 169 36.96 27.83 -2.25
N LEU B 170 35.70 27.95 -1.80
CA LEU B 170 34.55 27.80 -2.68
C LEU B 170 34.52 28.91 -3.74
N HIS B 171 34.94 30.11 -3.35
CA HIS B 171 34.97 31.24 -4.26
C HIS B 171 35.98 31.02 -5.39
N ASP B 172 37.14 30.47 -5.04
CA ASP B 172 38.20 30.24 -6.01
C ASP B 172 37.84 29.12 -6.99
N TYR B 173 37.09 28.14 -6.51
CA TYR B 173 36.64 27.05 -7.37
C TYR B 173 35.66 27.59 -8.42
N CYS B 174 34.71 28.41 -7.96
CA CYS B 174 33.70 28.99 -8.85
C CYS B 174 34.35 29.87 -9.92
N LYS B 175 35.23 30.76 -9.50
CA LYS B 175 35.94 31.65 -10.42
C LYS B 175 36.69 30.86 -11.49
N LYS B 176 37.40 29.82 -11.06
CA LYS B 176 38.17 28.98 -11.97
C LYS B 176 37.28 28.30 -13.00
N ASN B 177 36.08 27.91 -12.58
CA ASN B 177 35.13 27.27 -13.47
C ASN B 177 34.09 28.26 -14.00
N ASN B 178 34.46 29.53 -14.00
CA ASN B 178 33.63 30.60 -14.54
C ASN B 178 32.22 30.65 -13.97
N ILE B 179 32.11 30.36 -12.68
CA ILE B 179 30.83 30.46 -11.97
C ILE B 179 30.81 31.71 -11.12
N GLN B 180 29.81 32.56 -11.33
CA GLN B 180 29.67 33.77 -10.54
C GLN B 180 29.09 33.46 -9.16
N LEU B 181 29.90 33.62 -8.12
CA LEU B 181 29.44 33.35 -6.77
C LEU B 181 28.59 34.50 -6.25
N GLU B 182 27.40 34.16 -5.75
CA GLU B 182 26.51 35.16 -5.18
C GLU B 182 26.32 34.91 -3.69
N ALA B 183 26.38 35.99 -2.90
CA ALA B 183 26.34 35.85 -1.45
C ALA B 183 24.99 36.26 -0.88
N TYR B 184 24.33 35.33 -0.19
CA TYR B 184 23.16 35.69 0.61
C TYR B 184 23.56 35.69 2.08
N ALA B 185 22.69 36.26 2.91
CA ALA B 185 23.01 36.56 4.31
C ALA B 185 24.36 37.29 4.44
N PRO B 186 24.54 38.41 3.71
CA PRO B 186 25.84 39.08 3.75
C PRO B 186 26.03 39.89 5.03
N LEU B 187 24.94 40.09 5.76
CA LEU B 187 25.00 40.77 7.05
C LEU B 187 24.79 39.75 8.17
N MET B 188 25.07 38.49 7.85
CA MET B 188 25.00 37.37 8.79
C MET B 188 23.61 37.13 9.35
N SER B 189 22.59 37.57 8.61
CA SER B 189 21.19 37.26 8.91
C SER B 189 20.79 37.59 10.35
N HIS B 190 20.32 36.58 11.08
CA HIS B 190 19.87 36.77 12.45
C HIS B 190 21.04 36.76 13.44
N GLN B 191 22.25 36.61 12.91
CA GLN B 191 23.45 36.68 13.73
C GLN B 191 24.20 37.97 13.44
N ILE B 192 23.46 39.01 13.08
CA ILE B 192 24.02 40.29 12.67
C ILE B 192 24.73 41.00 13.83
N LYS B 193 24.31 40.71 15.05
CA LYS B 193 24.90 41.36 16.22
C LYS B 193 26.37 40.97 16.40
N ASP B 194 26.72 39.75 15.99
CA ASP B 194 28.11 39.32 15.97
C ASP B 194 28.91 40.21 15.04
N LEU B 195 28.30 40.57 13.91
CA LEU B 195 28.92 41.47 12.95
C LEU B 195 28.97 42.90 13.48
N LEU B 196 27.84 43.37 14.01
CA LEU B 196 27.71 44.74 14.48
C LEU B 196 28.58 45.05 15.69
N SER B 197 28.94 44.02 16.46
CA SER B 197 29.74 44.20 17.66
C SER B 197 31.21 43.90 17.41
N ASN B 198 31.53 43.47 16.20
CA ASN B 198 32.90 43.14 15.83
C ASN B 198 33.80 44.38 15.84
N GLU B 199 34.91 44.30 16.57
CA GLU B 199 35.80 45.44 16.74
C GLU B 199 36.59 45.77 15.47
N THR B 200 37.00 44.74 14.73
CA THR B 200 37.73 44.94 13.49
C THR B 200 36.90 45.73 12.48
N MET B 201 35.64 45.35 12.34
CA MET B 201 34.73 46.01 11.39
C MET B 201 34.42 47.44 11.80
N ALA B 202 34.25 47.67 13.10
CA ALA B 202 33.91 48.99 13.62
C ALA B 202 35.03 49.99 13.36
N LYS B 203 36.25 49.51 13.46
CA LYS B 203 37.42 50.30 13.25
C LYS B 203 37.43 50.79 11.82
N ILE B 204 37.27 49.85 10.91
CA ILE B 204 37.29 50.12 9.48
C ILE B 204 36.09 50.98 9.08
N ALA B 205 34.99 50.82 9.82
CA ALA B 205 33.79 51.62 9.58
C ALA B 205 34.04 53.09 9.92
N LYS B 206 34.71 53.33 11.05
CA LYS B 206 35.06 54.68 11.47
C LYS B 206 36.04 55.31 10.50
N LYS B 207 36.84 54.47 9.85
CA LYS B 207 37.86 54.92 8.91
C LYS B 207 37.26 55.58 7.66
N HIS B 208 36.22 54.98 7.11
CA HIS B 208 35.66 55.44 5.85
C HIS B 208 34.36 56.23 6.01
N ASP B 209 34.04 56.61 7.25
CA ASP B 209 32.81 57.34 7.57
C ASP B 209 31.60 56.57 7.06
N LYS B 210 31.60 55.26 7.26
CA LYS B 210 30.50 54.40 6.84
C LYS B 210 30.08 53.49 7.99
N THR B 211 28.96 52.80 7.82
CA THR B 211 28.49 51.87 8.83
C THR B 211 29.10 50.50 8.61
N ILE B 212 29.14 49.68 9.66
CA ILE B 212 29.67 48.33 9.58
C ILE B 212 29.01 47.47 8.49
N PRO B 213 27.66 47.50 8.37
CA PRO B 213 27.08 46.73 7.26
C PRO B 213 27.53 47.21 5.89
N GLN B 214 27.79 48.50 5.75
CA GLN B 214 28.24 49.06 4.49
C GLN B 214 29.64 48.54 4.12
N ILE B 215 30.49 48.38 5.12
CA ILE B 215 31.82 47.81 4.90
C ILE B 215 31.69 46.34 4.52
N ALA B 216 30.84 45.62 5.25
CA ALA B 216 30.59 44.21 4.98
C ALA B 216 30.07 43.99 3.56
N ILE B 217 29.19 44.88 3.13
CA ILE B 217 28.64 44.83 1.77
C ILE B 217 29.72 45.21 0.76
N ARG B 218 30.43 46.30 1.02
CA ARG B 218 31.51 46.76 0.16
C ARG B 218 32.59 45.71 0.02
N TRP B 219 32.85 44.99 1.11
CA TRP B 219 33.86 43.96 1.16
C TRP B 219 33.61 42.87 0.11
N LEU B 220 32.36 42.49 -0.06
CA LEU B 220 31.97 41.51 -1.07
C LEU B 220 32.19 42.06 -2.47
N ILE B 221 31.88 43.35 -2.65
CA ILE B 221 32.08 44.02 -3.93
C ILE B 221 33.55 43.99 -4.33
N GLU B 222 34.43 44.21 -3.34
CA GLU B 222 35.87 44.19 -3.58
C GLU B 222 36.33 42.82 -4.07
N ARG B 223 35.64 41.78 -3.63
CA ARG B 223 35.97 40.42 -4.04
C ARG B 223 35.25 40.02 -5.32
N GLU B 224 34.59 40.99 -5.94
CA GLU B 224 33.79 40.77 -7.15
C GLU B 224 32.73 39.68 -6.91
N ILE B 225 32.02 39.81 -5.80
CA ILE B 225 30.95 38.89 -5.44
C ILE B 225 29.61 39.62 -5.39
N VAL B 226 28.61 39.09 -6.10
CA VAL B 226 27.29 39.69 -6.09
C VAL B 226 26.66 39.54 -4.71
N VAL B 227 26.19 40.66 -4.16
CA VAL B 227 25.64 40.69 -2.81
C VAL B 227 24.19 41.14 -2.81
N ILE B 228 23.35 40.42 -2.08
CA ILE B 228 21.96 40.78 -1.91
C ILE B 228 21.60 40.91 -0.43
N PRO B 229 21.94 42.06 0.17
CA PRO B 229 21.65 42.34 1.58
C PRO B 229 20.15 42.31 1.77
N LYS B 230 19.69 41.78 2.90
CA LYS B 230 18.27 41.47 3.09
C LYS B 230 17.56 42.32 4.16
N SER B 231 16.92 43.38 3.72
CA SER B 231 16.13 44.28 4.58
C SER B 231 14.72 44.67 4.06
N ILE B 232 13.79 44.94 4.97
CA ILE B 232 12.51 45.55 4.58
C ILE B 232 12.38 46.93 5.20
N THR B 233 13.20 47.24 6.19
CA THR B 233 13.27 48.56 6.77
C THR B 233 13.72 49.58 5.71
N PRO B 234 12.81 50.49 5.33
CA PRO B 234 12.95 51.42 4.21
C PRO B 234 14.33 52.08 4.05
N GLU B 235 14.85 52.71 5.09
CA GLU B 235 16.03 53.55 4.94
C GLU B 235 17.36 52.85 5.22
N ARG B 236 17.33 51.60 5.67
CA ARG B 236 18.57 50.84 5.71
C ARG B 236 18.77 50.19 4.34
N ILE B 237 17.65 49.99 3.64
CA ILE B 237 17.71 49.61 2.23
C ILE B 237 18.44 50.71 1.47
N VAL B 238 18.17 51.96 1.86
CA VAL B 238 18.91 53.11 1.36
C VAL B 238 20.40 52.98 1.60
N GLN B 239 20.76 52.71 2.86
CA GLN B 239 22.15 52.69 3.29
C GLN B 239 22.92 51.51 2.68
N ASN B 240 22.27 50.36 2.58
CA ASN B 240 22.88 49.16 2.01
C ASN B 240 23.27 49.37 0.54
N PHE B 241 22.58 50.29 -0.12
CA PHE B 241 22.85 50.57 -1.53
C PHE B 241 23.91 51.66 -1.68
N ASP B 242 24.17 52.38 -0.60
CA ASP B 242 25.13 53.48 -0.62
C ASP B 242 26.55 52.99 -0.37
N VAL B 243 27.07 52.19 -1.30
CA VAL B 243 28.41 51.63 -1.16
C VAL B 243 29.24 51.76 -2.43
N PHE B 244 29.00 52.83 -3.19
CA PHE B 244 29.72 53.06 -4.43
C PHE B 244 30.38 54.43 -4.47
N ASP B 245 30.64 55.00 -3.28
CA ASP B 245 31.26 56.31 -3.20
C ASP B 245 32.61 56.22 -2.48
N PHE B 246 32.97 55.02 -2.05
CA PHE B 246 34.24 54.80 -1.37
C PHE B 246 34.83 53.45 -1.76
N THR B 247 36.08 53.21 -1.37
CA THR B 247 36.72 51.93 -1.64
C THR B 247 37.57 51.48 -0.47
N LEU B 248 37.73 50.16 -0.34
CA LEU B 248 38.55 49.58 0.71
C LEU B 248 39.95 49.26 0.17
N ASP B 249 40.96 49.53 0.98
CA ASP B 249 42.34 49.28 0.56
C ASP B 249 42.82 47.89 1.00
N GLU B 250 44.07 47.58 0.69
CA GLU B 250 44.66 46.28 1.01
C GLU B 250 44.60 45.97 2.50
N GLU B 251 44.98 46.95 3.32
CA GLU B 251 45.00 46.80 4.76
C GLU B 251 43.61 46.45 5.31
N ASP B 252 42.58 47.06 4.72
CA ASP B 252 41.21 46.77 5.10
C ASP B 252 40.85 45.32 4.77
N MET B 253 41.15 44.91 3.55
CA MET B 253 40.89 43.55 3.11
C MET B 253 41.70 42.55 3.93
N LYS B 254 42.91 42.97 4.32
CA LYS B 254 43.78 42.15 5.17
C LYS B 254 43.17 41.96 6.55
N SER B 255 42.55 43.01 7.08
CA SER B 255 41.96 42.96 8.41
C SER B 255 40.64 42.19 8.43
N ILE B 256 39.80 42.45 7.43
CA ILE B 256 38.51 41.76 7.32
C ILE B 256 38.73 40.26 7.10
N ARG B 257 39.83 39.92 6.46
CA ARG B 257 40.19 38.53 6.20
C ARG B 257 40.24 37.69 7.47
N SER B 258 40.74 38.30 8.55
CA SER B 258 40.94 37.60 9.81
C SER B 258 39.65 37.46 10.63
N VAL B 259 38.56 38.03 10.12
CA VAL B 259 37.27 37.97 10.81
C VAL B 259 36.62 36.60 10.61
N ASN B 260 37.08 35.87 9.59
CA ASN B 260 36.55 34.55 9.27
C ASN B 260 36.69 33.55 10.41
N THR B 261 35.59 32.88 10.75
CA THR B 261 35.58 31.87 11.80
C THR B 261 35.20 30.50 11.26
N GLY B 262 34.56 30.48 10.09
CA GLY B 262 34.13 29.24 9.48
C GLY B 262 32.88 28.69 10.15
N LYS B 263 32.19 29.56 10.88
CA LYS B 263 30.98 29.16 11.59
C LYS B 263 29.75 29.41 10.73
N LYS B 264 29.36 28.40 9.97
CA LYS B 264 28.23 28.50 9.05
C LYS B 264 26.90 28.57 9.81
N ILE B 265 26.04 29.50 9.38
CA ILE B 265 24.77 29.75 10.08
C ILE B 265 23.65 28.88 9.54
N PHE B 266 23.59 28.72 8.22
CA PHE B 266 22.50 27.99 7.59
C PHE B 266 22.84 26.53 7.34
N THR B 267 21.82 25.72 7.09
CA THR B 267 21.93 24.26 7.07
C THR B 267 23.01 23.74 6.12
N GLU B 268 23.72 22.71 6.58
CA GLU B 268 24.81 22.10 5.84
C GLU B 268 24.34 21.63 4.47
N PHE B 269 25.21 21.78 3.47
CA PHE B 269 24.86 21.56 2.06
C PHE B 269 24.22 20.20 1.77
N ASP B 270 24.70 19.16 2.45
CA ASP B 270 24.24 17.80 2.17
C ASP B 270 23.30 17.25 3.23
N ASN B 271 22.82 18.11 4.11
CA ASN B 271 21.95 17.70 5.16
C ASN B 271 20.53 18.21 5.12
N VAL B 272 20.07 18.61 3.96
CA VAL B 272 18.74 19.14 3.79
C VAL B 272 17.65 18.08 3.66
N ASP B 273 16.53 18.23 4.35
CA ASP B 273 15.46 17.24 4.26
C ASP B 273 14.17 17.86 3.75
N TYR B 274 14.07 19.17 3.88
CA TYR B 274 12.89 19.89 3.40
C TYR B 274 12.99 20.17 1.91
N HIS C 2 11.96 -23.93 -26.15
CA HIS C 2 12.63 -23.23 -27.25
C HIS C 2 12.82 -21.76 -26.92
N SER C 3 13.77 -21.13 -27.59
CA SER C 3 14.08 -19.72 -27.35
C SER C 3 13.45 -18.80 -28.39
N VAL C 4 13.25 -17.54 -28.01
CA VAL C 4 12.79 -16.52 -28.93
C VAL C 4 13.98 -15.60 -29.23
N LYS C 5 13.88 -14.84 -30.32
CA LYS C 5 14.97 -13.94 -30.70
C LYS C 5 14.59 -12.48 -30.51
N LEU C 6 15.30 -11.81 -29.60
CA LEU C 6 15.10 -10.38 -29.37
C LEU C 6 15.66 -9.60 -30.57
N ASN C 7 15.36 -8.31 -30.63
CA ASN C 7 15.76 -7.50 -31.78
C ASN C 7 17.27 -7.35 -31.93
N ASN C 8 18.01 -7.70 -30.88
CA ASN C 8 19.47 -7.70 -30.93
C ASN C 8 20.01 -9.10 -31.14
N ASN C 9 19.13 -9.99 -31.59
CA ASN C 9 19.47 -11.38 -31.90
C ASN C 9 19.91 -12.21 -30.69
N TYR C 10 19.65 -11.72 -29.50
CA TYR C 10 19.97 -12.46 -28.28
C TYR C 10 18.80 -13.38 -27.92
N GLU C 11 19.10 -14.66 -27.70
CA GLU C 11 18.06 -15.64 -27.43
C GLU C 11 17.48 -15.52 -26.04
N MET C 12 16.23 -15.92 -25.89
CA MET C 12 15.52 -15.87 -24.62
C MET C 12 14.50 -17.00 -24.55
N PRO C 13 14.68 -17.92 -23.59
CA PRO C 13 13.75 -19.04 -23.41
C PRO C 13 12.32 -18.55 -23.22
N ILE C 14 11.39 -19.09 -24.01
CA ILE C 14 10.01 -18.60 -24.00
C ILE C 14 9.31 -18.93 -22.69
N ILE C 15 9.90 -19.83 -21.91
CA ILE C 15 9.39 -20.14 -20.58
C ILE C 15 10.49 -19.91 -19.55
N GLY C 16 10.08 -19.65 -18.31
CA GLY C 16 11.02 -19.43 -17.23
C GLY C 16 10.34 -19.40 -15.88
N LEU C 17 11.11 -19.63 -14.83
CA LEU C 17 10.55 -19.63 -13.48
C LEU C 17 10.33 -18.21 -12.96
N GLY C 18 9.11 -17.95 -12.50
CA GLY C 18 8.82 -16.69 -11.85
C GLY C 18 9.14 -16.77 -10.37
N THR C 19 9.83 -15.75 -9.86
CA THR C 19 10.17 -15.69 -8.44
C THR C 19 9.46 -14.51 -7.79
N PHE C 20 8.95 -14.71 -6.58
CA PHE C 20 8.21 -13.67 -5.90
C PHE C 20 8.66 -13.50 -4.45
N ARG C 21 8.04 -12.54 -3.77
CA ARG C 21 8.31 -12.29 -2.35
C ARG C 21 8.03 -13.53 -1.52
N SER C 22 9.09 -14.13 -0.99
CA SER C 22 8.93 -15.27 -0.10
C SER C 22 10.01 -15.30 0.96
N LYS C 23 10.05 -16.39 1.73
CA LYS C 23 10.83 -16.45 2.94
C LYS C 23 12.07 -17.31 2.69
N LYS C 24 12.95 -17.41 3.67
CA LYS C 24 14.28 -18.00 3.49
C LYS C 24 14.25 -19.37 2.83
N ASN C 25 15.06 -19.51 1.78
CA ASN C 25 15.28 -20.76 1.05
C ASN C 25 14.08 -21.25 0.22
N ASP C 26 12.97 -20.54 0.30
CA ASP C 26 11.81 -20.87 -0.54
C ASP C 26 12.13 -20.56 -2.00
N ALA C 27 12.75 -19.41 -2.24
CA ALA C 27 13.18 -19.02 -3.58
C ALA C 27 14.35 -19.88 -4.03
N TYR C 28 15.24 -20.19 -3.10
CA TYR C 28 16.41 -21.00 -3.39
C TYR C 28 16.03 -22.40 -3.86
N ASN C 29 15.12 -23.03 -3.13
CA ASN C 29 14.65 -24.37 -3.50
C ASN C 29 13.85 -24.35 -4.80
N ALA C 30 13.12 -23.25 -5.02
CA ALA C 30 12.31 -23.10 -6.22
C ALA C 30 13.17 -23.04 -7.47
N VAL C 31 14.20 -22.20 -7.44
CA VAL C 31 15.11 -22.03 -8.56
C VAL C 31 15.79 -23.35 -8.90
N LYS C 32 16.23 -24.07 -7.87
CA LYS C 32 16.93 -25.33 -8.06
C LYS C 32 16.05 -26.44 -8.58
N ALA C 33 14.84 -26.53 -8.05
CA ALA C 33 13.87 -27.52 -8.53
C ALA C 33 13.54 -27.24 -9.99
N ALA C 34 13.56 -25.96 -10.35
CA ALA C 34 13.30 -25.55 -11.73
C ALA C 34 14.44 -25.96 -12.66
N LEU C 35 15.66 -25.55 -12.30
CA LEU C 35 16.83 -25.85 -13.12
C LEU C 35 17.03 -27.35 -13.29
N GLU C 36 16.77 -28.11 -12.23
CA GLU C 36 16.84 -29.57 -12.28
C GLU C 36 15.76 -30.12 -13.21
N GLY C 37 14.66 -29.39 -13.34
CA GLY C 37 13.55 -29.80 -14.18
C GLY C 37 13.78 -29.50 -15.64
N GLY C 38 14.66 -28.54 -15.93
CA GLY C 38 14.98 -28.19 -17.30
C GLY C 38 14.85 -26.71 -17.61
N TYR C 39 14.47 -25.92 -16.60
CA TYR C 39 14.38 -24.47 -16.76
C TYR C 39 15.75 -23.87 -17.08
N ARG C 40 15.77 -22.91 -17.99
CA ARG C 40 17.00 -22.21 -18.35
C ARG C 40 16.79 -20.71 -18.29
N HIS C 41 15.73 -20.31 -17.60
CA HIS C 41 15.34 -18.90 -17.52
C HIS C 41 14.78 -18.59 -16.13
N ILE C 42 15.41 -17.64 -15.45
CA ILE C 42 14.96 -17.22 -14.12
C ILE C 42 14.64 -15.73 -14.10
N ASP C 43 13.49 -15.38 -13.55
CA ASP C 43 13.06 -13.99 -13.49
C ASP C 43 12.93 -13.51 -12.05
N THR C 44 13.67 -12.46 -11.71
CA THR C 44 13.63 -11.89 -10.37
C THR C 44 13.60 -10.36 -10.41
N ALA C 45 13.79 -9.74 -9.26
CA ALA C 45 13.78 -8.28 -9.14
C ALA C 45 14.33 -7.83 -7.79
N MET C 46 14.80 -6.60 -7.78
CA MET C 46 15.19 -5.99 -6.46
CA MET C 46 15.06 -6.05 -6.47
C MET C 46 14.09 -6.17 -5.21
N ILE C 47 12.94 -5.72 -5.64
CA ILE C 47 11.87 -5.67 -4.65
C ILE C 47 11.50 -7.05 -4.09
N TYR C 48 11.85 -8.10 -4.82
CA TYR C 48 11.55 -9.46 -4.36
C TYR C 48 12.43 -9.84 -3.18
N GLY C 49 13.60 -9.21 -3.10
CA GLY C 49 14.52 -9.41 -1.99
C GLY C 49 15.10 -10.81 -1.94
N ASN C 50 15.06 -11.53 -3.05
CA ASN C 50 15.56 -12.89 -3.11
C ASN C 50 16.67 -13.08 -4.13
N GLU C 51 17.26 -11.96 -4.57
CA GLU C 51 18.34 -12.00 -5.56
C GLU C 51 19.52 -12.83 -5.08
N GLU C 52 19.88 -12.66 -3.81
CA GLU C 52 20.98 -13.40 -3.22
C GLU C 52 20.71 -14.91 -3.23
N GLU C 53 19.47 -15.29 -2.93
CA GLU C 53 19.10 -16.71 -2.88
C GLU C 53 18.98 -17.31 -4.27
N VAL C 54 18.45 -16.52 -5.22
CA VAL C 54 18.38 -16.95 -6.61
C VAL C 54 19.78 -17.16 -7.16
N GLY C 55 20.68 -16.25 -6.79
CA GLY C 55 22.06 -16.32 -7.23
C GLY C 55 22.81 -17.52 -6.67
N ARG C 56 22.57 -17.83 -5.40
CA ARG C 56 23.19 -18.99 -4.76
C ARG C 56 22.83 -20.27 -5.50
N ALA C 57 21.55 -20.42 -5.84
CA ALA C 57 21.05 -21.61 -6.50
C ALA C 57 21.62 -21.76 -7.91
N ILE C 58 21.91 -20.64 -8.56
CA ILE C 58 22.45 -20.65 -9.91
C ILE C 58 23.86 -21.23 -9.96
N LYS C 59 24.76 -20.68 -9.14
CA LYS C 59 26.14 -21.13 -9.12
C LYS C 59 26.29 -22.45 -8.39
N ASP C 60 25.28 -22.79 -7.58
CA ASP C 60 25.24 -24.08 -6.91
C ASP C 60 25.07 -25.21 -7.93
N SER C 61 24.46 -24.87 -9.06
CA SER C 61 24.07 -25.86 -10.07
C SER C 61 25.24 -26.39 -10.89
N ASN C 62 25.09 -27.61 -11.40
CA ASN C 62 26.09 -28.25 -12.26
C ASN C 62 26.07 -27.72 -13.69
N ILE C 63 25.26 -26.68 -13.93
CA ILE C 63 25.10 -26.15 -15.28
C ILE C 63 25.75 -24.77 -15.43
N PRO C 64 26.52 -24.60 -16.52
CA PRO C 64 27.23 -23.35 -16.85
C PRO C 64 26.34 -22.10 -16.80
N ARG C 65 26.95 -20.97 -16.48
CA ARG C 65 26.25 -19.70 -16.38
C ARG C 65 25.66 -19.26 -17.72
N GLU C 66 26.42 -19.44 -18.79
CA GLU C 66 26.03 -18.99 -20.13
C GLU C 66 24.73 -19.62 -20.63
N GLU C 67 24.40 -20.80 -20.12
CA GLU C 67 23.21 -21.51 -20.57
C GLU C 67 21.98 -21.18 -19.72
N ILE C 68 22.12 -20.19 -18.84
CA ILE C 68 21.01 -19.75 -18.01
C ILE C 68 20.66 -18.28 -18.27
N PHE C 69 19.38 -18.02 -18.49
CA PHE C 69 18.90 -16.66 -18.73
C PHE C 69 18.43 -16.03 -17.43
N VAL C 70 19.11 -14.97 -17.01
CA VAL C 70 18.77 -14.31 -15.75
C VAL C 70 18.20 -12.91 -15.97
N THR C 71 16.98 -12.70 -15.48
CA THR C 71 16.34 -11.39 -15.57
C THR C 71 16.09 -10.80 -14.19
N THR C 72 16.45 -9.53 -14.03
CA THR C 72 16.10 -8.80 -12.82
C THR C 72 15.63 -7.41 -13.18
N LYS C 73 14.96 -6.74 -12.24
CA LYS C 73 14.31 -5.47 -12.55
C LYS C 73 14.76 -4.35 -11.61
N LEU C 74 14.82 -3.14 -12.16
CA LEU C 74 15.12 -1.95 -11.36
C LEU C 74 13.85 -1.41 -10.71
N TRP C 75 13.87 -1.21 -9.40
CA TRP C 75 12.69 -0.79 -8.67
C TRP C 75 12.41 0.71 -8.83
N ASN C 76 11.14 1.07 -8.67
CA ASN C 76 10.66 2.43 -8.85
C ASN C 76 11.48 3.50 -8.14
N THR C 77 11.81 3.24 -6.88
CA THR C 77 12.54 4.20 -6.06
C THR C 77 13.99 4.37 -6.54
N ASP C 78 14.43 3.48 -7.43
CA ASP C 78 15.80 3.52 -7.93
C ASP C 78 15.91 4.22 -9.28
N GLN C 79 14.79 4.71 -9.81
CA GLN C 79 14.80 5.34 -11.13
C GLN C 79 15.57 6.66 -11.15
N GLY C 80 16.31 6.88 -12.23
CA GLY C 80 17.21 8.02 -12.33
C GLY C 80 18.59 7.49 -12.68
N TYR C 81 19.29 8.19 -13.57
CA TYR C 81 20.54 7.70 -14.17
C TYR C 81 21.56 7.18 -13.14
N GLU C 82 21.94 8.02 -12.19
CA GLU C 82 22.98 7.65 -11.23
C GLU C 82 22.55 6.51 -10.31
N LYS C 83 21.35 6.59 -9.78
CA LYS C 83 20.88 5.60 -8.82
C LYS C 83 20.56 4.27 -9.51
N THR C 84 20.22 4.34 -10.79
CA THR C 84 19.98 3.14 -11.58
C THR C 84 21.26 2.33 -11.73
N LEU C 85 22.37 3.04 -11.94
CA LEU C 85 23.69 2.40 -12.04
C LEU C 85 24.05 1.69 -10.75
N GLU C 86 23.84 2.36 -9.62
CA GLU C 86 24.16 1.81 -8.32
C GLU C 86 23.25 0.64 -7.95
N ALA C 87 21.97 0.79 -8.23
CA ALA C 87 21.01 -0.27 -7.91
C ALA C 87 21.24 -1.50 -8.78
N PHE C 88 21.75 -1.29 -9.98
CA PHE C 88 22.11 -2.39 -10.86
C PHE C 88 23.30 -3.16 -10.29
N ASN C 89 24.33 -2.43 -9.88
CA ASN C 89 25.50 -3.03 -9.26
C ASN C 89 25.12 -3.78 -8.00
N THR C 90 24.25 -3.17 -7.20
CA THR C 90 23.72 -3.82 -6.00
C THR C 90 23.00 -5.10 -6.38
N SER C 91 22.19 -5.03 -7.44
CA SER C 91 21.47 -6.19 -7.94
C SER C 91 22.43 -7.24 -8.47
N LEU C 92 23.45 -6.78 -9.19
CA LEU C 92 24.44 -7.67 -9.79
C LEU C 92 25.27 -8.37 -8.71
N LYS C 93 25.68 -7.63 -7.69
CA LYS C 93 26.49 -8.17 -6.61
C LYS C 93 25.72 -9.21 -5.78
N ASN C 94 24.44 -8.93 -5.54
CA ASN C 94 23.61 -9.81 -4.71
C ASN C 94 23.44 -11.20 -5.30
N LEU C 95 23.04 -11.28 -6.57
CA LEU C 95 22.89 -12.58 -7.22
C LEU C 95 24.22 -13.06 -7.80
N GLY C 96 25.28 -12.33 -7.47
CA GLY C 96 26.66 -12.77 -7.71
C GLY C 96 27.04 -13.17 -9.12
N LEU C 97 26.91 -12.24 -10.06
CA LEU C 97 27.31 -12.51 -11.43
C LEU C 97 28.18 -11.37 -11.98
N ASP C 98 28.78 -11.60 -13.15
CA ASP C 98 29.57 -10.58 -13.81
C ASP C 98 28.73 -9.85 -14.84
N TYR C 99 27.61 -10.46 -15.22
CA TYR C 99 26.70 -9.86 -16.18
C TYR C 99 25.27 -10.36 -15.96
N ILE C 100 24.30 -9.62 -16.48
CA ILE C 100 22.90 -9.99 -16.39
C ILE C 100 22.32 -10.08 -17.80
N ASP C 101 21.48 -11.09 -18.04
CA ASP C 101 20.92 -11.30 -19.37
C ASP C 101 19.92 -10.20 -19.74
N LEU C 102 18.87 -10.05 -18.95
CA LEU C 102 17.84 -9.05 -19.22
C LEU C 102 17.63 -8.14 -18.01
N TYR C 103 17.57 -6.83 -18.26
CA TYR C 103 17.34 -5.86 -17.19
C TYR C 103 16.16 -4.97 -17.55
N LEU C 104 15.18 -4.89 -16.64
CA LEU C 104 13.93 -4.20 -16.94
C LEU C 104 13.63 -3.06 -15.98
N ILE C 105 12.99 -2.02 -16.49
CA ILE C 105 12.36 -1.01 -15.64
C ILE C 105 11.06 -1.62 -15.14
N HIS C 106 10.88 -1.64 -13.82
CA HIS C 106 9.77 -2.37 -13.21
C HIS C 106 8.42 -1.71 -13.48
N TRP C 107 8.32 -0.41 -13.21
CA TRP C 107 7.08 0.33 -13.43
C TRP C 107 7.34 1.65 -14.14
N PHE C 108 6.29 2.26 -14.67
CA PHE C 108 6.39 3.58 -15.26
C PHE C 108 6.19 4.66 -14.20
N LYS C 109 7.17 5.55 -14.08
CA LYS C 109 7.11 6.63 -13.09
C LYS C 109 7.38 7.99 -13.75
N GLY C 110 6.84 8.18 -14.94
CA GLY C 110 7.03 9.42 -15.67
C GLY C 110 7.98 9.25 -16.85
N TYR C 111 7.81 10.08 -17.88
CA TYR C 111 8.62 9.99 -19.07
C TYR C 111 10.10 10.31 -18.79
N ASP C 112 10.34 11.39 -18.08
CA ASP C 112 11.71 11.83 -17.81
C ASP C 112 12.47 10.82 -16.97
N ASN C 113 11.83 10.29 -15.94
CA ASN C 113 12.44 9.25 -15.11
C ASN C 113 12.69 7.98 -15.91
N ALA C 114 11.82 7.71 -16.88
CA ALA C 114 11.94 6.52 -17.71
C ALA C 114 13.14 6.61 -18.64
N LEU C 115 13.32 7.76 -19.28
CA LEU C 115 14.43 7.95 -20.20
C LEU C 115 15.75 8.05 -19.46
N SER C 116 15.76 8.78 -18.35
CA SER C 116 16.95 8.91 -17.52
C SER C 116 17.44 7.55 -17.02
N THR C 117 16.48 6.71 -16.62
CA THR C 117 16.77 5.35 -16.19
C THR C 117 17.29 4.51 -17.35
N TYR C 118 16.62 4.64 -18.49
CA TYR C 118 16.96 3.84 -19.67
C TYR C 118 18.32 4.21 -20.25
N ARG C 119 18.70 5.47 -20.06
CA ARG C 119 20.04 5.93 -20.47
C ARG C 119 21.11 5.18 -19.68
N ALA C 120 20.81 4.88 -18.42
CA ALA C 120 21.71 4.09 -17.60
C ALA C 120 21.73 2.65 -18.11
N PHE C 121 20.58 2.13 -18.50
CA PHE C 121 20.48 0.80 -19.10
C PHE C 121 21.37 0.72 -20.32
N GLU C 122 21.29 1.76 -21.16
CA GLU C 122 22.06 1.84 -22.40
C GLU C 122 23.56 1.87 -22.12
N THR C 123 23.95 2.64 -21.10
CA THR C 123 25.35 2.71 -20.71
C THR C 123 25.85 1.34 -20.24
N LEU C 124 25.01 0.66 -19.47
CA LEU C 124 25.34 -0.68 -18.99
C LEU C 124 25.37 -1.68 -20.12
N TYR C 125 24.53 -1.47 -21.12
CA TYR C 125 24.46 -2.36 -22.28
C TYR C 125 25.71 -2.22 -23.15
N GLU C 126 26.17 -0.98 -23.32
CA GLU C 126 27.37 -0.73 -24.10
C GLU C 126 28.61 -1.28 -23.40
N GLU C 127 28.59 -1.26 -22.07
CA GLU C 127 29.71 -1.77 -21.29
C GLU C 127 29.68 -3.30 -21.21
N GLY C 128 28.61 -3.89 -21.74
CA GLY C 128 28.50 -5.34 -21.83
C GLY C 128 28.05 -6.02 -20.54
N LYS C 129 27.48 -5.23 -19.63
CA LYS C 129 27.03 -5.77 -18.34
C LYS C 129 25.61 -6.32 -18.43
N VAL C 130 24.87 -5.90 -19.46
CA VAL C 130 23.58 -6.51 -19.76
C VAL C 130 23.49 -6.89 -21.22
N LYS C 131 22.90 -8.04 -21.49
CA LYS C 131 22.80 -8.57 -22.84
C LYS C 131 21.51 -8.12 -23.53
N ALA C 132 20.55 -7.68 -22.73
CA ALA C 132 19.29 -7.20 -23.25
C ALA C 132 18.63 -6.23 -22.27
N ILE C 133 18.03 -5.17 -22.80
CA ILE C 133 17.36 -4.18 -21.98
C ILE C 133 15.92 -3.98 -22.44
N GLY C 134 15.03 -3.73 -21.50
CA GLY C 134 13.62 -3.54 -21.81
C GLY C 134 12.85 -2.89 -20.69
N VAL C 135 11.53 -3.08 -20.70
CA VAL C 135 10.67 -2.48 -19.68
C VAL C 135 9.65 -3.48 -19.12
N SER C 136 8.94 -3.04 -18.08
CA SER C 136 7.85 -3.81 -17.52
C SER C 136 6.71 -2.87 -17.13
N ASN C 137 5.48 -3.35 -17.28
CA ASN C 137 4.27 -2.56 -17.00
C ASN C 137 4.25 -1.24 -17.76
N PHE C 138 4.76 -1.25 -18.98
CA PHE C 138 4.71 -0.08 -19.86
C PHE C 138 3.55 -0.22 -20.84
N ASN C 139 2.74 0.83 -20.94
CA ASN C 139 1.65 0.84 -21.92
C ASN C 139 2.13 1.47 -23.23
N VAL C 140 1.23 1.58 -24.20
CA VAL C 140 1.61 2.01 -25.54
C VAL C 140 2.27 3.39 -25.57
N HIS C 141 1.64 4.38 -24.97
CA HIS C 141 2.18 5.74 -25.01
C HIS C 141 3.50 5.84 -24.23
N HIS C 142 3.70 4.93 -23.29
CA HIS C 142 4.99 4.82 -22.61
C HIS C 142 6.04 4.27 -23.56
N LEU C 143 5.64 3.29 -24.36
CA LEU C 143 6.54 2.68 -25.33
C LEU C 143 6.87 3.63 -26.47
N MET C 144 5.85 4.37 -26.93
CA MET C 144 6.03 5.34 -28.01
C MET C 144 7.13 6.34 -27.68
N TYR C 145 7.12 6.83 -26.45
CA TYR C 145 8.13 7.77 -25.99
C TYR C 145 9.52 7.14 -26.03
N LEU C 146 9.65 5.92 -25.56
CA LEU C 146 10.89 5.19 -25.57
C LEU C 146 11.37 4.87 -26.96
N MET C 147 10.44 4.52 -27.83
CA MET C 147 10.78 4.22 -29.22
C MET C 147 11.38 5.44 -29.93
N GLU C 148 10.95 6.62 -29.52
CA GLU C 148 11.39 7.85 -30.16
C GLU C 148 12.69 8.40 -29.56
N ASN C 149 12.94 8.08 -28.29
CA ASN C 149 14.05 8.70 -27.57
C ASN C 149 15.23 7.78 -27.24
N ALA C 150 15.04 6.47 -27.40
CA ALA C 150 16.11 5.53 -27.07
C ALA C 150 17.14 5.42 -28.18
N LYS C 151 18.40 5.28 -27.80
CA LYS C 151 19.47 4.99 -28.75
C LYS C 151 19.44 3.50 -29.06
N ILE C 152 19.22 2.70 -28.01
CA ILE C 152 19.04 1.27 -28.13
C ILE C 152 17.58 0.93 -27.86
N PRO C 153 16.80 0.72 -28.93
CA PRO C 153 15.36 0.46 -28.80
C PRO C 153 15.03 -0.74 -27.91
N PRO C 154 13.99 -0.61 -27.08
CA PRO C 154 13.53 -1.63 -26.12
C PRO C 154 13.40 -3.01 -26.72
N MET C 155 13.65 -4.04 -25.93
CA MET C 155 13.67 -5.41 -26.44
C MET C 155 12.58 -6.28 -25.81
N VAL C 156 12.19 -5.96 -24.59
CA VAL C 156 11.20 -6.76 -23.85
C VAL C 156 10.25 -5.88 -23.04
N ASN C 157 8.95 -6.14 -23.17
CA ASN C 157 7.95 -5.49 -22.32
C ASN C 157 7.18 -6.53 -21.50
N GLN C 158 7.57 -6.68 -20.24
CA GLN C 158 6.91 -7.65 -19.36
C GLN C 158 5.67 -7.06 -18.71
N VAL C 159 4.50 -7.55 -19.13
CA VAL C 159 3.23 -7.05 -18.61
C VAL C 159 2.28 -8.18 -18.24
N GLU C 160 1.30 -7.87 -17.39
CA GLU C 160 0.28 -8.83 -17.00
C GLU C 160 -0.51 -9.30 -18.21
N THR C 161 -0.39 -10.59 -18.53
CA THR C 161 -1.10 -11.17 -19.66
C THR C 161 -1.54 -12.60 -19.36
N HIS C 162 -2.83 -12.85 -19.48
CA HIS C 162 -3.40 -14.17 -19.26
C HIS C 162 -4.72 -14.30 -20.02
N VAL C 163 -5.41 -15.42 -19.85
CA VAL C 163 -6.58 -15.72 -20.66
C VAL C 163 -7.74 -14.76 -20.45
N THR C 164 -7.77 -14.06 -19.33
CA THR C 164 -8.83 -13.08 -19.09
C THR C 164 -8.37 -11.65 -19.37
N LEU C 165 -7.06 -11.48 -19.60
CA LEU C 165 -6.50 -10.20 -20.02
C LEU C 165 -5.46 -10.44 -21.12
N GLN C 166 -5.93 -10.62 -22.34
CA GLN C 166 -5.10 -11.17 -23.41
C GLN C 166 -4.21 -10.14 -24.12
N ASN C 167 -4.54 -8.86 -23.97
CA ASN C 167 -3.68 -7.77 -24.46
C ASN C 167 -3.30 -7.84 -25.94
N HIS C 168 -4.26 -8.21 -26.79
CA HIS C 168 -3.97 -8.36 -28.22
C HIS C 168 -3.53 -7.04 -28.86
N PHE C 169 -4.10 -5.93 -28.40
CA PHE C 169 -3.73 -4.62 -28.91
C PHE C 169 -2.30 -4.27 -28.54
N LEU C 170 -1.97 -4.40 -27.26
CA LEU C 170 -0.63 -4.11 -26.77
C LEU C 170 0.39 -5.07 -27.36
N HIS C 171 0.00 -6.33 -27.50
CA HIS C 171 0.86 -7.34 -28.12
C HIS C 171 1.17 -6.99 -29.57
N ASP C 172 0.14 -6.53 -30.28
CA ASP C 172 0.29 -6.16 -31.69
C ASP C 172 1.22 -4.97 -31.85
N TYR C 173 1.09 -3.98 -30.97
CA TYR C 173 1.94 -2.80 -31.01
C TYR C 173 3.41 -3.18 -30.80
N CYS C 174 3.66 -4.02 -29.80
CA CYS C 174 5.01 -4.47 -29.50
C CYS C 174 5.63 -5.20 -30.70
N LYS C 175 4.85 -6.09 -31.30
CA LYS C 175 5.30 -6.85 -32.46
C LYS C 175 5.61 -5.94 -33.65
N LYS C 176 4.85 -4.85 -33.78
CA LYS C 176 5.10 -3.88 -34.84
C LYS C 176 6.40 -3.11 -34.61
N ASN C 177 6.74 -2.90 -33.35
CA ASN C 177 7.94 -2.15 -32.99
C ASN C 177 9.05 -3.05 -32.46
N ASN C 178 9.00 -4.33 -32.84
CA ASN C 178 10.03 -5.31 -32.50
C ASN C 178 10.30 -5.40 -31.01
N ILE C 179 9.24 -5.42 -30.22
CA ILE C 179 9.35 -5.58 -28.78
C ILE C 179 8.77 -6.93 -28.37
N GLN C 180 9.57 -7.75 -27.71
CA GLN C 180 9.13 -9.06 -27.27
C GLN C 180 8.24 -8.94 -26.03
N LEU C 181 6.96 -9.24 -26.20
CA LEU C 181 6.02 -9.21 -25.09
C LEU C 181 6.29 -10.37 -24.14
N GLU C 182 6.43 -10.06 -22.85
CA GLU C 182 6.59 -11.10 -21.84
C GLU C 182 5.41 -11.05 -20.88
N ALA C 183 4.85 -12.22 -20.58
CA ALA C 183 3.66 -12.29 -19.74
C ALA C 183 4.00 -12.71 -18.32
N TYR C 184 3.72 -11.85 -17.35
CA TYR C 184 3.76 -12.27 -15.96
C TYR C 184 2.33 -12.47 -15.48
N ALA C 185 2.19 -13.16 -14.35
CA ALA C 185 0.90 -13.68 -13.90
C ALA C 185 0.16 -14.43 -15.02
N PRO C 186 0.80 -15.46 -15.63
CA PRO C 186 0.11 -16.18 -16.70
C PRO C 186 -1.02 -17.06 -16.17
N LEU C 187 -0.97 -17.39 -14.88
CA LEU C 187 -2.06 -18.11 -14.24
C LEU C 187 -2.86 -17.13 -13.39
N MET C 188 -2.83 -15.87 -13.84
CA MET C 188 -3.47 -14.72 -13.18
C MET C 188 -3.35 -14.71 -11.65
N SER C 189 -2.18 -15.10 -11.17
CA SER C 189 -1.76 -14.88 -9.77
C SER C 189 -2.76 -15.33 -8.71
N HIS C 190 -3.03 -14.44 -7.74
CA HIS C 190 -3.81 -14.79 -6.57
C HIS C 190 -5.30 -15.00 -6.88
N GLN C 191 -5.66 -14.66 -8.09
CA GLN C 191 -6.99 -14.85 -8.58
C GLN C 191 -7.01 -16.07 -9.50
N ILE C 192 -6.24 -17.10 -9.13
CA ILE C 192 -6.01 -18.29 -9.91
C ILE C 192 -7.24 -19.19 -10.01
N LYS C 193 -8.14 -19.09 -9.03
CA LYS C 193 -9.28 -19.98 -9.00
C LYS C 193 -10.32 -19.66 -10.08
N ASP C 194 -10.30 -18.45 -10.64
CA ASP C 194 -11.14 -18.18 -11.81
C ASP C 194 -10.59 -18.86 -13.04
N LEU C 195 -9.32 -19.20 -13.01
CA LEU C 195 -8.71 -19.90 -14.11
C LEU C 195 -9.07 -21.37 -14.04
N LEU C 196 -8.91 -21.95 -12.86
CA LEU C 196 -9.23 -23.36 -12.64
C LEU C 196 -10.73 -23.67 -12.74
N SER C 197 -11.55 -22.65 -12.60
CA SER C 197 -12.99 -22.85 -12.65
C SER C 197 -13.58 -22.46 -14.00
N ASN C 198 -12.70 -22.16 -14.96
CA ASN C 198 -13.14 -21.78 -16.30
C ASN C 198 -13.49 -23.01 -17.13
N GLU C 199 -14.76 -23.11 -17.52
CA GLU C 199 -15.25 -24.27 -18.26
C GLU C 199 -14.52 -24.47 -19.59
N THR C 200 -14.34 -23.38 -20.33
CA THR C 200 -13.66 -23.43 -21.62
C THR C 200 -12.24 -23.97 -21.47
N MET C 201 -11.53 -23.47 -20.47
CA MET C 201 -10.16 -23.89 -20.22
C MET C 201 -10.07 -25.33 -19.73
N ALA C 202 -11.11 -25.78 -19.03
CA ALA C 202 -11.14 -27.13 -18.48
C ALA C 202 -11.37 -28.18 -19.56
N LYS C 203 -12.14 -27.83 -20.58
CA LYS C 203 -12.47 -28.77 -21.64
C LYS C 203 -11.27 -29.02 -22.56
N ILE C 204 -10.45 -27.99 -22.74
CA ILE C 204 -9.27 -28.11 -23.58
C ILE C 204 -8.18 -28.86 -22.82
N ALA C 205 -8.24 -28.77 -21.50
CA ALA C 205 -7.30 -29.46 -20.63
C ALA C 205 -7.43 -30.97 -20.75
N LYS C 206 -8.66 -31.48 -20.67
CA LYS C 206 -8.89 -32.92 -20.73
C LYS C 206 -8.74 -33.43 -22.16
N LYS C 207 -8.89 -32.52 -23.12
CA LYS C 207 -8.70 -32.87 -24.53
C LYS C 207 -7.25 -33.23 -24.82
N HIS C 208 -6.33 -32.48 -24.23
CA HIS C 208 -4.91 -32.69 -24.46
C HIS C 208 -4.25 -33.46 -23.32
N ASP C 209 -5.07 -33.93 -22.38
CA ASP C 209 -4.60 -34.64 -21.19
C ASP C 209 -3.58 -33.80 -20.43
N LYS C 210 -3.91 -32.53 -20.22
CA LYS C 210 -3.07 -31.62 -19.46
C LYS C 210 -3.88 -30.94 -18.36
N THR C 211 -3.22 -30.21 -17.49
CA THR C 211 -3.92 -29.41 -16.48
C THR C 211 -4.31 -28.08 -17.08
N ILE C 212 -5.24 -27.38 -16.43
CA ILE C 212 -5.66 -26.06 -16.89
C ILE C 212 -4.50 -25.06 -16.95
N PRO C 213 -3.64 -25.01 -15.90
CA PRO C 213 -2.50 -24.10 -16.03
C PRO C 213 -1.60 -24.42 -17.21
N GLN C 214 -1.40 -25.70 -17.50
CA GLN C 214 -0.58 -26.13 -18.63
C GLN C 214 -1.15 -25.62 -19.96
N ILE C 215 -2.46 -25.44 -20.01
CA ILE C 215 -3.11 -24.93 -21.21
C ILE C 215 -2.89 -23.43 -21.36
N ALA C 216 -3.08 -22.70 -20.25
CA ALA C 216 -2.89 -21.26 -20.25
C ALA C 216 -1.45 -20.90 -20.59
N ILE C 217 -0.51 -21.69 -20.09
CA ILE C 217 0.90 -21.50 -20.36
C ILE C 217 1.22 -21.78 -21.83
N ARG C 218 0.71 -22.90 -22.33
CA ARG C 218 0.92 -23.28 -23.73
C ARG C 218 0.30 -22.25 -24.67
N TRP C 219 -0.87 -21.75 -24.31
CA TRP C 219 -1.59 -20.77 -25.11
C TRP C 219 -0.75 -19.53 -25.42
N LEU C 220 -0.08 -19.01 -24.39
CA LEU C 220 0.81 -17.86 -24.55
C LEU C 220 1.99 -18.22 -25.45
N ILE C 221 2.52 -19.43 -25.27
CA ILE C 221 3.62 -19.91 -26.09
C ILE C 221 3.23 -19.98 -27.56
N GLU C 222 1.98 -20.38 -27.82
CA GLU C 222 1.46 -20.42 -29.18
C GLU C 222 1.44 -19.02 -29.81
N ARG C 223 1.29 -17.99 -28.97
CA ARG C 223 1.25 -16.61 -29.43
C ARG C 223 2.64 -15.99 -29.49
N GLU C 224 3.67 -16.81 -29.34
CA GLU C 224 5.06 -16.34 -29.31
C GLU C 224 5.28 -15.32 -28.20
N ILE C 225 4.70 -15.60 -27.03
CA ILE C 225 4.86 -14.73 -25.87
C ILE C 225 5.64 -15.44 -24.77
N VAL C 226 6.72 -14.81 -24.32
CA VAL C 226 7.51 -15.36 -23.23
C VAL C 226 6.69 -15.39 -21.95
N VAL C 227 6.66 -16.55 -21.30
CA VAL C 227 5.80 -16.75 -20.13
C VAL C 227 6.62 -17.14 -18.90
N ILE C 228 6.33 -16.50 -17.77
CA ILE C 228 7.03 -16.78 -16.52
C ILE C 228 6.06 -17.05 -15.37
N PRO C 229 5.63 -18.32 -15.22
CA PRO C 229 4.77 -18.71 -14.09
C PRO C 229 5.53 -18.73 -12.76
N LYS C 230 4.98 -18.07 -11.75
CA LYS C 230 5.60 -18.02 -10.43
C LYS C 230 5.12 -19.17 -9.54
N SER C 231 6.06 -19.89 -8.94
CA SER C 231 5.74 -20.99 -8.05
C SER C 231 6.94 -21.42 -7.19
N ILE C 232 6.66 -21.84 -5.97
CA ILE C 232 7.70 -22.37 -5.09
C ILE C 232 7.44 -23.85 -4.79
N THR C 233 6.40 -24.39 -5.41
CA THR C 233 6.07 -25.80 -5.25
C THR C 233 6.65 -26.62 -6.40
N PRO C 234 7.64 -27.47 -6.10
CA PRO C 234 8.40 -28.26 -7.07
C PRO C 234 7.53 -29.03 -8.06
N GLU C 235 6.38 -29.52 -7.60
CA GLU C 235 5.51 -30.31 -8.45
C GLU C 235 4.86 -29.44 -9.53
N ARG C 236 4.30 -28.31 -9.13
CA ARG C 236 3.71 -27.37 -10.08
C ARG C 236 4.76 -26.79 -11.01
N ILE C 237 5.99 -26.68 -10.50
CA ILE C 237 7.12 -26.22 -11.29
C ILE C 237 7.36 -27.14 -12.48
N VAL C 238 7.41 -28.45 -12.20
CA VAL C 238 7.59 -29.45 -13.23
C VAL C 238 6.41 -29.48 -14.19
N GLN C 239 5.20 -29.43 -13.63
CA GLN C 239 3.98 -29.46 -14.43
C GLN C 239 3.90 -28.25 -15.38
N ASN C 240 4.23 -27.08 -14.87
CA ASN C 240 4.19 -25.85 -15.67
C ASN C 240 5.25 -25.84 -16.77
N PHE C 241 6.23 -26.74 -16.65
CA PHE C 241 7.29 -26.84 -17.64
C PHE C 241 6.96 -27.89 -18.70
N ASP C 242 6.09 -28.82 -18.35
CA ASP C 242 5.68 -29.87 -19.27
C ASP C 242 4.66 -29.36 -20.28
N VAL C 243 5.12 -28.48 -21.17
CA VAL C 243 4.24 -27.85 -22.15
C VAL C 243 4.85 -27.81 -23.55
N PHE C 244 5.70 -28.79 -23.84
CA PHE C 244 6.38 -28.84 -25.13
C PHE C 244 6.17 -30.18 -25.84
N ASP C 245 5.26 -30.98 -25.32
CA ASP C 245 4.96 -32.28 -25.92
C ASP C 245 3.55 -32.29 -26.55
N PHE C 246 3.00 -31.10 -26.74
CA PHE C 246 1.68 -30.97 -27.34
C PHE C 246 1.47 -29.56 -27.90
N THR C 247 0.45 -29.42 -28.74
CA THR C 247 0.12 -28.12 -29.34
C THR C 247 -1.38 -27.85 -29.28
N LEU C 248 -1.75 -26.59 -29.47
CA LEU C 248 -3.16 -26.20 -29.49
C LEU C 248 -3.60 -25.90 -30.92
N ASP C 249 -4.65 -26.59 -31.38
CA ASP C 249 -5.14 -26.39 -32.73
C ASP C 249 -5.83 -25.05 -32.88
N GLU C 250 -6.25 -24.73 -34.10
CA GLU C 250 -6.92 -23.46 -34.39
C GLU C 250 -8.22 -23.33 -33.61
N GLU C 251 -8.93 -24.44 -33.46
CA GLU C 251 -10.19 -24.45 -32.72
C GLU C 251 -9.97 -24.11 -31.25
N ASP C 252 -8.90 -24.66 -30.67
CA ASP C 252 -8.55 -24.37 -29.29
C ASP C 252 -8.28 -22.88 -29.09
N MET C 253 -7.51 -22.30 -30.00
CA MET C 253 -7.11 -20.91 -29.89
C MET C 253 -8.29 -19.94 -29.96
N LYS C 254 -9.28 -20.26 -30.79
CA LYS C 254 -10.45 -19.40 -30.92
C LYS C 254 -11.36 -19.52 -29.71
N SER C 255 -11.35 -20.69 -29.07
CA SER C 255 -12.12 -20.90 -27.84
C SER C 255 -11.51 -20.12 -26.68
N ILE C 256 -10.18 -20.14 -26.60
CA ILE C 256 -9.45 -19.41 -25.57
C ILE C 256 -9.61 -17.91 -25.78
N ARG C 257 -9.77 -17.52 -27.04
CA ARG C 257 -9.92 -16.12 -27.41
C ARG C 257 -11.16 -15.49 -26.75
N SER C 258 -12.22 -16.28 -26.58
CA SER C 258 -13.47 -15.78 -26.03
C SER C 258 -13.42 -15.66 -24.51
N VAL C 259 -12.38 -16.21 -23.90
CA VAL C 259 -12.24 -16.20 -22.44
C VAL C 259 -11.93 -14.78 -21.93
N ASN C 260 -11.33 -13.97 -22.79
CA ASN C 260 -10.94 -12.61 -22.43
C ASN C 260 -12.09 -11.79 -21.86
N THR C 261 -11.81 -11.05 -20.80
CA THR C 261 -12.82 -10.23 -20.13
C THR C 261 -12.37 -8.77 -20.05
N GLY C 262 -11.06 -8.56 -20.03
CA GLY C 262 -10.52 -7.22 -19.94
C GLY C 262 -10.33 -6.78 -18.50
N LYS C 263 -10.56 -7.70 -17.57
CA LYS C 263 -10.42 -7.41 -16.15
C LYS C 263 -8.96 -7.49 -15.72
N LYS C 264 -8.32 -6.33 -15.59
CA LYS C 264 -6.92 -6.26 -15.19
C LYS C 264 -6.75 -6.37 -13.69
N ILE C 265 -5.89 -7.29 -13.26
CA ILE C 265 -5.71 -7.58 -11.84
C ILE C 265 -4.82 -6.55 -11.15
N PHE C 266 -3.65 -6.29 -11.71
CA PHE C 266 -2.66 -5.46 -11.05
C PHE C 266 -2.79 -3.98 -11.41
N THR C 267 -1.98 -3.16 -10.75
CA THR C 267 -2.07 -1.70 -10.82
C THR C 267 -2.16 -1.15 -12.25
N GLU C 268 -3.09 -0.23 -12.46
CA GLU C 268 -3.24 0.45 -13.74
C GLU C 268 -1.93 1.16 -14.09
N PHE C 269 -1.53 1.06 -15.37
CA PHE C 269 -0.23 1.54 -15.83
C PHE C 269 0.16 2.94 -15.36
N ASP C 270 -0.83 3.83 -15.26
CA ASP C 270 -0.54 5.23 -14.96
C ASP C 270 -1.00 5.68 -13.58
N ASN C 271 -1.21 4.73 -12.67
CA ASN C 271 -1.63 5.07 -11.32
C ASN C 271 -0.72 4.44 -10.26
N VAL C 272 0.57 4.45 -10.52
CA VAL C 272 1.56 3.86 -9.61
C VAL C 272 2.21 4.92 -8.72
N ASP C 273 1.92 4.87 -7.43
CA ASP C 273 2.46 5.85 -6.48
C ASP C 273 3.63 5.26 -5.69
N TYR C 274 3.67 3.94 -5.58
CA TYR C 274 4.74 3.27 -4.84
C TYR C 274 6.02 3.21 -5.66
N HIS D 2 -21.65 25.01 -10.26
CA HIS D 2 -21.16 25.71 -11.42
C HIS D 2 -20.97 24.85 -12.62
N SER D 3 -20.29 25.38 -13.60
CA SER D 3 -20.17 24.72 -14.87
C SER D 3 -18.74 24.64 -15.20
N VAL D 4 -18.47 24.13 -16.40
CA VAL D 4 -17.14 24.08 -16.91
C VAL D 4 -17.29 24.50 -18.35
N LYS D 5 -16.36 25.30 -18.83
CA LYS D 5 -16.33 25.65 -20.25
C LYS D 5 -15.49 24.66 -21.03
N LEU D 6 -16.05 24.11 -22.10
CA LEU D 6 -15.30 23.22 -22.97
C LEU D 6 -14.48 24.05 -23.96
N ASN D 7 -13.59 23.40 -24.69
CA ASN D 7 -12.70 24.13 -25.60
C ASN D 7 -13.44 24.79 -26.76
N ASN D 8 -14.70 24.42 -26.93
CA ASN D 8 -15.57 25.09 -27.91
C ASN D 8 -16.38 26.18 -27.23
N ASN D 9 -15.93 26.57 -26.04
CA ASN D 9 -16.57 27.62 -25.24
C ASN D 9 -18.02 27.30 -24.88
N TYR D 10 -18.37 26.02 -24.89
CA TYR D 10 -19.70 25.58 -24.49
C TYR D 10 -19.68 25.15 -23.03
N GLU D 11 -20.44 25.85 -22.19
CA GLU D 11 -20.44 25.58 -20.76
C GLU D 11 -21.09 24.23 -20.43
N MET D 12 -20.67 23.65 -19.32
CA MET D 12 -21.13 22.31 -18.93
C MET D 12 -21.14 22.15 -17.41
N PRO D 13 -22.31 21.77 -16.86
CA PRO D 13 -22.48 21.55 -15.42
C PRO D 13 -21.49 20.51 -14.87
N ILE D 14 -20.74 20.90 -13.85
CA ILE D 14 -19.68 20.04 -13.30
C ILE D 14 -20.25 18.80 -12.62
N ILE D 15 -21.51 18.86 -12.22
CA ILE D 15 -22.16 17.69 -11.62
C ILE D 15 -23.39 17.30 -12.43
N GLY D 16 -23.64 16.00 -12.51
CA GLY D 16 -24.77 15.49 -13.26
C GLY D 16 -25.25 14.15 -12.75
N LEU D 17 -26.42 13.74 -13.19
CA LEU D 17 -26.98 12.44 -12.79
C LEU D 17 -26.53 11.34 -13.75
N GLY D 18 -26.07 10.23 -13.19
CA GLY D 18 -25.69 9.08 -13.98
C GLY D 18 -26.79 8.04 -14.01
N THR D 19 -27.21 7.67 -15.21
CA THR D 19 -28.26 6.67 -15.38
C THR D 19 -27.68 5.34 -15.86
N PHE D 20 -28.48 4.29 -15.82
CA PHE D 20 -28.05 2.97 -16.25
C PHE D 20 -29.24 2.04 -16.47
N ARG D 21 -28.94 0.80 -16.84
CA ARG D 21 -29.98 -0.19 -17.10
C ARG D 21 -30.59 -0.73 -15.81
N SER D 22 -31.83 -0.35 -15.53
CA SER D 22 -32.48 -0.77 -14.30
C SER D 22 -33.94 -1.05 -14.59
N LYS D 23 -34.69 -1.58 -13.64
CA LYS D 23 -36.05 -1.96 -13.96
C LYS D 23 -36.73 -0.80 -14.61
N LYS D 24 -37.87 -1.04 -15.23
CA LYS D 24 -38.58 0.04 -15.87
C LYS D 24 -39.01 0.98 -14.75
N ASN D 25 -38.93 2.27 -15.01
CA ASN D 25 -39.48 3.33 -14.19
C ASN D 25 -38.55 3.84 -13.16
N ASP D 26 -37.52 3.08 -12.86
CA ASP D 26 -36.49 3.54 -11.96
C ASP D 26 -35.73 4.67 -12.59
N ALA D 27 -35.49 4.54 -13.88
CA ALA D 27 -34.77 5.57 -14.63
C ALA D 27 -35.61 6.83 -14.77
N TYR D 28 -36.91 6.66 -14.96
CA TYR D 28 -37.83 7.79 -15.07
C TYR D 28 -37.91 8.57 -13.77
N ASN D 29 -38.09 7.85 -12.66
CA ASN D 29 -38.18 8.47 -11.35
C ASN D 29 -36.88 9.13 -10.92
N ALA D 30 -35.76 8.52 -11.30
CA ALA D 30 -34.44 9.02 -10.90
C ALA D 30 -34.16 10.40 -11.48
N VAL D 31 -34.40 10.56 -12.78
CA VAL D 31 -34.16 11.84 -13.43
C VAL D 31 -35.10 12.91 -12.89
N LYS D 32 -36.40 12.58 -12.83
CA LYS D 32 -37.40 13.49 -12.29
C LYS D 32 -37.04 13.99 -10.89
N ALA D 33 -36.49 13.09 -10.07
CA ALA D 33 -36.07 13.45 -8.73
C ALA D 33 -34.84 14.35 -8.78
N ALA D 34 -33.92 14.04 -9.70
CA ALA D 34 -32.70 14.81 -9.84
C ALA D 34 -32.98 16.22 -10.34
N LEU D 35 -33.89 16.33 -11.31
CA LEU D 35 -34.23 17.62 -11.91
C LEU D 35 -34.84 18.58 -10.91
N GLU D 36 -35.42 18.05 -9.83
CA GLU D 36 -36.03 18.88 -8.80
C GLU D 36 -34.98 19.44 -7.85
N GLY D 37 -33.92 18.66 -7.62
CA GLY D 37 -32.88 19.03 -6.68
C GLY D 37 -32.02 20.17 -7.18
N GLY D 38 -31.82 20.20 -8.49
CA GLY D 38 -31.01 21.24 -9.12
C GLY D 38 -30.13 20.71 -10.23
N TYR D 39 -30.18 19.40 -10.46
CA TYR D 39 -29.44 18.77 -11.54
C TYR D 39 -29.83 19.37 -12.89
N ARG D 40 -28.85 19.97 -13.57
CA ARG D 40 -29.06 20.49 -14.91
C ARG D 40 -28.22 19.71 -15.90
N HIS D 41 -27.87 18.48 -15.52
CA HIS D 41 -27.00 17.63 -16.32
C HIS D 41 -27.41 16.17 -16.16
N ILE D 42 -27.79 15.54 -17.26
CA ILE D 42 -28.19 14.14 -17.23
C ILE D 42 -27.33 13.31 -18.19
N ASP D 43 -26.76 12.22 -17.68
CA ASP D 43 -25.91 11.35 -18.48
C ASP D 43 -26.58 10.01 -18.75
N THR D 44 -26.82 9.71 -20.02
CA THR D 44 -27.39 8.43 -20.41
C THR D 44 -26.57 7.80 -21.54
N ALA D 45 -27.06 6.68 -22.06
CA ALA D 45 -26.42 5.98 -23.17
C ALA D 45 -27.38 4.98 -23.78
N MET D 46 -27.16 4.65 -25.05
CA MET D 46 -27.99 3.70 -25.77
C MET D 46 -27.97 2.34 -25.15
N ILE D 47 -26.80 1.95 -24.66
CA ILE D 47 -26.61 0.62 -24.08
C ILE D 47 -27.39 0.45 -22.78
N TYR D 48 -27.73 1.56 -22.14
CA TYR D 48 -28.49 1.52 -20.89
C TYR D 48 -29.94 1.13 -21.15
N GLY D 49 -30.43 1.47 -22.32
CA GLY D 49 -31.79 1.14 -22.71
C GLY D 49 -32.83 1.94 -21.94
N ASN D 50 -32.40 3.00 -21.27
CA ASN D 50 -33.29 3.84 -20.51
C ASN D 50 -33.47 5.22 -21.13
N GLU D 51 -32.97 5.36 -22.37
CA GLU D 51 -32.95 6.64 -23.07
C GLU D 51 -34.30 7.35 -23.09
N GLU D 52 -35.34 6.61 -23.43
CA GLU D 52 -36.66 7.19 -23.64
C GLU D 52 -37.30 7.73 -22.37
N GLU D 53 -36.90 7.19 -21.22
CA GLU D 53 -37.48 7.59 -19.95
C GLU D 53 -36.64 8.68 -19.29
N VAL D 54 -35.40 8.81 -19.74
CA VAL D 54 -34.60 9.99 -19.46
C VAL D 54 -35.29 11.14 -20.19
N GLY D 55 -35.74 10.86 -21.40
CA GLY D 55 -36.48 11.82 -22.20
C GLY D 55 -37.73 12.32 -21.51
N ARG D 56 -38.73 11.46 -21.38
CA ARG D 56 -40.03 11.82 -20.80
C ARG D 56 -39.91 12.51 -19.43
N ALA D 57 -38.81 12.24 -18.74
CA ALA D 57 -38.55 12.87 -17.44
C ALA D 57 -38.15 14.33 -17.62
N ILE D 58 -37.42 14.62 -18.70
CA ILE D 58 -37.03 15.99 -19.04
C ILE D 58 -38.27 16.78 -19.47
N LYS D 59 -39.34 16.06 -19.81
CA LYS D 59 -40.52 16.70 -20.38
C LYS D 59 -41.48 17.13 -19.26
N ASP D 60 -41.74 16.21 -18.34
CA ASP D 60 -42.52 16.51 -17.14
C ASP D 60 -41.60 17.05 -16.05
N SER D 61 -40.86 18.11 -16.36
CA SER D 61 -39.72 18.50 -15.54
C SER D 61 -39.72 19.93 -15.00
N ASN D 62 -40.68 20.74 -15.41
CA ASN D 62 -40.75 22.17 -15.03
C ASN D 62 -39.64 22.97 -15.73
N ILE D 63 -38.65 22.27 -16.26
CA ILE D 63 -37.48 22.93 -16.83
C ILE D 63 -37.47 22.95 -18.36
N PRO D 64 -37.22 24.13 -18.95
CA PRO D 64 -37.00 24.26 -20.39
C PRO D 64 -35.80 23.43 -20.85
N ARG D 65 -35.83 22.99 -22.11
CA ARG D 65 -34.77 22.15 -22.66
C ARG D 65 -33.42 22.86 -22.70
N GLU D 66 -33.44 24.16 -22.97
CA GLU D 66 -32.23 24.95 -23.17
C GLU D 66 -31.29 24.98 -21.98
N GLU D 67 -31.84 24.87 -20.77
CA GLU D 67 -31.01 24.90 -19.56
C GLU D 67 -30.84 23.51 -18.96
N ILE D 68 -30.91 22.49 -19.80
CA ILE D 68 -30.62 21.12 -19.38
C ILE D 68 -29.53 20.52 -20.25
N PHE D 69 -28.49 19.99 -19.62
CA PHE D 69 -27.38 19.37 -20.34
C PHE D 69 -27.59 17.87 -20.46
N VAL D 70 -27.85 17.40 -21.67
CA VAL D 70 -28.10 15.99 -21.91
C VAL D 70 -26.92 15.31 -22.60
N THR D 71 -26.48 14.20 -22.05
CA THR D 71 -25.36 13.45 -22.62
C THR D 71 -25.76 12.01 -22.92
N THR D 72 -25.47 11.56 -24.14
CA THR D 72 -25.69 10.17 -24.52
C THR D 72 -24.48 9.67 -25.30
N LYS D 73 -24.39 8.35 -25.47
CA LYS D 73 -23.20 7.75 -26.07
C LYS D 73 -23.51 6.86 -27.25
N LEU D 74 -22.50 6.64 -28.10
CA LEU D 74 -22.61 5.68 -29.20
C LEU D 74 -21.97 4.36 -28.81
N TRP D 75 -22.74 3.28 -28.91
CA TRP D 75 -22.26 1.97 -28.49
C TRP D 75 -21.30 1.36 -29.52
N ASN D 76 -20.48 0.42 -29.05
CA ASN D 76 -19.41 -0.19 -29.85
C ASN D 76 -19.87 -0.81 -31.16
N THR D 77 -20.99 -1.53 -31.11
CA THR D 77 -21.50 -2.23 -32.29
C THR D 77 -22.01 -1.27 -33.36
N ASP D 78 -22.09 0.02 -33.01
CA ASP D 78 -22.59 1.02 -33.94
C ASP D 78 -21.48 1.94 -34.44
N GLN D 79 -20.23 1.57 -34.19
CA GLN D 79 -19.11 2.36 -34.67
C GLN D 79 -19.00 2.23 -36.19
N GLY D 80 -18.47 3.26 -36.82
CA GLY D 80 -18.47 3.37 -38.27
C GLY D 80 -19.34 4.53 -38.68
N TYR D 81 -19.00 5.18 -39.79
CA TYR D 81 -19.65 6.43 -40.18
C TYR D 81 -21.17 6.29 -40.37
N GLU D 82 -21.58 5.45 -41.31
CA GLU D 82 -22.99 5.30 -41.64
C GLU D 82 -23.82 4.81 -40.46
N LYS D 83 -23.26 3.90 -39.67
CA LYS D 83 -23.96 3.33 -38.53
C LYS D 83 -24.06 4.32 -37.36
N THR D 84 -23.07 5.22 -37.27
CA THR D 84 -23.06 6.20 -36.20
C THR D 84 -24.15 7.25 -36.40
N LEU D 85 -24.32 7.66 -37.65
CA LEU D 85 -25.38 8.62 -38.00
C LEU D 85 -26.76 8.04 -37.68
N GLU D 86 -26.95 6.77 -37.98
CA GLU D 86 -28.23 6.11 -37.77
C GLU D 86 -28.49 5.84 -36.29
N ALA D 87 -27.45 5.42 -35.58
CA ALA D 87 -27.58 5.13 -34.15
C ALA D 87 -27.83 6.42 -33.36
N PHE D 88 -27.32 7.53 -33.87
CA PHE D 88 -27.54 8.83 -33.24
C PHE D 88 -28.99 9.27 -33.39
N ASN D 89 -29.53 9.13 -34.59
CA ASN D 89 -30.92 9.45 -34.85
C ASN D 89 -31.84 8.61 -33.97
N THR D 90 -31.50 7.33 -33.83
CA THR D 90 -32.24 6.44 -32.95
C THR D 90 -32.25 6.96 -31.52
N SER D 91 -31.07 7.32 -31.03
CA SER D 91 -30.95 7.87 -29.67
C SER D 91 -31.70 9.18 -29.52
N LEU D 92 -31.61 10.03 -30.54
CA LEU D 92 -32.27 11.33 -30.52
C LEU D 92 -33.80 11.17 -30.59
N LYS D 93 -34.25 10.29 -31.48
CA LYS D 93 -35.68 10.03 -31.61
C LYS D 93 -36.22 9.28 -30.40
N ASN D 94 -35.35 8.53 -29.73
CA ASN D 94 -35.72 7.90 -28.47
C ASN D 94 -35.87 8.93 -27.36
N LEU D 95 -34.88 9.82 -27.24
CA LEU D 95 -34.85 10.82 -26.19
C LEU D 95 -35.95 11.86 -26.32
N GLY D 96 -36.58 11.93 -27.48
CA GLY D 96 -37.64 12.90 -27.72
C GLY D 96 -37.10 14.31 -27.80
N LEU D 97 -35.83 14.41 -28.19
CA LEU D 97 -35.17 15.69 -28.38
C LEU D 97 -34.92 15.90 -29.87
N ASP D 98 -34.37 17.06 -30.21
CA ASP D 98 -33.88 17.28 -31.57
C ASP D 98 -32.48 17.88 -31.54
N TYR D 99 -31.88 17.86 -30.34
CA TYR D 99 -30.45 18.11 -30.20
C TYR D 99 -29.96 17.49 -28.89
N ILE D 100 -28.70 17.09 -28.87
CA ILE D 100 -28.08 16.50 -27.69
C ILE D 100 -26.82 17.27 -27.34
N ASP D 101 -26.69 17.67 -26.08
CA ASP D 101 -25.60 18.53 -25.64
C ASP D 101 -24.22 17.87 -25.80
N LEU D 102 -24.12 16.60 -25.43
CA LEU D 102 -22.85 15.89 -25.53
C LEU D 102 -23.02 14.48 -26.07
N TYR D 103 -22.16 14.11 -27.01
CA TYR D 103 -22.20 12.78 -27.62
C TYR D 103 -20.81 12.14 -27.55
N LEU D 104 -20.72 10.98 -26.91
CA LEU D 104 -19.43 10.35 -26.66
C LEU D 104 -19.26 9.01 -27.36
N ILE D 105 -18.04 8.71 -27.77
CA ILE D 105 -17.67 7.36 -28.16
C ILE D 105 -17.49 6.55 -26.89
N HIS D 106 -18.37 5.58 -26.67
CA HIS D 106 -18.43 4.87 -25.39
C HIS D 106 -17.14 4.11 -25.08
N TRP D 107 -16.61 3.41 -26.08
CA TRP D 107 -15.39 2.64 -25.90
C TRP D 107 -14.47 2.75 -27.10
N PHE D 108 -13.19 2.49 -26.89
CA PHE D 108 -12.23 2.42 -27.98
C PHE D 108 -12.24 1.02 -28.57
N LYS D 109 -12.40 0.93 -29.88
CA LYS D 109 -12.42 -0.36 -30.56
C LYS D 109 -11.61 -0.32 -31.85
N GLY D 110 -10.49 0.37 -31.81
CA GLY D 110 -9.64 0.52 -32.98
C GLY D 110 -9.48 1.96 -33.42
N TYR D 111 -8.38 2.25 -34.11
CA TYR D 111 -8.10 3.59 -34.58
C TYR D 111 -9.01 3.99 -35.74
N ASP D 112 -9.14 3.09 -36.71
CA ASP D 112 -10.00 3.34 -37.87
C ASP D 112 -11.46 3.48 -37.47
N ASN D 113 -11.91 2.58 -36.60
CA ASN D 113 -13.29 2.61 -36.11
C ASN D 113 -13.59 3.89 -35.34
N ALA D 114 -12.60 4.40 -34.63
CA ALA D 114 -12.76 5.61 -33.84
C ALA D 114 -12.91 6.83 -34.76
N LEU D 115 -12.07 6.93 -35.77
CA LEU D 115 -12.03 8.09 -36.64
C LEU D 115 -13.25 8.15 -37.56
N SER D 116 -13.68 7.00 -38.06
CA SER D 116 -14.86 6.95 -38.93
C SER D 116 -16.11 7.29 -38.11
N THR D 117 -16.13 6.86 -36.86
CA THR D 117 -17.16 7.23 -35.92
C THR D 117 -17.11 8.73 -35.63
N TYR D 118 -15.91 9.22 -35.37
CA TYR D 118 -15.71 10.62 -35.00
C TYR D 118 -16.02 11.56 -36.15
N ARG D 119 -15.81 11.09 -37.37
CA ARG D 119 -16.15 11.89 -38.55
C ARG D 119 -17.65 12.12 -38.60
N ALA D 120 -18.41 11.10 -38.18
CA ALA D 120 -19.86 11.23 -38.10
C ALA D 120 -20.24 12.21 -36.99
N PHE D 121 -19.46 12.20 -35.91
CA PHE D 121 -19.65 13.16 -34.82
C PHE D 121 -19.47 14.58 -35.35
N GLU D 122 -18.41 14.78 -36.13
CA GLU D 122 -18.09 16.08 -36.70
C GLU D 122 -19.14 16.49 -37.74
N THR D 123 -19.67 15.51 -38.46
CA THR D 123 -20.73 15.75 -39.43
C THR D 123 -21.99 16.22 -38.70
N LEU D 124 -22.29 15.58 -37.58
CA LEU D 124 -23.43 15.96 -36.76
C LEU D 124 -23.18 17.30 -36.06
N TYR D 125 -21.92 17.56 -35.75
CA TYR D 125 -21.55 18.78 -35.03
C TYR D 125 -21.78 20.03 -35.87
N GLU D 126 -21.47 19.94 -37.16
CA GLU D 126 -21.63 21.08 -38.06
C GLU D 126 -23.09 21.30 -38.42
N GLU D 127 -23.90 20.25 -38.29
CA GLU D 127 -25.33 20.37 -38.53
C GLU D 127 -26.04 20.96 -37.32
N GLY D 128 -25.33 21.01 -36.20
CA GLY D 128 -25.85 21.62 -34.98
C GLY D 128 -26.73 20.70 -34.17
N LYS D 129 -26.68 19.40 -34.47
CA LYS D 129 -27.49 18.43 -33.74
C LYS D 129 -26.83 18.05 -32.42
N VAL D 130 -25.51 18.21 -32.35
CA VAL D 130 -24.79 18.04 -31.10
C VAL D 130 -24.02 19.32 -30.76
N LYS D 131 -24.03 19.68 -29.48
CA LYS D 131 -23.40 20.92 -29.04
C LYS D 131 -21.95 20.70 -28.62
N ALA D 132 -21.62 19.45 -28.33
CA ALA D 132 -20.26 19.09 -27.94
C ALA D 132 -20.01 17.62 -28.22
N ILE D 133 -18.78 17.30 -28.62
CA ILE D 133 -18.41 15.92 -28.91
C ILE D 133 -17.16 15.52 -28.16
N GLY D 134 -17.04 14.22 -27.87
CA GLY D 134 -15.90 13.71 -27.14
C GLY D 134 -15.90 12.19 -27.11
N VAL D 135 -15.13 11.63 -26.18
CA VAL D 135 -15.01 10.18 -26.09
C VAL D 135 -15.17 9.69 -24.67
N SER D 136 -15.22 8.37 -24.51
CA SER D 136 -15.28 7.74 -23.19
C SER D 136 -14.39 6.52 -23.15
N ASN D 137 -13.74 6.30 -22.01
CA ASN D 137 -12.81 5.19 -21.82
C ASN D 137 -11.68 5.19 -22.85
N PHE D 138 -11.20 6.38 -23.19
CA PHE D 138 -10.05 6.53 -24.07
C PHE D 138 -8.78 6.77 -23.25
N ASN D 139 -7.70 6.11 -23.62
CA ASN D 139 -6.42 6.33 -22.95
C ASN D 139 -5.58 7.33 -23.76
N VAL D 140 -4.38 7.61 -23.28
CA VAL D 140 -3.52 8.64 -23.86
C VAL D 140 -3.23 8.42 -25.34
N HIS D 141 -2.79 7.21 -25.70
CA HIS D 141 -2.47 6.93 -27.09
C HIS D 141 -3.72 6.90 -27.97
N HIS D 142 -4.88 6.64 -27.34
CA HIS D 142 -6.14 6.74 -28.04
C HIS D 142 -6.45 8.20 -28.34
N LEU D 143 -6.29 9.04 -27.32
CA LEU D 143 -6.53 10.48 -27.46
C LEU D 143 -5.53 11.12 -28.42
N MET D 144 -4.27 10.69 -28.34
CA MET D 144 -3.22 11.23 -29.20
C MET D 144 -3.57 11.10 -30.68
N TYR D 145 -4.24 10.01 -31.03
CA TYR D 145 -4.62 9.77 -32.41
C TYR D 145 -5.69 10.76 -32.85
N LEU D 146 -6.63 11.06 -31.96
CA LEU D 146 -7.69 12.01 -32.27
C LEU D 146 -7.17 13.44 -32.29
N MET D 147 -6.13 13.71 -31.50
CA MET D 147 -5.52 15.04 -31.50
C MET D 147 -4.83 15.33 -32.82
N GLU D 148 -4.37 14.26 -33.48
CA GLU D 148 -3.61 14.38 -34.71
C GLU D 148 -4.48 14.29 -35.97
N ASN D 149 -5.57 13.53 -35.89
CA ASN D 149 -6.32 13.18 -37.09
C ASN D 149 -7.75 13.72 -37.15
N ALA D 150 -8.26 14.25 -36.04
CA ALA D 150 -9.60 14.80 -36.04
C ALA D 150 -9.60 16.28 -36.43
N LYS D 151 -10.68 16.71 -37.06
CA LYS D 151 -10.81 18.09 -37.50
C LYS D 151 -11.31 18.98 -36.37
N ILE D 152 -12.20 18.42 -35.54
CA ILE D 152 -12.66 19.10 -34.33
C ILE D 152 -12.12 18.34 -33.12
N PRO D 153 -11.18 18.97 -32.39
CA PRO D 153 -10.52 18.31 -31.25
C PRO D 153 -11.50 17.90 -30.15
N PRO D 154 -11.35 16.66 -29.64
CA PRO D 154 -12.13 16.10 -28.53
C PRO D 154 -12.29 17.07 -27.36
N MET D 155 -13.49 17.15 -26.80
CA MET D 155 -13.79 18.10 -25.74
C MET D 155 -13.90 17.39 -24.39
N VAL D 156 -14.37 16.15 -24.41
CA VAL D 156 -14.61 15.40 -23.19
C VAL D 156 -14.05 13.98 -23.28
N ASN D 157 -13.42 13.52 -22.20
CA ASN D 157 -13.01 12.13 -22.07
C ASN D 157 -13.57 11.53 -20.78
N GLN D 158 -14.69 10.83 -20.89
CA GLN D 158 -15.36 10.27 -19.72
C GLN D 158 -14.74 8.94 -19.31
N VAL D 159 -13.97 8.96 -18.22
CA VAL D 159 -13.27 7.77 -17.76
C VAL D 159 -13.57 7.47 -16.29
N GLU D 160 -13.36 6.22 -15.91
CA GLU D 160 -13.50 5.81 -14.51
C GLU D 160 -12.48 6.55 -13.65
N THR D 161 -12.96 7.38 -12.73
CA THR D 161 -12.08 8.15 -11.87
C THR D 161 -12.67 8.34 -10.48
N HIS D 162 -11.97 7.80 -9.48
CA HIS D 162 -12.40 7.93 -8.09
C HIS D 162 -11.18 8.03 -7.17
N VAL D 163 -11.40 7.90 -5.87
CA VAL D 163 -10.33 8.12 -4.90
C VAL D 163 -9.28 7.00 -4.89
N THR D 164 -9.64 5.84 -5.42
CA THR D 164 -8.70 4.73 -5.49
C THR D 164 -8.08 4.62 -6.89
N LEU D 165 -8.72 5.25 -7.86
CA LEU D 165 -8.16 5.36 -9.20
C LEU D 165 -8.26 6.82 -9.65
N GLN D 166 -7.29 7.62 -9.22
CA GLN D 166 -7.40 9.08 -9.32
C GLN D 166 -6.97 9.64 -10.67
N ASN D 167 -6.18 8.86 -11.42
CA ASN D 167 -5.79 9.21 -12.78
C ASN D 167 -5.17 10.59 -12.94
N HIS D 168 -4.17 10.90 -12.11
CA HIS D 168 -3.53 12.21 -12.17
C HIS D 168 -2.70 12.39 -13.45
N PHE D 169 -2.16 11.30 -13.98
CA PHE D 169 -1.40 11.35 -15.22
C PHE D 169 -2.32 11.63 -16.40
N LEU D 170 -3.39 10.84 -16.51
CA LEU D 170 -4.37 10.99 -17.58
C LEU D 170 -5.07 12.34 -17.51
N HIS D 171 -5.33 12.80 -16.29
CA HIS D 171 -5.97 14.09 -16.09
C HIS D 171 -5.10 15.22 -16.61
N ASP D 172 -3.79 15.13 -16.36
CA ASP D 172 -2.86 16.16 -16.78
C ASP D 172 -2.68 16.20 -18.30
N TYR D 173 -2.69 15.03 -18.93
CA TYR D 173 -2.61 14.97 -20.39
C TYR D 173 -3.83 15.66 -21.00
N CYS D 174 -5.00 15.34 -20.48
CA CYS D 174 -6.25 15.93 -20.96
C CYS D 174 -6.24 17.44 -20.81
N LYS D 175 -5.87 17.92 -19.63
CA LYS D 175 -5.82 19.35 -19.35
C LYS D 175 -4.83 20.06 -20.27
N LYS D 176 -3.70 19.43 -20.53
CA LYS D 176 -2.70 19.99 -21.42
C LYS D 176 -3.22 20.11 -22.85
N ASN D 177 -4.00 19.12 -23.25
CA ASN D 177 -4.56 19.10 -24.60
C ASN D 177 -6.01 19.59 -24.64
N ASN D 178 -6.36 20.42 -23.66
CA ASN D 178 -7.68 21.04 -23.58
C ASN D 178 -8.83 20.04 -23.65
N ILE D 179 -8.70 18.94 -22.93
CA ILE D 179 -9.75 17.93 -22.87
C ILE D 179 -10.34 17.89 -21.46
N GLN D 180 -11.64 18.09 -21.36
CA GLN D 180 -12.32 18.06 -20.07
C GLN D 180 -12.54 16.62 -19.62
N LEU D 181 -11.77 16.19 -18.62
CA LEU D 181 -11.91 14.85 -18.08
C LEU D 181 -13.20 14.74 -17.28
N GLU D 182 -13.99 13.71 -17.57
CA GLU D 182 -15.23 13.47 -16.85
C GLU D 182 -15.18 12.14 -16.13
N ALA D 183 -15.55 12.14 -14.85
CA ALA D 183 -15.42 10.95 -14.02
C ALA D 183 -16.73 10.20 -13.87
N TYR D 184 -16.77 8.96 -14.35
CA TYR D 184 -17.89 8.08 -14.03
C TYR D 184 -17.44 7.11 -12.94
N ALA D 185 -18.40 6.40 -12.36
CA ALA D 185 -18.18 5.60 -11.17
C ALA D 185 -17.39 6.35 -10.09
N PRO D 186 -17.84 7.56 -9.72
CA PRO D 186 -17.06 8.36 -8.77
C PRO D 186 -17.14 7.82 -7.35
N LEU D 187 -18.18 7.03 -7.07
CA LEU D 187 -18.31 6.38 -5.78
C LEU D 187 -17.87 4.93 -5.87
N MET D 188 -16.97 4.67 -6.82
CA MET D 188 -16.38 3.35 -7.06
C MET D 188 -17.42 2.29 -7.39
N SER D 189 -18.56 2.71 -7.93
CA SER D 189 -19.61 1.81 -8.42
C SER D 189 -19.99 0.72 -7.42
N HIS D 190 -19.83 -0.53 -7.84
CA HIS D 190 -20.20 -1.67 -7.00
C HIS D 190 -19.13 -2.00 -5.95
N GLN D 191 -18.03 -1.26 -6.00
CA GLN D 191 -17.00 -1.35 -4.97
C GLN D 191 -17.17 -0.19 -3.99
N ILE D 192 -18.42 0.23 -3.82
CA ILE D 192 -18.78 1.35 -2.96
C ILE D 192 -18.33 1.16 -1.51
N LYS D 193 -18.25 -0.10 -1.08
CA LYS D 193 -17.98 -0.40 0.32
C LYS D 193 -16.56 -0.08 0.78
N ASP D 194 -15.59 -0.26 -0.12
CA ASP D 194 -14.23 0.11 0.17
C ASP D 194 -14.12 1.59 0.41
N LEU D 195 -14.88 2.35 -0.33
CA LEU D 195 -14.92 3.79 -0.18
C LEU D 195 -15.54 4.16 1.16
N LEU D 196 -16.65 3.51 1.48
CA LEU D 196 -17.40 3.78 2.70
C LEU D 196 -16.66 3.34 3.96
N SER D 197 -15.70 2.43 3.80
CA SER D 197 -14.99 1.88 4.95
C SER D 197 -13.61 2.52 5.14
N ASN D 198 -13.24 3.42 4.24
CA ASN D 198 -11.92 4.04 4.29
C ASN D 198 -11.75 4.94 5.51
N GLU D 199 -10.61 4.81 6.18
CA GLU D 199 -10.32 5.59 7.38
C GLU D 199 -10.15 7.07 7.06
N THR D 200 -9.64 7.37 5.87
CA THR D 200 -9.30 8.74 5.50
C THR D 200 -10.55 9.53 5.13
N MET D 201 -11.39 8.93 4.29
CA MET D 201 -12.63 9.56 3.85
C MET D 201 -13.56 9.82 5.03
N ALA D 202 -13.60 8.86 5.96
CA ALA D 202 -14.46 8.96 7.14
C ALA D 202 -14.03 10.12 8.04
N LYS D 203 -12.72 10.30 8.18
CA LYS D 203 -12.18 11.39 8.98
C LYS D 203 -12.58 12.75 8.42
N ILE D 204 -12.33 12.94 7.13
CA ILE D 204 -12.65 14.19 6.45
C ILE D 204 -14.15 14.42 6.41
N ALA D 205 -14.91 13.34 6.28
CA ALA D 205 -16.36 13.42 6.28
C ALA D 205 -16.86 13.99 7.61
N LYS D 206 -16.26 13.53 8.70
CA LYS D 206 -16.61 14.02 10.04
C LYS D 206 -16.20 15.48 10.19
N LYS D 207 -15.11 15.86 9.55
CA LYS D 207 -14.58 17.21 9.63
C LYS D 207 -15.53 18.25 9.06
N HIS D 208 -16.17 17.93 7.94
CA HIS D 208 -17.02 18.90 7.25
C HIS D 208 -18.51 18.64 7.46
N ASP D 209 -18.84 17.73 8.38
CA ASP D 209 -20.23 17.37 8.68
C ASP D 209 -20.95 16.92 7.42
N LYS D 210 -20.29 16.06 6.65
CA LYS D 210 -20.86 15.52 5.42
C LYS D 210 -20.66 14.01 5.34
N THR D 211 -21.32 13.37 4.39
CA THR D 211 -21.14 11.94 4.19
C THR D 211 -19.90 11.70 3.34
N ILE D 212 -19.38 10.47 3.38
CA ILE D 212 -18.21 10.09 2.59
C ILE D 212 -18.43 10.28 1.08
N PRO D 213 -19.58 9.84 0.53
CA PRO D 213 -19.78 10.08 -0.91
C PRO D 213 -19.78 11.57 -1.28
N GLN D 214 -20.16 12.43 -0.34
CA GLN D 214 -20.16 13.87 -0.58
C GLN D 214 -18.75 14.42 -0.69
N ILE D 215 -17.85 13.92 0.15
CA ILE D 215 -16.45 14.34 0.09
C ILE D 215 -15.81 13.82 -1.20
N ALA D 216 -16.10 12.57 -1.54
CA ALA D 216 -15.60 11.96 -2.75
C ALA D 216 -16.03 12.74 -3.99
N ILE D 217 -17.30 13.14 -4.01
CA ILE D 217 -17.85 13.92 -5.11
C ILE D 217 -17.23 15.32 -5.14
N ARG D 218 -17.16 15.96 -3.97
CA ARG D 218 -16.59 17.30 -3.86
C ARG D 218 -15.11 17.30 -4.22
N TRP D 219 -14.42 16.20 -3.92
CA TRP D 219 -13.01 16.05 -4.21
C TRP D 219 -12.72 16.17 -5.70
N LEU D 220 -13.63 15.63 -6.51
CA LEU D 220 -13.50 15.71 -7.96
C LEU D 220 -13.75 17.11 -8.46
N ILE D 221 -14.75 17.77 -7.87
CA ILE D 221 -15.07 19.15 -8.21
C ILE D 221 -13.90 20.07 -7.86
N GLU D 222 -13.22 19.75 -6.76
CA GLU D 222 -12.06 20.51 -6.32
C GLU D 222 -10.92 20.38 -7.33
N ARG D 223 -10.93 19.30 -8.10
CA ARG D 223 -9.93 19.07 -9.13
C ARG D 223 -10.39 19.55 -10.50
N GLU D 224 -11.52 20.26 -10.51
CA GLU D 224 -12.15 20.73 -11.75
C GLU D 224 -12.45 19.58 -12.70
N ILE D 225 -12.98 18.49 -12.15
CA ILE D 225 -13.39 17.34 -12.94
C ILE D 225 -14.90 17.15 -12.89
N VAL D 226 -15.53 17.04 -14.07
CA VAL D 226 -16.96 16.82 -14.13
C VAL D 226 -17.32 15.45 -13.57
N VAL D 227 -18.21 15.44 -12.58
CA VAL D 227 -18.56 14.20 -11.88
C VAL D 227 -20.04 13.86 -12.05
N ILE D 228 -20.31 12.60 -12.39
CA ILE D 228 -21.68 12.13 -12.56
C ILE D 228 -21.97 10.89 -11.72
N PRO D 229 -22.33 11.10 -10.44
CA PRO D 229 -22.66 9.98 -9.55
C PRO D 229 -23.93 9.26 -9.98
N LYS D 230 -23.89 7.93 -9.93
CA LYS D 230 -25.03 7.11 -10.38
C LYS D 230 -25.91 6.68 -9.21
N SER D 231 -27.20 6.87 -9.36
CA SER D 231 -28.17 6.51 -8.34
C SER D 231 -29.60 6.53 -8.89
N ILE D 232 -30.47 5.70 -8.30
CA ILE D 232 -31.89 5.73 -8.63
C ILE D 232 -32.70 5.91 -7.35
N THR D 233 -32.00 5.97 -6.23
CA THR D 233 -32.64 6.18 -4.93
C THR D 233 -32.82 7.68 -4.68
N PRO D 234 -34.08 8.13 -4.64
CA PRO D 234 -34.48 9.54 -4.52
C PRO D 234 -33.66 10.31 -3.47
N GLU D 235 -33.47 9.73 -2.30
CA GLU D 235 -32.83 10.45 -1.20
C GLU D 235 -31.30 10.53 -1.33
N ARG D 236 -30.68 9.59 -2.03
CA ARG D 236 -29.23 9.68 -2.15
C ARG D 236 -28.81 10.45 -3.39
N ILE D 237 -29.80 10.82 -4.20
CA ILE D 237 -29.56 11.75 -5.30
C ILE D 237 -29.42 13.18 -4.77
N VAL D 238 -30.04 13.48 -3.63
CA VAL D 238 -30.01 14.86 -3.13
C VAL D 238 -28.70 15.19 -2.39
N GLN D 239 -28.15 14.26 -1.62
CA GLN D 239 -26.90 14.55 -0.91
C GLN D 239 -25.73 14.57 -1.89
N ASN D 240 -25.83 13.77 -2.94
CA ASN D 240 -24.83 13.77 -4.00
C ASN D 240 -24.73 15.16 -4.62
N PHE D 241 -25.87 15.84 -4.69
CA PHE D 241 -25.93 17.19 -5.25
C PHE D 241 -25.55 18.24 -4.21
N ASP D 242 -25.80 17.93 -2.94
CA ASP D 242 -25.51 18.86 -1.86
C ASP D 242 -24.02 18.87 -1.53
N VAL D 243 -23.23 19.41 -2.45
CA VAL D 243 -21.77 19.45 -2.28
C VAL D 243 -21.20 20.80 -2.71
N PHE D 244 -21.98 21.86 -2.53
CA PHE D 244 -21.56 23.19 -2.96
C PHE D 244 -21.58 24.19 -1.80
N ASP D 245 -21.87 23.70 -0.60
CA ASP D 245 -21.94 24.57 0.56
C ASP D 245 -20.69 24.44 1.43
N PHE D 246 -19.63 23.84 0.87
CA PHE D 246 -18.37 23.72 1.58
C PHE D 246 -17.21 23.52 0.62
N THR D 247 -15.99 23.57 1.16
CA THR D 247 -14.78 23.40 0.36
C THR D 247 -13.75 22.59 1.15
N LEU D 248 -13.05 21.69 0.45
CA LEU D 248 -12.02 20.88 1.08
C LEU D 248 -10.71 21.65 1.22
N ASP D 249 -10.04 21.43 2.34
CA ASP D 249 -8.77 22.07 2.63
C ASP D 249 -7.69 21.53 1.71
N GLU D 250 -6.54 22.17 1.72
CA GLU D 250 -5.38 21.62 1.02
C GLU D 250 -4.90 20.37 1.74
N GLU D 251 -5.05 20.37 3.06
CA GLU D 251 -4.71 19.21 3.89
C GLU D 251 -5.64 18.05 3.56
N ASP D 252 -6.89 18.35 3.25
CA ASP D 252 -7.86 17.33 2.84
C ASP D 252 -7.48 16.74 1.49
N MET D 253 -7.12 17.61 0.54
CA MET D 253 -6.72 17.17 -0.79
C MET D 253 -5.43 16.37 -0.74
N LYS D 254 -4.63 16.60 0.29
CA LYS D 254 -3.37 15.89 0.49
C LYS D 254 -3.62 14.47 1.00
N SER D 255 -4.54 14.33 1.94
CA SER D 255 -4.86 13.04 2.53
C SER D 255 -5.57 12.13 1.53
N ILE D 256 -6.53 12.68 0.81
CA ILE D 256 -7.28 11.91 -0.19
C ILE D 256 -6.36 11.41 -1.30
N ARG D 257 -5.31 12.17 -1.58
CA ARG D 257 -4.32 11.79 -2.58
C ARG D 257 -3.73 10.41 -2.28
N SER D 258 -3.51 10.13 -1.01
CA SER D 258 -2.89 8.87 -0.59
C SER D 258 -3.85 7.69 -0.69
N VAL D 259 -5.14 7.97 -0.88
CA VAL D 259 -6.16 6.93 -1.00
C VAL D 259 -6.00 6.17 -2.31
N ASN D 260 -5.32 6.78 -3.28
CA ASN D 260 -5.10 6.15 -4.58
C ASN D 260 -4.37 4.82 -4.46
N THR D 261 -4.86 3.82 -5.18
CA THR D 261 -4.29 2.48 -5.12
C THR D 261 -4.06 1.92 -6.52
N GLY D 262 -4.66 2.55 -7.51
CA GLY D 262 -4.47 2.16 -8.90
C GLY D 262 -5.22 0.90 -9.29
N LYS D 263 -6.17 0.50 -8.47
CA LYS D 263 -6.96 -0.70 -8.76
C LYS D 263 -8.14 -0.36 -9.67
N LYS D 264 -7.90 -0.40 -10.98
CA LYS D 264 -8.94 -0.18 -11.97
C LYS D 264 -10.07 -1.19 -11.80
N ILE D 265 -11.30 -0.70 -11.81
CA ILE D 265 -12.46 -1.57 -11.60
C ILE D 265 -13.04 -2.08 -12.92
N PHE D 266 -13.12 -1.20 -13.92
CA PHE D 266 -13.75 -1.54 -15.18
C PHE D 266 -12.74 -1.99 -16.24
N THR D 267 -13.26 -2.47 -17.36
CA THR D 267 -12.46 -3.09 -18.42
C THR D 267 -11.26 -2.24 -18.86
N GLU D 268 -10.11 -2.89 -18.98
CA GLU D 268 -8.89 -2.24 -19.45
C GLU D 268 -9.13 -1.61 -20.82
N PHE D 269 -8.58 -0.42 -21.03
CA PHE D 269 -8.87 0.40 -22.20
C PHE D 269 -8.72 -0.32 -23.54
N ASP D 270 -7.77 -1.25 -23.64
CA ASP D 270 -7.48 -1.89 -24.91
C ASP D 270 -7.90 -3.36 -24.97
N ASN D 271 -8.63 -3.82 -23.96
CA ASN D 271 -9.06 -5.21 -23.94
C ASN D 271 -10.58 -5.36 -24.00
N VAL D 272 -11.21 -4.49 -24.79
CA VAL D 272 -12.66 -4.53 -24.96
C VAL D 272 -13.05 -5.40 -26.16
N ASP D 273 -13.90 -6.39 -25.92
CA ASP D 273 -14.30 -7.31 -26.98
C ASP D 273 -15.77 -7.14 -27.34
N TYR D 274 -16.55 -6.57 -26.43
CA TYR D 274 -17.96 -6.31 -26.66
C TYR D 274 -18.16 -5.01 -27.45
N SER E 3 -33.63 -44.26 -5.22
CA SER E 3 -34.72 -44.18 -4.28
C SER E 3 -34.29 -44.55 -2.90
N VAL E 4 -34.93 -43.95 -1.91
CA VAL E 4 -34.63 -44.19 -0.53
C VAL E 4 -35.97 -44.38 0.13
N LYS E 5 -36.01 -45.21 1.14
CA LYS E 5 -37.15 -45.46 2.00
C LYS E 5 -37.15 -44.53 3.21
N LEU E 6 -38.15 -43.65 3.30
CA LEU E 6 -38.30 -42.80 4.47
C LEU E 6 -38.85 -43.62 5.63
N ASN E 7 -38.89 -43.04 6.83
CA ASN E 7 -39.29 -43.80 8.01
C ASN E 7 -40.75 -44.25 7.98
N ASN E 8 -41.51 -43.71 7.04
CA ASN E 8 -42.89 -44.13 6.82
C ASN E 8 -42.99 -45.04 5.60
N ASN E 9 -41.83 -45.56 5.18
CA ASN E 9 -41.69 -46.47 4.05
C ASN E 9 -42.06 -45.84 2.70
N TYR E 10 -42.23 -44.53 2.68
CA TYR E 10 -42.49 -43.81 1.44
C TYR E 10 -41.19 -43.61 0.68
N GLU E 11 -41.22 -43.86 -0.63
CA GLU E 11 -40.00 -43.77 -1.44
C GLU E 11 -39.74 -42.36 -1.94
N MET E 12 -38.47 -42.00 -1.98
CA MET E 12 -38.04 -40.67 -2.40
C MET E 12 -36.80 -40.78 -3.28
N PRO E 13 -36.90 -40.33 -4.54
CA PRO E 13 -35.76 -40.36 -5.46
C PRO E 13 -34.55 -39.63 -4.88
N ILE E 14 -33.44 -40.35 -4.77
CA ILE E 14 -32.24 -39.82 -4.11
C ILE E 14 -31.67 -38.60 -4.85
N ILE E 15 -32.07 -38.43 -6.10
CA ILE E 15 -31.70 -37.22 -6.84
C ILE E 15 -32.97 -36.50 -7.32
N GLY E 16 -32.91 -35.17 -7.32
CA GLY E 16 -34.03 -34.37 -7.78
C GLY E 16 -33.58 -33.03 -8.32
N LEU E 17 -34.46 -32.36 -9.05
CA LEU E 17 -34.15 -31.03 -9.58
C LEU E 17 -34.53 -29.95 -8.59
N GLY E 18 -33.55 -29.14 -8.19
CA GLY E 18 -33.81 -27.98 -7.37
C GLY E 18 -34.24 -26.83 -8.25
N THR E 19 -35.37 -26.21 -7.92
CA THR E 19 -35.92 -25.13 -8.73
C THR E 19 -35.89 -23.81 -7.96
N PHE E 20 -34.82 -23.04 -8.16
CA PHE E 20 -34.64 -21.78 -7.45
C PHE E 20 -35.55 -20.67 -8.01
N ARG E 21 -35.53 -19.51 -7.35
CA ARG E 21 -36.32 -18.37 -7.78
C ARG E 21 -35.85 -17.88 -9.14
N SER E 22 -36.67 -18.10 -10.15
CA SER E 22 -36.27 -17.84 -11.53
C SER E 22 -37.09 -16.73 -12.18
N LYS E 23 -36.70 -16.35 -13.39
CA LYS E 23 -37.49 -15.45 -14.20
C LYS E 23 -38.25 -16.27 -15.23
N LYS E 24 -39.34 -15.71 -15.74
CA LYS E 24 -40.10 -16.27 -16.86
C LYS E 24 -40.32 -17.80 -16.79
N ASN E 25 -40.32 -18.45 -17.93
CA ASN E 25 -40.52 -19.89 -18.03
C ASN E 25 -39.24 -20.70 -17.85
N ASP E 26 -38.20 -20.06 -17.30
CA ASP E 26 -36.98 -20.75 -16.92
C ASP E 26 -37.30 -21.94 -16.04
N ALA E 27 -38.17 -21.71 -15.07
CA ALA E 27 -38.60 -22.74 -14.13
C ALA E 27 -39.40 -23.84 -14.83
N TYR E 28 -40.23 -23.44 -15.79
CA TYR E 28 -41.08 -24.38 -16.50
C TYR E 28 -40.27 -25.38 -17.31
N ASN E 29 -39.44 -24.89 -18.23
CA ASN E 29 -38.72 -25.76 -19.14
C ASN E 29 -37.58 -26.52 -18.47
N ALA E 30 -37.07 -25.98 -17.36
CA ALA E 30 -36.06 -26.70 -16.58
C ALA E 30 -36.67 -27.98 -16.03
N VAL E 31 -37.85 -27.84 -15.43
CA VAL E 31 -38.61 -29.00 -14.95
C VAL E 31 -38.97 -29.90 -16.11
N LYS E 32 -39.34 -29.29 -17.24
CA LYS E 32 -39.72 -30.06 -18.42
C LYS E 32 -38.51 -30.79 -19.00
N ALA E 33 -37.36 -30.13 -19.01
CA ALA E 33 -36.13 -30.76 -19.49
C ALA E 33 -35.70 -31.86 -18.54
N ALA E 34 -35.87 -31.61 -17.24
CA ALA E 34 -35.49 -32.58 -16.21
C ALA E 34 -36.31 -33.86 -16.32
N LEU E 35 -37.63 -33.71 -16.39
CA LEU E 35 -38.53 -34.86 -16.47
C LEU E 35 -38.25 -35.70 -17.72
N GLU E 36 -37.99 -35.03 -18.84
CA GLU E 36 -37.65 -35.72 -20.07
C GLU E 36 -36.27 -36.36 -19.98
N GLY E 37 -35.46 -35.87 -19.05
CA GLY E 37 -34.11 -36.38 -18.86
C GLY E 37 -34.04 -37.60 -17.96
N GLY E 38 -35.11 -37.82 -17.18
CA GLY E 38 -35.17 -38.96 -16.30
C GLY E 38 -35.51 -38.62 -14.86
N TYR E 39 -35.55 -37.32 -14.56
CA TYR E 39 -35.89 -36.86 -13.22
C TYR E 39 -37.31 -37.29 -12.83
N ARG E 40 -37.46 -37.72 -11.57
CA ARG E 40 -38.78 -38.05 -11.03
C ARG E 40 -38.94 -37.38 -9.68
N HIS E 41 -38.22 -36.28 -9.49
CA HIS E 41 -38.20 -35.56 -8.22
C HIS E 41 -37.92 -34.08 -8.47
N ILE E 42 -38.87 -33.23 -8.09
CA ILE E 42 -38.72 -31.79 -8.25
C ILE E 42 -38.90 -31.08 -6.92
N ASP E 43 -37.94 -30.24 -6.56
CA ASP E 43 -37.98 -29.53 -5.29
C ASP E 43 -38.30 -28.04 -5.50
N THR E 44 -39.37 -27.58 -4.89
CA THR E 44 -39.76 -26.17 -4.95
C THR E 44 -40.11 -25.63 -3.58
N ALA E 45 -40.51 -24.37 -3.53
CA ALA E 45 -40.93 -23.66 -2.30
C ALA E 45 -41.87 -22.51 -2.63
N MET E 46 -42.67 -22.11 -1.67
CA MET E 46 -43.60 -20.99 -1.85
C MET E 46 -42.84 -19.72 -2.14
N ILE E 47 -41.73 -19.52 -1.46
CA ILE E 47 -40.96 -18.32 -1.60
C ILE E 47 -40.36 -18.12 -2.98
N TYR E 48 -40.16 -19.20 -3.70
CA TYR E 48 -39.61 -19.14 -5.05
C TYR E 48 -40.58 -18.43 -5.99
N GLY E 49 -41.87 -18.63 -5.76
CA GLY E 49 -42.89 -18.08 -6.63
C GLY E 49 -42.85 -18.72 -8.01
N ASN E 50 -42.53 -20.02 -8.04
CA ASN E 50 -42.43 -20.74 -9.30
C ASN E 50 -43.31 -22.00 -9.32
N GLU E 51 -44.11 -22.16 -8.28
CA GLU E 51 -44.96 -23.35 -8.13
C GLU E 51 -45.96 -23.49 -9.27
N GLU E 52 -46.46 -22.39 -9.78
CA GLU E 52 -47.42 -22.45 -10.86
C GLU E 52 -46.82 -23.03 -12.11
N GLU E 53 -45.58 -22.70 -12.37
CA GLU E 53 -44.91 -23.20 -13.56
C GLU E 53 -44.39 -24.62 -13.36
N VAL E 54 -43.95 -24.92 -12.14
CA VAL E 54 -43.51 -26.27 -11.82
C VAL E 54 -44.63 -27.28 -12.02
N GLY E 55 -45.76 -27.04 -11.35
CA GLY E 55 -46.89 -27.93 -11.46
C GLY E 55 -47.51 -27.92 -12.85
N ARG E 56 -47.20 -26.91 -13.63
CA ARG E 56 -47.72 -26.76 -14.98
C ARG E 56 -46.93 -27.63 -15.87
N ALA E 57 -45.63 -27.71 -15.58
CA ALA E 57 -44.70 -28.52 -16.35
C ALA E 57 -44.91 -30.01 -16.08
N ILE E 58 -45.22 -30.30 -14.82
CA ILE E 58 -45.52 -31.65 -14.38
C ILE E 58 -46.73 -32.22 -15.13
N LYS E 59 -47.71 -31.37 -15.38
CA LYS E 59 -48.94 -31.79 -16.02
C LYS E 59 -48.83 -31.78 -17.55
N ASP E 60 -47.91 -30.97 -18.06
CA ASP E 60 -47.67 -30.92 -19.51
C ASP E 60 -46.99 -32.18 -20.00
N SER E 61 -46.13 -32.76 -19.16
CA SER E 61 -45.50 -34.03 -19.47
C SER E 61 -46.49 -35.18 -19.27
N ASN E 62 -46.39 -36.20 -20.10
CA ASN E 62 -47.27 -37.36 -19.98
C ASN E 62 -46.82 -38.34 -18.91
N ILE E 63 -45.87 -37.93 -18.07
CA ILE E 63 -45.42 -38.79 -16.99
C ILE E 63 -46.44 -38.74 -15.87
N PRO E 64 -46.99 -39.92 -15.52
CA PRO E 64 -48.01 -40.03 -14.47
C PRO E 64 -47.58 -39.33 -13.19
N ARG E 65 -48.48 -38.51 -12.64
CA ARG E 65 -48.22 -37.72 -11.44
C ARG E 65 -47.60 -38.53 -10.30
N GLU E 66 -48.12 -39.74 -10.10
CA GLU E 66 -47.68 -40.59 -9.00
C GLU E 66 -46.26 -41.10 -9.19
N GLU E 67 -45.73 -40.97 -10.40
CA GLU E 67 -44.35 -41.36 -10.68
C GLU E 67 -43.39 -40.22 -10.35
N ILE E 68 -43.95 -39.04 -10.08
CA ILE E 68 -43.14 -37.86 -9.81
C ILE E 68 -43.22 -37.45 -8.34
N PHE E 69 -42.06 -37.23 -7.73
CA PHE E 69 -41.96 -36.78 -6.35
C PHE E 69 -41.93 -35.25 -6.29
N VAL E 70 -42.93 -34.65 -5.66
CA VAL E 70 -43.01 -33.21 -5.58
C VAL E 70 -42.80 -32.70 -4.16
N THR E 71 -41.79 -31.86 -3.98
CA THR E 71 -41.51 -31.26 -2.68
C THR E 71 -41.69 -29.75 -2.72
N THR E 72 -42.48 -29.22 -1.79
CA THR E 72 -42.56 -27.78 -1.59
C THR E 72 -42.41 -27.46 -0.11
N LYS E 73 -42.22 -26.19 0.21
CA LYS E 73 -41.91 -25.80 1.59
C LYS E 73 -42.81 -24.68 2.09
N LEU E 74 -42.93 -24.59 3.41
CA LEU E 74 -43.71 -23.52 4.04
C LEU E 74 -42.80 -22.38 4.46
N TRP E 75 -43.13 -21.18 3.99
CA TRP E 75 -42.29 -20.01 4.23
C TRP E 75 -42.46 -19.47 5.66
N ASN E 76 -41.41 -18.83 6.17
CA ASN E 76 -41.35 -18.33 7.54
C ASN E 76 -42.56 -17.53 7.99
N THR E 77 -43.06 -16.67 7.11
CA THR E 77 -44.16 -15.78 7.46
C THR E 77 -45.47 -16.52 7.70
N ASP E 78 -45.53 -17.78 7.30
CA ASP E 78 -46.76 -18.56 7.39
C ASP E 78 -46.73 -19.60 8.49
N GLN E 79 -45.79 -19.48 9.43
CA GLN E 79 -45.71 -20.43 10.53
C GLN E 79 -46.86 -20.20 11.51
N GLY E 80 -47.35 -21.29 12.10
CA GLY E 80 -48.55 -21.25 12.92
C GLY E 80 -49.61 -22.15 12.30
N TYR E 81 -50.33 -22.87 13.15
CA TYR E 81 -51.27 -23.91 12.71
C TYR E 81 -52.22 -23.47 11.59
N GLU E 82 -52.99 -22.41 11.84
CA GLU E 82 -53.99 -21.96 10.86
C GLU E 82 -53.35 -21.37 9.62
N LYS E 83 -52.31 -20.56 9.81
CA LYS E 83 -51.62 -19.94 8.69
C LYS E 83 -50.93 -21.00 7.83
N THR E 84 -50.53 -22.09 8.46
CA THR E 84 -49.90 -23.21 7.77
C THR E 84 -50.88 -23.96 6.88
N LEU E 85 -52.05 -24.28 7.43
CA LEU E 85 -53.09 -24.99 6.69
C LEU E 85 -53.47 -24.26 5.41
N GLU E 86 -53.57 -22.93 5.50
CA GLU E 86 -53.94 -22.11 4.36
C GLU E 86 -52.80 -21.96 3.37
N ALA E 87 -51.58 -21.84 3.88
CA ALA E 87 -50.39 -21.71 3.03
C ALA E 87 -50.22 -22.95 2.17
N PHE E 88 -50.37 -24.12 2.79
CA PHE E 88 -50.30 -25.39 2.08
C PHE E 88 -51.40 -25.47 1.02
N ASN E 89 -52.59 -24.98 1.37
CA ASN E 89 -53.72 -24.96 0.45
C ASN E 89 -53.39 -24.12 -0.78
N THR E 90 -52.67 -23.02 -0.56
CA THR E 90 -52.24 -22.15 -1.64
C THR E 90 -51.22 -22.85 -2.53
N SER E 91 -50.22 -23.47 -1.90
CA SER E 91 -49.17 -24.18 -2.63
C SER E 91 -49.73 -25.33 -3.46
N LEU E 92 -50.66 -26.07 -2.87
CA LEU E 92 -51.32 -27.18 -3.55
C LEU E 92 -52.03 -26.68 -4.80
N LYS E 93 -52.77 -25.61 -4.69
CA LYS E 93 -53.46 -25.09 -5.83
C LYS E 93 -52.51 -24.55 -6.86
N ASN E 94 -51.51 -23.85 -6.40
CA ASN E 94 -50.55 -23.29 -7.33
C ASN E 94 -49.88 -24.36 -8.17
N LEU E 95 -49.61 -25.51 -7.55
CA LEU E 95 -48.97 -26.62 -8.26
C LEU E 95 -49.98 -27.42 -9.07
N GLY E 96 -51.26 -27.10 -8.89
CA GLY E 96 -52.32 -27.81 -9.59
C GLY E 96 -52.36 -29.28 -9.21
N LEU E 97 -52.10 -29.57 -7.95
CA LEU E 97 -52.06 -30.95 -7.46
C LEU E 97 -53.18 -31.25 -6.49
N ASP E 98 -53.38 -32.53 -6.19
CA ASP E 98 -54.37 -32.95 -5.21
C ASP E 98 -53.68 -33.42 -3.94
N TYR E 99 -52.39 -33.72 -4.06
CA TYR E 99 -51.57 -34.09 -2.92
C TYR E 99 -50.12 -33.73 -3.18
N ILE E 100 -49.35 -33.55 -2.11
CA ILE E 100 -47.94 -33.20 -2.22
C ILE E 100 -47.09 -34.28 -1.55
N ASP E 101 -46.05 -34.72 -2.24
CA ASP E 101 -45.21 -35.81 -1.76
C ASP E 101 -44.51 -35.46 -0.45
N LEU E 102 -43.84 -34.31 -0.42
CA LEU E 102 -43.10 -33.88 0.76
C LEU E 102 -43.31 -32.41 1.08
N TYR E 103 -43.58 -32.12 2.36
CA TYR E 103 -43.79 -30.75 2.80
C TYR E 103 -42.83 -30.41 3.94
N LEU E 104 -42.09 -29.32 3.78
CA LEU E 104 -41.04 -28.97 4.73
C LEU E 104 -41.22 -27.60 5.37
N ILE E 105 -40.87 -27.50 6.65
CA ILE E 105 -40.68 -26.20 7.28
C ILE E 105 -39.37 -25.62 6.79
N HIS E 106 -39.43 -24.47 6.14
CA HIS E 106 -38.26 -23.91 5.46
C HIS E 106 -37.16 -23.48 6.42
N TRP E 107 -37.55 -22.79 7.49
CA TRP E 107 -36.57 -22.29 8.46
C TRP E 107 -37.06 -22.45 9.89
N PHE E 108 -36.14 -22.44 10.84
CA PHE E 108 -36.47 -22.43 12.25
C PHE E 108 -36.82 -21.01 12.69
N LYS E 109 -37.98 -20.85 13.32
CA LYS E 109 -38.44 -19.56 13.78
C LYS E 109 -38.90 -19.61 15.23
N GLY E 110 -38.31 -20.53 16.00
CA GLY E 110 -38.71 -20.72 17.38
C GLY E 110 -39.39 -22.05 17.59
N TYR E 111 -39.26 -22.60 18.80
CA TYR E 111 -39.81 -23.92 19.11
C TYR E 111 -41.34 -23.94 18.98
N ASP E 112 -42.00 -22.98 19.60
CA ASP E 112 -43.46 -22.93 19.60
C ASP E 112 -44.00 -22.75 18.19
N ASN E 113 -43.36 -21.89 17.41
CA ASN E 113 -43.74 -21.70 16.02
C ASN E 113 -43.50 -22.95 15.20
N ALA E 114 -42.43 -23.68 15.52
CA ALA E 114 -42.11 -24.92 14.82
C ALA E 114 -43.14 -26.00 15.11
N LEU E 115 -43.50 -26.16 16.38
CA LEU E 115 -44.44 -27.20 16.78
C LEU E 115 -45.86 -26.86 16.31
N SER E 116 -46.21 -25.58 16.36
CA SER E 116 -47.52 -25.13 15.90
C SER E 116 -47.66 -25.41 14.40
N THR E 117 -46.61 -25.11 13.66
CA THR E 117 -46.56 -25.37 12.22
C THR E 117 -46.63 -26.87 11.94
N TYR E 118 -45.87 -27.65 12.70
CA TYR E 118 -45.74 -29.08 12.46
C TYR E 118 -47.00 -29.86 12.82
N ARG E 119 -47.74 -29.37 13.81
CA ARG E 119 -49.02 -29.98 14.18
C ARG E 119 -49.97 -29.96 12.99
N ALA E 120 -49.88 -28.90 12.20
CA ALA E 120 -50.68 -28.77 11.00
C ALA E 120 -50.20 -29.71 9.91
N PHE E 121 -48.88 -29.90 9.84
CA PHE E 121 -48.30 -30.87 8.92
C PHE E 121 -48.87 -32.26 9.22
N GLU E 122 -48.98 -32.56 10.51
CA GLU E 122 -49.50 -33.84 10.97
C GLU E 122 -50.97 -34.01 10.59
N THR E 123 -51.73 -32.92 10.71
CA THR E 123 -53.13 -32.94 10.31
C THR E 123 -53.25 -33.18 8.81
N LEU E 124 -52.41 -32.49 8.05
CA LEU E 124 -52.35 -32.67 6.60
C LEU E 124 -51.94 -34.10 6.24
N TYR E 125 -51.04 -34.66 7.05
CA TYR E 125 -50.58 -36.03 6.83
C TYR E 125 -51.69 -37.02 7.14
N GLU E 126 -52.46 -36.75 8.18
CA GLU E 126 -53.57 -37.59 8.58
C GLU E 126 -54.67 -37.56 7.53
N GLU E 127 -54.89 -36.37 6.95
CA GLU E 127 -55.91 -36.19 5.93
C GLU E 127 -55.46 -36.76 4.59
N GLY E 128 -54.21 -37.18 4.51
CA GLY E 128 -53.68 -37.82 3.32
C GLY E 128 -53.35 -36.85 2.19
N LYS E 129 -53.15 -35.58 2.53
CA LYS E 129 -52.86 -34.58 1.53
C LYS E 129 -51.35 -34.36 1.35
N VAL E 130 -50.58 -34.84 2.32
CA VAL E 130 -49.12 -34.92 2.14
C VAL E 130 -48.66 -36.35 2.39
N LYS E 131 -47.73 -36.79 1.56
CA LYS E 131 -47.22 -38.15 1.61
C LYS E 131 -46.05 -38.31 2.52
N ALA E 132 -45.45 -37.21 2.90
CA ALA E 132 -44.33 -37.19 3.84
C ALA E 132 -44.13 -35.79 4.40
N ILE E 133 -43.72 -35.71 5.66
CA ILE E 133 -43.50 -34.42 6.31
C ILE E 133 -42.10 -34.35 6.90
N GLY E 134 -41.51 -33.15 6.89
CA GLY E 134 -40.18 -32.95 7.42
C GLY E 134 -39.86 -31.47 7.60
N VAL E 135 -38.57 -31.18 7.79
CA VAL E 135 -38.14 -29.81 8.00
C VAL E 135 -36.97 -29.45 7.08
N SER E 136 -36.59 -28.17 7.13
CA SER E 136 -35.42 -27.70 6.41
C SER E 136 -34.69 -26.68 7.28
N ASN E 137 -33.36 -26.69 7.18
CA ASN E 137 -32.50 -25.79 7.97
C ASN E 137 -32.71 -25.93 9.47
N PHE E 138 -33.03 -27.14 9.91
CA PHE E 138 -33.11 -27.43 11.34
C PHE E 138 -31.79 -28.01 11.83
N ASN E 139 -31.33 -27.54 12.99
CA ASN E 139 -30.13 -28.09 13.60
C ASN E 139 -30.51 -29.14 14.65
N VAL E 140 -29.51 -29.73 15.28
CA VAL E 140 -29.71 -30.84 16.21
C VAL E 140 -30.71 -30.53 17.31
N HIS E 141 -30.53 -29.41 18.01
CA HIS E 141 -31.42 -29.05 19.11
C HIS E 141 -32.82 -28.70 18.61
N HIS E 142 -32.90 -28.24 17.36
CA HIS E 142 -34.20 -28.02 16.73
C HIS E 142 -34.90 -29.34 16.48
N LEU E 143 -34.12 -30.34 16.06
CA LEU E 143 -34.64 -31.67 15.75
C LEU E 143 -35.02 -32.42 17.02
N MET E 144 -34.23 -32.23 18.08
CA MET E 144 -34.51 -32.87 19.37
C MET E 144 -35.90 -32.49 19.88
N TYR E 145 -36.24 -31.22 19.76
CA TYR E 145 -37.53 -30.71 20.21
C TYR E 145 -38.67 -31.35 19.44
N LEU E 146 -38.44 -31.60 18.15
CA LEU E 146 -39.45 -32.20 17.30
C LEU E 146 -39.60 -33.69 17.58
N MET E 147 -38.48 -34.37 17.77
CA MET E 147 -38.51 -35.79 18.13
C MET E 147 -39.24 -36.01 19.44
N GLU E 148 -39.17 -35.02 20.32
CA GLU E 148 -39.79 -35.11 21.63
C GLU E 148 -41.29 -34.83 21.61
N ASN E 149 -41.70 -33.83 20.83
CA ASN E 149 -43.07 -33.33 20.90
C ASN E 149 -44.01 -33.74 19.77
N ALA E 150 -43.46 -34.19 18.64
CA ALA E 150 -44.28 -34.59 17.51
C ALA E 150 -44.93 -35.95 17.74
N LYS E 151 -46.06 -36.18 17.07
CA LYS E 151 -46.72 -37.48 17.11
C LYS E 151 -46.36 -38.26 15.86
N ILE E 152 -46.10 -37.53 14.78
CA ILE E 152 -45.53 -38.11 13.58
C ILE E 152 -44.11 -37.58 13.42
N PRO E 153 -43.12 -38.36 13.87
CA PRO E 153 -41.72 -37.92 13.88
C PRO E 153 -41.21 -37.52 12.49
N PRO E 154 -40.37 -36.48 12.44
CA PRO E 154 -39.80 -35.92 11.21
C PRO E 154 -39.22 -36.98 10.29
N MET E 155 -39.33 -36.78 8.98
CA MET E 155 -38.88 -37.76 8.01
C MET E 155 -37.71 -37.25 7.18
N VAL E 156 -37.65 -35.93 7.01
CA VAL E 156 -36.64 -35.31 6.15
C VAL E 156 -36.11 -34.01 6.76
N ASN E 157 -34.79 -33.81 6.69
CA ASN E 157 -34.20 -32.53 7.05
C ASN E 157 -33.32 -32.00 5.93
N GLN E 158 -33.85 -31.04 5.17
CA GLN E 158 -33.11 -30.46 4.05
C GLN E 158 -32.18 -29.34 4.51
N VAL E 159 -30.89 -29.58 4.44
CA VAL E 159 -29.90 -28.58 4.86
C VAL E 159 -28.77 -28.42 3.85
N GLU E 160 -28.08 -27.28 3.91
CA GLU E 160 -26.92 -27.03 3.07
C GLU E 160 -25.82 -28.03 3.36
N THR E 161 -25.54 -28.89 2.38
CA THR E 161 -24.52 -29.92 2.55
C THR E 161 -23.74 -30.12 1.25
N HIS E 162 -22.42 -29.98 1.35
CA HIS E 162 -21.58 -30.13 0.17
C HIS E 162 -20.12 -30.44 0.49
N VAL E 163 -19.26 -30.23 -0.49
CA VAL E 163 -17.86 -30.64 -0.43
C VAL E 163 -17.08 -29.94 0.68
N THR E 164 -17.45 -28.71 0.99
CA THR E 164 -16.73 -27.93 2.01
C THR E 164 -17.52 -27.84 3.31
N LEU E 165 -18.77 -28.27 3.28
CA LEU E 165 -19.61 -28.34 4.47
C LEU E 165 -20.32 -29.69 4.47
N GLN E 166 -19.63 -30.73 4.94
CA GLN E 166 -20.07 -32.10 4.75
C GLN E 166 -21.08 -32.58 5.79
N ASN E 167 -21.13 -31.88 6.93
CA ASN E 167 -22.14 -32.13 7.97
C ASN E 167 -22.23 -33.57 8.46
N HIS E 168 -21.09 -34.18 8.75
CA HIS E 168 -21.06 -35.58 9.19
C HIS E 168 -21.71 -35.78 10.55
N PHE E 169 -21.54 -34.80 11.44
CA PHE E 169 -22.15 -34.86 12.76
C PHE E 169 -23.66 -34.84 12.68
N LEU E 170 -24.19 -33.82 12.00
CA LEU E 170 -25.62 -33.65 11.83
C LEU E 170 -26.24 -34.81 11.06
N HIS E 171 -25.49 -35.34 10.11
CA HIS E 171 -25.95 -36.49 9.32
C HIS E 171 -26.09 -37.73 10.19
N ASP E 172 -25.12 -37.95 11.07
CA ASP E 172 -25.14 -39.10 11.96
C ASP E 172 -26.27 -39.00 12.97
N TYR E 173 -26.58 -37.77 13.40
CA TYR E 173 -27.69 -37.57 14.32
C TYR E 173 -29.01 -37.93 13.64
N CYS E 174 -29.18 -37.45 12.41
CA CYS E 174 -30.40 -37.71 11.66
C CYS E 174 -30.62 -39.20 11.43
N LYS E 175 -29.55 -39.90 11.06
CA LYS E 175 -29.62 -41.34 10.83
C LYS E 175 -29.97 -42.09 12.12
N LYS E 176 -29.42 -41.62 13.24
CA LYS E 176 -29.68 -42.23 14.54
C LYS E 176 -31.16 -42.08 14.92
N ASN E 177 -31.78 -41.01 14.44
CA ASN E 177 -33.20 -40.76 14.70
C ASN E 177 -34.05 -40.95 13.46
N ASN E 178 -33.53 -41.74 12.51
CA ASN E 178 -34.23 -42.09 11.28
C ASN E 178 -34.82 -40.89 10.53
N ILE E 179 -34.05 -39.81 10.49
CA ILE E 179 -34.39 -38.66 9.68
C ILE E 179 -33.53 -38.67 8.42
N GLN E 180 -34.17 -38.54 7.26
CA GLN E 180 -33.43 -38.55 6.01
C GLN E 180 -32.85 -37.16 5.72
N LEU E 181 -31.54 -37.05 5.79
CA LEU E 181 -30.88 -35.79 5.48
C LEU E 181 -30.95 -35.53 3.98
N GLU E 182 -31.41 -34.33 3.62
CA GLU E 182 -31.46 -33.92 2.22
C GLU E 182 -30.52 -32.74 1.99
N ALA E 183 -29.67 -32.85 0.97
CA ALA E 183 -28.67 -31.82 0.72
C ALA E 183 -29.11 -30.83 -0.34
N TYR E 184 -29.23 -29.56 0.04
CA TYR E 184 -29.39 -28.50 -0.95
C TYR E 184 -28.07 -27.76 -1.10
N ALA E 185 -27.97 -26.95 -2.14
CA ALA E 185 -26.71 -26.35 -2.57
C ALA E 185 -25.58 -27.38 -2.62
N PRO E 186 -25.79 -28.49 -3.36
CA PRO E 186 -24.74 -29.52 -3.40
C PRO E 186 -23.54 -29.09 -4.21
N LEU E 187 -23.74 -28.12 -5.10
CA LEU E 187 -22.66 -27.58 -5.91
C LEU E 187 -22.18 -26.25 -5.32
N MET E 188 -22.39 -26.09 -4.02
CA MET E 188 -21.98 -24.91 -3.26
C MET E 188 -22.60 -23.61 -3.78
N SER E 189 -23.74 -23.74 -4.45
CA SER E 189 -24.56 -22.60 -4.88
C SER E 189 -23.76 -21.53 -5.62
N HIS E 190 -23.81 -20.30 -5.12
CA HIS E 190 -23.14 -19.17 -5.77
C HIS E 190 -21.64 -19.16 -5.51
N GLN E 191 -21.17 -20.13 -4.75
CA GLN E 191 -19.74 -20.29 -4.49
C GLN E 191 -19.20 -21.49 -5.24
N ILE E 192 -19.78 -21.77 -6.39
CA ILE E 192 -19.46 -22.97 -7.17
C ILE E 192 -18.02 -22.96 -7.69
N LYS E 193 -17.40 -21.78 -7.76
CA LYS E 193 -16.05 -21.68 -8.26
C LYS E 193 -15.03 -22.30 -7.30
N ASP E 194 -15.33 -22.26 -6.02
CA ASP E 194 -14.50 -22.95 -5.03
C ASP E 194 -14.51 -24.45 -5.29
N LEU E 195 -15.65 -24.95 -5.75
CA LEU E 195 -15.79 -26.36 -6.08
C LEU E 195 -15.11 -26.68 -7.41
N LEU E 196 -15.44 -25.90 -8.44
CA LEU E 196 -14.94 -26.13 -9.79
C LEU E 196 -13.42 -25.98 -9.90
N SER E 197 -12.80 -25.36 -8.90
CA SER E 197 -11.37 -25.12 -8.92
C SER E 197 -10.65 -25.90 -7.83
N ASN E 198 -11.28 -26.97 -7.33
CA ASN E 198 -10.73 -27.72 -6.22
C ASN E 198 -9.65 -28.71 -6.64
N GLU E 199 -8.69 -28.92 -5.75
CA GLU E 199 -7.58 -29.82 -6.02
C GLU E 199 -8.04 -31.28 -6.20
N THR E 200 -8.81 -31.78 -5.25
CA THR E 200 -9.14 -33.21 -5.20
C THR E 200 -10.27 -33.56 -6.14
N MET E 201 -11.26 -32.68 -6.23
CA MET E 201 -12.42 -32.90 -7.07
C MET E 201 -12.05 -33.02 -8.54
N ALA E 202 -10.94 -32.38 -8.91
CA ALA E 202 -10.45 -32.43 -10.29
C ALA E 202 -9.80 -33.78 -10.59
N LYS E 203 -8.92 -34.23 -9.70
CA LYS E 203 -8.23 -35.51 -9.87
C LYS E 203 -9.21 -36.68 -9.96
N ILE E 204 -10.20 -36.68 -9.07
CA ILE E 204 -11.19 -37.75 -9.03
C ILE E 204 -12.08 -37.70 -10.27
N ALA E 205 -12.41 -36.49 -10.72
CA ALA E 205 -13.21 -36.32 -11.94
C ALA E 205 -12.42 -36.80 -13.16
N LYS E 206 -11.12 -36.56 -13.15
CA LYS E 206 -10.24 -37.02 -14.21
C LYS E 206 -10.14 -38.55 -14.19
N LYS E 207 -10.24 -39.12 -12.99
CA LYS E 207 -10.14 -40.54 -12.79
C LYS E 207 -11.36 -41.29 -13.31
N HIS E 208 -12.54 -40.69 -13.16
CA HIS E 208 -13.79 -41.33 -13.52
C HIS E 208 -14.38 -40.82 -14.84
N ASP E 209 -13.62 -39.99 -15.55
CA ASP E 209 -14.09 -39.39 -16.80
C ASP E 209 -15.42 -38.66 -16.59
N LYS E 210 -15.51 -37.92 -15.49
CA LYS E 210 -16.72 -37.18 -15.17
C LYS E 210 -16.38 -35.72 -14.90
N THR E 211 -17.41 -34.90 -14.73
CA THR E 211 -17.20 -33.51 -14.35
C THR E 211 -17.13 -33.41 -12.83
N ILE E 212 -16.52 -32.34 -12.33
CA ILE E 212 -16.44 -32.10 -10.90
C ILE E 212 -17.83 -32.05 -10.22
N PRO E 213 -18.81 -31.35 -10.83
CA PRO E 213 -20.14 -31.40 -10.21
C PRO E 213 -20.70 -32.83 -10.10
N GLN E 214 -20.48 -33.64 -11.12
CA GLN E 214 -20.96 -35.02 -11.12
C GLN E 214 -20.31 -35.83 -10.00
N ILE E 215 -19.06 -35.50 -9.68
CA ILE E 215 -18.37 -36.15 -8.57
C ILE E 215 -18.97 -35.71 -7.24
N ALA E 216 -19.21 -34.41 -7.11
CA ALA E 216 -19.79 -33.85 -5.89
C ALA E 216 -21.18 -34.41 -5.63
N ILE E 217 -21.96 -34.55 -6.70
CA ILE E 217 -23.30 -35.11 -6.60
C ILE E 217 -23.26 -36.59 -6.23
N ARG E 218 -22.41 -37.34 -6.93
CA ARG E 218 -22.25 -38.77 -6.68
C ARG E 218 -21.76 -39.03 -5.26
N TRP E 219 -20.89 -38.16 -4.78
CA TRP E 219 -20.35 -38.28 -3.42
C TRP E 219 -21.45 -38.26 -2.37
N LEU E 220 -22.44 -37.39 -2.57
CA LEU E 220 -23.59 -37.33 -1.67
C LEU E 220 -24.45 -38.57 -1.80
N ILE E 221 -24.53 -39.10 -3.02
CA ILE E 221 -25.28 -40.34 -3.26
C ILE E 221 -24.66 -41.50 -2.48
N GLU E 222 -23.33 -41.57 -2.51
CA GLU E 222 -22.60 -42.63 -1.81
C GLU E 222 -22.86 -42.57 -0.31
N ARG E 223 -23.14 -41.38 0.20
CA ARG E 223 -23.41 -41.18 1.63
C ARG E 223 -24.88 -41.40 1.96
N GLU E 224 -25.63 -41.93 0.99
CA GLU E 224 -27.07 -42.15 1.14
C GLU E 224 -27.80 -40.85 1.50
N ILE E 225 -27.44 -39.78 0.80
CA ILE E 225 -28.04 -38.47 1.03
C ILE E 225 -28.79 -38.02 -0.21
N VAL E 226 -30.07 -37.66 -0.04
CA VAL E 226 -30.85 -37.10 -1.14
C VAL E 226 -30.27 -35.75 -1.54
N VAL E 227 -30.06 -35.57 -2.85
CA VAL E 227 -29.39 -34.39 -3.35
C VAL E 227 -30.19 -33.70 -4.46
N ILE E 228 -30.38 -32.39 -4.33
CA ILE E 228 -31.14 -31.63 -5.32
C ILE E 228 -30.33 -30.49 -5.94
N PRO E 229 -29.58 -30.80 -7.01
CA PRO E 229 -28.83 -29.78 -7.75
C PRO E 229 -29.75 -28.77 -8.43
N LYS E 230 -29.36 -27.50 -8.42
CA LYS E 230 -30.17 -26.45 -9.02
C LYS E 230 -29.56 -25.93 -10.33
N SER E 231 -30.39 -25.82 -11.35
CA SER E 231 -29.97 -25.27 -12.63
C SER E 231 -31.18 -24.99 -13.52
N ILE E 232 -31.02 -24.06 -14.46
CA ILE E 232 -32.04 -23.78 -15.46
C ILE E 232 -31.47 -24.03 -16.86
N THR E 233 -30.33 -24.69 -16.90
CA THR E 233 -29.64 -24.96 -18.16
C THR E 233 -29.79 -26.41 -18.58
N PRO E 234 -30.44 -26.64 -19.74
CA PRO E 234 -30.68 -27.96 -20.34
C PRO E 234 -29.50 -28.94 -20.23
N GLU E 235 -28.31 -28.52 -20.66
CA GLU E 235 -27.17 -29.42 -20.69
C GLU E 235 -26.70 -29.80 -19.29
N ARG E 236 -26.74 -28.83 -18.36
CA ARG E 236 -26.31 -29.08 -16.99
C ARG E 236 -27.30 -29.96 -16.23
N ILE E 237 -28.59 -29.79 -16.51
CA ILE E 237 -29.62 -30.62 -15.90
C ILE E 237 -29.44 -32.08 -16.30
N VAL E 238 -29.15 -32.29 -17.58
CA VAL E 238 -28.86 -33.62 -18.09
C VAL E 238 -27.54 -34.13 -17.50
N GLN E 239 -26.56 -33.24 -17.43
CA GLN E 239 -25.23 -33.59 -16.95
C GLN E 239 -25.24 -33.97 -15.47
N ASN E 240 -26.01 -33.23 -14.68
CA ASN E 240 -26.11 -33.50 -13.24
C ASN E 240 -26.84 -34.80 -12.94
N PHE E 241 -27.55 -35.33 -13.94
CA PHE E 241 -28.34 -36.53 -13.75
C PHE E 241 -27.57 -37.80 -14.08
N ASP E 242 -26.52 -37.66 -14.89
CA ASP E 242 -25.72 -38.80 -15.31
C ASP E 242 -24.69 -39.18 -14.25
N VAL E 243 -25.17 -39.70 -13.12
CA VAL E 243 -24.31 -40.04 -12.00
C VAL E 243 -24.58 -41.44 -11.47
N PHE E 244 -25.20 -42.29 -12.29
CA PHE E 244 -25.56 -43.63 -11.87
C PHE E 244 -24.85 -44.70 -12.68
N ASP E 245 -23.75 -44.30 -13.34
CA ASP E 245 -22.99 -45.24 -14.15
C ASP E 245 -21.55 -45.36 -13.67
N PHE E 246 -21.30 -44.89 -12.45
CA PHE E 246 -19.98 -45.03 -11.84
C PHE E 246 -20.06 -44.98 -10.32
N THR E 247 -19.00 -45.43 -9.67
CA THR E 247 -18.97 -45.54 -8.21
C THR E 247 -17.66 -44.99 -7.65
N LEU E 248 -17.74 -44.34 -6.50
CA LEU E 248 -16.55 -43.80 -5.85
C LEU E 248 -15.87 -44.85 -4.98
N ASP E 249 -14.56 -44.99 -5.14
CA ASP E 249 -13.78 -45.92 -4.32
C ASP E 249 -13.65 -45.40 -2.90
N GLU E 250 -13.13 -46.24 -2.00
CA GLU E 250 -12.87 -45.81 -0.64
C GLU E 250 -11.79 -44.74 -0.62
N GLU E 251 -10.87 -44.83 -1.58
CA GLU E 251 -9.82 -43.84 -1.76
C GLU E 251 -10.43 -42.48 -2.09
N ASP E 252 -11.39 -42.48 -3.00
CA ASP E 252 -12.08 -41.26 -3.39
C ASP E 252 -12.81 -40.63 -2.19
N MET E 253 -13.51 -41.48 -1.44
CA MET E 253 -14.28 -41.02 -0.29
C MET E 253 -13.38 -40.47 0.81
N LYS E 254 -12.20 -41.04 0.93
CA LYS E 254 -11.25 -40.63 1.93
C LYS E 254 -10.63 -39.31 1.53
N SER E 255 -10.50 -39.12 0.23
CA SER E 255 -9.91 -37.90 -0.33
C SER E 255 -10.88 -36.72 -0.24
N ILE E 256 -12.13 -36.95 -0.62
CA ILE E 256 -13.16 -35.92 -0.57
C ILE E 256 -13.40 -35.49 0.88
N ARG E 257 -13.16 -36.40 1.81
CA ARG E 257 -13.34 -36.13 3.24
C ARG E 257 -12.45 -34.98 3.73
N SER E 258 -11.28 -34.84 3.12
CA SER E 258 -10.31 -33.84 3.56
C SER E 258 -10.64 -32.45 3.03
N VAL E 259 -11.59 -32.37 2.11
CA VAL E 259 -11.92 -31.11 1.46
C VAL E 259 -12.85 -30.25 2.33
N ASN E 260 -13.37 -30.85 3.40
CA ASN E 260 -14.25 -30.15 4.32
C ASN E 260 -13.54 -28.98 5.02
N THR E 261 -14.15 -27.81 4.98
CA THR E 261 -13.60 -26.63 5.63
C THR E 261 -14.54 -26.08 6.70
N GLY E 262 -15.79 -26.55 6.67
CA GLY E 262 -16.78 -26.13 7.63
C GLY E 262 -17.27 -24.71 7.40
N LYS E 263 -16.99 -24.17 6.22
CA LYS E 263 -17.39 -22.82 5.88
C LYS E 263 -18.83 -22.79 5.36
N LYS E 264 -19.77 -22.49 6.24
CA LYS E 264 -21.18 -22.48 5.89
C LYS E 264 -21.55 -21.23 5.09
N ILE E 265 -22.17 -21.44 3.94
CA ILE E 265 -22.50 -20.35 3.03
C ILE E 265 -23.75 -19.58 3.46
N PHE E 266 -24.83 -20.31 3.72
CA PHE E 266 -26.11 -19.68 4.01
C PHE E 266 -26.31 -19.45 5.51
N THR E 267 -27.32 -18.64 5.84
CA THR E 267 -27.47 -18.09 7.18
C THR E 267 -27.54 -19.12 8.29
N GLU E 268 -26.91 -18.78 9.41
CA GLU E 268 -26.84 -19.63 10.59
C GLU E 268 -28.23 -20.03 11.06
N PHE E 269 -28.35 -21.29 11.49
CA PHE E 269 -29.64 -21.90 11.83
C PHE E 269 -30.48 -21.06 12.80
N ASP E 270 -29.82 -20.39 13.74
CA ASP E 270 -30.53 -19.67 14.80
C ASP E 270 -30.43 -18.16 14.66
N ASN E 271 -30.16 -17.67 13.45
CA ASN E 271 -30.00 -16.24 13.23
C ASN E 271 -30.80 -15.70 12.05
N VAL E 272 -31.89 -16.37 11.70
CA VAL E 272 -32.73 -15.88 10.62
C VAL E 272 -33.79 -14.95 11.22
N ASP E 273 -34.00 -13.81 10.56
CA ASP E 273 -34.92 -12.79 11.06
C ASP E 273 -36.09 -12.60 10.11
N TYR E 274 -35.93 -13.07 8.88
CA TYR E 274 -37.00 -13.00 7.89
C TYR E 274 -37.96 -14.16 8.05
N HIS F 2 -19.30 -2.91 34.47
CA HIS F 2 -18.01 -3.08 33.80
C HIS F 2 -17.36 -4.36 34.27
N SER F 3 -18.13 -5.18 34.98
CA SER F 3 -17.72 -6.51 35.40
C SER F 3 -18.95 -7.38 35.59
N VAL F 4 -19.00 -8.53 34.91
CA VAL F 4 -20.18 -9.40 35.02
C VAL F 4 -20.05 -10.43 36.13
N LYS F 5 -21.09 -11.24 36.25
CA LYS F 5 -21.24 -12.14 37.38
C LYS F 5 -21.29 -13.59 36.90
N LEU F 6 -20.16 -14.29 36.93
CA LEU F 6 -20.19 -15.69 36.57
C LEU F 6 -20.95 -16.47 37.65
N ASN F 7 -21.54 -17.59 37.26
CA ASN F 7 -22.41 -18.35 38.17
C ASN F 7 -21.68 -18.90 39.40
N ASN F 8 -20.36 -18.77 39.40
CA ASN F 8 -19.56 -19.16 40.57
C ASN F 8 -19.21 -17.94 41.42
N ASN F 9 -19.97 -16.86 41.21
CA ASN F 9 -19.80 -15.62 41.95
C ASN F 9 -18.40 -15.01 41.80
N TYR F 10 -17.78 -15.27 40.66
CA TYR F 10 -16.46 -14.69 40.36
C TYR F 10 -16.62 -13.66 39.24
N GLU F 11 -16.12 -12.45 39.47
CA GLU F 11 -16.36 -11.34 38.56
C GLU F 11 -15.38 -11.28 37.39
N MET F 12 -15.85 -10.73 36.28
CA MET F 12 -15.10 -10.72 35.03
C MET F 12 -15.42 -9.47 34.21
N PRO F 13 -14.38 -8.69 33.85
CA PRO F 13 -14.56 -7.46 33.07
C PRO F 13 -15.19 -7.72 31.70
N ILE F 14 -16.20 -6.94 31.34
CA ILE F 14 -16.93 -7.15 30.08
C ILE F 14 -16.07 -6.86 28.85
N ILE F 15 -15.00 -6.10 29.01
CA ILE F 15 -14.11 -5.85 27.89
C ILE F 15 -12.71 -6.36 28.20
N GLY F 16 -12.03 -6.82 27.16
CA GLY F 16 -10.68 -7.34 27.31
C GLY F 16 -9.94 -7.34 25.99
N LEU F 17 -8.62 -7.41 26.04
CA LEU F 17 -7.83 -7.42 24.82
C LEU F 17 -7.77 -8.81 24.21
N GLY F 18 -8.19 -8.92 22.96
CA GLY F 18 -8.08 -10.17 22.23
C GLY F 18 -6.74 -10.27 21.56
N THR F 19 -6.01 -11.34 21.85
CA THR F 19 -4.71 -11.58 21.24
C THR F 19 -4.81 -12.65 20.16
N PHE F 20 -3.82 -12.72 19.29
CA PHE F 20 -3.79 -13.72 18.23
C PHE F 20 -2.35 -13.97 17.77
N ARG F 21 -2.18 -14.80 16.74
CA ARG F 21 -0.85 -15.15 16.25
C ARG F 21 -0.32 -14.08 15.29
N SER F 22 0.84 -13.51 15.58
CA SER F 22 1.25 -12.25 14.94
C SER F 22 2.76 -12.08 14.75
N LYS F 23 3.24 -10.82 14.66
CA LYS F 23 4.68 -10.58 14.73
C LYS F 23 5.17 -10.97 16.13
N LYS F 24 6.49 -11.14 16.24
CA LYS F 24 7.09 -11.91 17.32
C LYS F 24 7.16 -11.12 18.64
N ASN F 25 6.49 -9.98 18.69
CA ASN F 25 6.65 -9.07 19.83
C ASN F 25 5.42 -8.23 20.22
N ASP F 26 4.37 -8.45 19.43
CA ASP F 26 3.20 -7.59 19.35
C ASP F 26 2.25 -8.02 20.36
N ALA F 27 2.23 -9.31 20.64
CA ALA F 27 1.51 -9.78 21.79
C ALA F 27 2.03 -9.03 23.01
N TYR F 28 3.34 -8.99 23.19
CA TYR F 28 3.95 -8.28 24.31
C TYR F 28 3.51 -6.86 24.21
N ASN F 29 3.83 -6.29 23.08
CA ASN F 29 3.55 -4.87 22.84
C ASN F 29 2.07 -4.47 22.98
N ALA F 30 1.19 -5.27 22.40
CA ALA F 30 -0.25 -4.96 22.43
C ALA F 30 -0.83 -5.06 23.83
N VAL F 31 -0.45 -6.11 24.57
CA VAL F 31 -0.92 -6.27 25.94
C VAL F 31 -0.38 -5.16 26.82
N LYS F 32 0.88 -4.79 26.59
CA LYS F 32 1.50 -3.69 27.31
C LYS F 32 0.75 -2.38 27.03
N ALA F 33 0.34 -2.21 25.77
CA ALA F 33 -0.41 -1.03 25.36
C ALA F 33 -1.87 -1.15 25.78
N ALA F 34 -2.28 -2.35 26.18
CA ALA F 34 -3.64 -2.58 26.67
C ALA F 34 -3.72 -2.27 28.16
N LEU F 35 -2.85 -2.91 28.93
CA LEU F 35 -2.77 -2.67 30.37
C LEU F 35 -2.42 -1.20 30.64
N GLU F 36 -1.90 -0.53 29.61
CA GLU F 36 -1.66 0.90 29.63
C GLU F 36 -2.94 1.68 29.92
N GLY F 37 -3.96 1.45 29.10
CA GLY F 37 -5.16 2.27 29.11
C GLY F 37 -6.29 1.81 30.01
N GLY F 38 -6.04 0.80 30.82
CA GLY F 38 -7.05 0.35 31.77
C GLY F 38 -7.58 -1.05 31.52
N TYR F 39 -7.13 -1.67 30.43
CA TYR F 39 -7.49 -3.06 30.16
C TYR F 39 -7.06 -3.92 31.33
N ARG F 40 -8.00 -4.66 31.90
CA ARG F 40 -7.73 -5.52 33.03
C ARG F 40 -8.18 -6.94 32.69
N HIS F 41 -8.17 -7.25 31.40
CA HIS F 41 -8.65 -8.52 30.89
C HIS F 41 -7.87 -8.88 29.63
N ILE F 42 -7.15 -10.00 29.69
CA ILE F 42 -6.37 -10.47 28.55
C ILE F 42 -6.86 -11.85 28.11
N ASP F 43 -7.10 -12.01 26.82
CA ASP F 43 -7.61 -13.27 26.28
C ASP F 43 -6.64 -13.87 25.27
N THR F 44 -6.18 -15.10 25.55
CA THR F 44 -5.23 -15.76 24.67
C THR F 44 -5.58 -17.23 24.49
N ALA F 45 -4.66 -17.98 23.87
CA ALA F 45 -4.85 -19.41 23.62
C ALA F 45 -3.52 -20.05 23.22
N MET F 46 -3.45 -21.35 23.32
CA MET F 46 -2.27 -22.03 22.95
C MET F 46 -2.05 -21.97 21.45
N ILE F 47 -3.11 -22.10 20.68
CA ILE F 47 -3.05 -22.11 19.23
C ILE F 47 -2.50 -20.78 18.68
N TYR F 48 -2.60 -19.73 19.48
CA TYR F 48 -2.04 -18.44 19.10
C TYR F 48 -0.51 -18.49 19.16
N GLY F 49 -0.01 -19.22 20.15
CA GLY F 49 1.42 -19.36 20.34
C GLY F 49 2.06 -18.06 20.82
N ASN F 50 1.30 -17.28 21.58
CA ASN F 50 1.77 -15.99 22.04
C ASN F 50 1.72 -15.84 23.55
N GLU F 51 1.38 -16.94 24.23
CA GLU F 51 1.21 -16.93 25.68
C GLU F 51 2.48 -16.52 26.42
N GLU F 52 3.63 -16.78 25.81
CA GLU F 52 4.91 -16.38 26.39
C GLU F 52 5.01 -14.87 26.49
N GLU F 53 4.70 -14.18 25.40
CA GLU F 53 4.74 -12.72 25.36
C GLU F 53 3.66 -12.12 26.25
N VAL F 54 2.50 -12.78 26.28
CA VAL F 54 1.37 -12.31 27.08
C VAL F 54 1.75 -12.18 28.55
N GLY F 55 2.20 -13.29 29.14
CA GLY F 55 2.60 -13.31 30.52
C GLY F 55 3.81 -12.44 30.79
N ARG F 56 4.66 -12.30 29.78
CA ARG F 56 5.85 -11.46 29.89
C ARG F 56 5.45 -9.98 29.87
N ALA F 57 4.38 -9.66 29.16
CA ALA F 57 3.87 -8.30 29.15
C ALA F 57 3.09 -8.03 30.43
N ILE F 58 2.44 -9.07 30.93
CA ILE F 58 1.68 -8.99 32.17
C ILE F 58 2.60 -8.75 33.35
N LYS F 59 3.74 -9.44 33.34
CA LYS F 59 4.63 -9.43 34.48
C LYS F 59 5.38 -8.11 34.62
N ASP F 60 5.72 -7.50 33.48
CA ASP F 60 6.45 -6.24 33.48
C ASP F 60 5.46 -5.07 33.45
N SER F 61 4.65 -5.23 34.58
CA SER F 61 3.74 -4.18 35.00
C SER F 61 3.84 -3.96 36.50
N GLU F 67 -5.32 -8.29 39.30
CA GLU F 67 -6.06 -7.14 38.79
C GLU F 67 -6.38 -7.26 37.29
N ILE F 68 -5.56 -8.02 36.62
CA ILE F 68 -5.70 -8.53 35.25
C ILE F 68 -6.50 -9.84 35.22
N PHE F 69 -7.48 -9.90 34.32
CA PHE F 69 -8.22 -11.12 34.07
C PHE F 69 -7.58 -11.84 32.89
N VAL F 70 -6.98 -13.01 33.12
CA VAL F 70 -6.31 -13.73 32.04
C VAL F 70 -7.09 -14.97 31.61
N THR F 71 -7.34 -15.06 30.31
CA THR F 71 -8.08 -16.19 29.74
C THR F 71 -7.26 -16.90 28.67
N THR F 72 -7.11 -18.21 28.81
CA THR F 72 -6.46 -19.02 27.77
C THR F 72 -7.35 -20.20 27.41
N LYS F 73 -7.04 -20.85 26.29
CA LYS F 73 -7.89 -21.92 25.77
C LYS F 73 -7.11 -23.22 25.55
N LEU F 74 -7.81 -24.34 25.66
CA LEU F 74 -7.22 -25.64 25.37
C LEU F 74 -7.50 -26.04 23.93
N TRP F 75 -6.43 -26.29 23.17
CA TRP F 75 -6.58 -26.63 21.76
C TRP F 75 -7.11 -28.05 21.58
N ASN F 76 -7.82 -28.26 20.47
CA ASN F 76 -8.55 -29.49 20.21
C ASN F 76 -7.69 -30.75 20.14
N THR F 77 -6.43 -30.58 19.73
CA THR F 77 -5.52 -31.72 19.62
C THR F 77 -5.11 -32.23 21.01
N ASP F 78 -5.46 -31.46 22.04
CA ASP F 78 -5.11 -31.81 23.40
C ASP F 78 -6.33 -32.15 24.24
N GLN F 79 -7.45 -32.42 23.57
CA GLN F 79 -8.65 -32.82 24.28
C GLN F 79 -8.49 -34.22 24.87
N GLY F 80 -9.31 -34.54 25.86
CA GLY F 80 -9.13 -35.75 26.64
C GLY F 80 -8.67 -35.35 28.03
N TYR F 81 -8.75 -36.27 28.98
CA TYR F 81 -8.45 -35.95 30.37
C TYR F 81 -6.97 -35.66 30.61
N GLU F 82 -6.15 -36.69 30.48
CA GLU F 82 -4.73 -36.62 30.80
C GLU F 82 -3.98 -35.62 29.91
N LYS F 83 -4.43 -35.47 28.69
CA LYS F 83 -3.85 -34.51 27.77
C LYS F 83 -4.16 -33.10 28.18
N THR F 84 -5.34 -32.89 28.76
CA THR F 84 -5.78 -31.58 29.20
C THR F 84 -4.95 -31.07 30.39
N LEU F 85 -4.79 -31.92 31.40
CA LEU F 85 -3.98 -31.58 32.56
C LEU F 85 -2.55 -31.24 32.14
N GLU F 86 -2.06 -31.95 31.12
CA GLU F 86 -0.73 -31.72 30.60
C GLU F 86 -0.67 -30.46 29.75
N ALA F 87 -1.72 -30.25 28.94
CA ALA F 87 -1.78 -29.08 28.08
C ALA F 87 -2.02 -27.80 28.87
N PHE F 88 -2.90 -27.88 29.87
CA PHE F 88 -3.22 -26.73 30.70
C PHE F 88 -1.98 -26.18 31.40
N ASN F 89 -1.12 -27.06 31.90
CA ASN F 89 0.04 -26.61 32.65
C ASN F 89 1.14 -26.07 31.72
N THR F 90 1.21 -26.64 30.51
CA THR F 90 2.16 -26.12 29.52
C THR F 90 1.79 -24.67 29.21
N SER F 91 0.50 -24.43 28.98
CA SER F 91 0.00 -23.08 28.76
C SER F 91 0.30 -22.21 29.97
N LEU F 92 0.37 -22.84 31.14
CA LEU F 92 0.45 -22.16 32.41
C LEU F 92 1.85 -21.62 32.71
N LYS F 93 2.88 -22.44 32.49
CA LYS F 93 4.25 -21.99 32.67
C LYS F 93 4.67 -21.07 31.53
N ASN F 94 3.99 -21.19 30.39
CA ASN F 94 4.21 -20.29 29.26
C ASN F 94 3.85 -18.86 29.64
N LEU F 95 2.78 -18.72 30.43
CA LEU F 95 2.34 -17.42 30.89
C LEU F 95 3.19 -16.94 32.07
N GLY F 96 3.84 -17.88 32.75
CA GLY F 96 4.67 -17.56 33.89
C GLY F 96 3.90 -17.53 35.19
N LEU F 97 2.62 -17.85 35.11
CA LEU F 97 1.77 -17.92 36.29
C LEU F 97 1.57 -19.36 36.72
N ASP F 98 0.85 -19.56 37.82
CA ASP F 98 0.26 -20.86 38.13
C ASP F 98 -1.16 -20.63 38.63
N TYR F 99 -1.84 -19.65 38.06
CA TYR F 99 -3.25 -19.46 38.27
C TYR F 99 -3.85 -18.67 37.11
N ILE F 100 -4.94 -19.20 36.59
CA ILE F 100 -5.61 -18.66 35.41
C ILE F 100 -7.07 -18.40 35.74
N ASP F 101 -7.57 -17.24 35.37
CA ASP F 101 -8.95 -16.87 35.67
C ASP F 101 -9.93 -17.73 34.87
N LEU F 102 -9.86 -17.66 33.55
CA LEU F 102 -10.78 -18.41 32.71
C LEU F 102 -10.07 -19.39 31.78
N TYR F 103 -10.56 -20.63 31.76
CA TYR F 103 -10.02 -21.65 30.87
C TYR F 103 -11.14 -22.24 30.02
N LEU F 104 -10.96 -22.24 28.70
CA LEU F 104 -12.03 -22.62 27.78
C LEU F 104 -11.66 -23.78 26.86
N ILE F 105 -12.62 -24.67 26.65
CA ILE F 105 -12.52 -25.63 25.55
C ILE F 105 -12.70 -24.85 24.26
N HIS F 106 -11.68 -24.88 23.41
CA HIS F 106 -11.65 -23.99 22.24
C HIS F 106 -12.71 -24.36 21.20
N TRP F 107 -12.84 -25.64 20.90
CA TRP F 107 -13.81 -26.10 19.92
C TRP F 107 -14.50 -27.39 20.36
N PHE F 108 -15.72 -27.61 19.90
CA PHE F 108 -16.43 -28.85 20.16
C PHE F 108 -15.85 -29.97 19.31
N LYS F 109 -15.49 -31.07 19.95
CA LYS F 109 -14.88 -32.20 19.25
C LYS F 109 -15.51 -33.52 19.63
N GLY F 110 -16.83 -33.50 19.88
CA GLY F 110 -17.54 -34.68 20.28
C GLY F 110 -17.99 -34.62 21.73
N TYR F 111 -19.02 -35.38 22.08
CA TYR F 111 -19.56 -35.36 23.43
C TYR F 111 -18.63 -36.04 24.43
N ASP F 112 -18.05 -37.17 24.03
CA ASP F 112 -17.11 -37.89 24.90
C ASP F 112 -15.85 -37.07 25.16
N ASN F 113 -15.33 -36.45 24.10
CA ASN F 113 -14.13 -35.64 24.21
C ASN F 113 -14.36 -34.37 25.03
N ALA F 114 -15.58 -33.84 24.95
CA ALA F 114 -15.95 -32.64 25.70
C ALA F 114 -15.91 -32.89 27.20
N LEU F 115 -16.65 -33.90 27.64
CA LEU F 115 -16.79 -34.20 29.06
C LEU F 115 -15.48 -34.69 29.67
N SER F 116 -14.71 -35.45 28.90
CA SER F 116 -13.42 -35.95 29.38
C SER F 116 -12.43 -34.80 29.52
N THR F 117 -12.53 -33.82 28.62
CA THR F 117 -11.73 -32.61 28.72
C THR F 117 -12.22 -31.77 29.89
N TYR F 118 -13.54 -31.72 30.06
CA TYR F 118 -14.16 -30.85 31.05
C TYR F 118 -13.99 -31.38 32.48
N ARG F 119 -13.98 -32.69 32.64
CA ARG F 119 -13.78 -33.26 33.97
C ARG F 119 -12.36 -32.98 34.43
N ALA F 120 -11.46 -32.78 33.47
CA ALA F 120 -10.10 -32.36 33.76
C ALA F 120 -10.11 -30.87 34.13
N PHE F 121 -11.01 -30.11 33.52
CA PHE F 121 -11.22 -28.71 33.89
C PHE F 121 -11.71 -28.64 35.33
N GLU F 122 -12.57 -29.58 35.69
CA GLU F 122 -13.19 -29.61 37.02
C GLU F 122 -12.18 -29.93 38.12
N THR F 123 -11.23 -30.80 37.81
CA THR F 123 -10.17 -31.13 38.74
C THR F 123 -9.28 -29.92 38.99
N LEU F 124 -8.97 -29.21 37.91
CA LEU F 124 -8.18 -27.98 38.00
C LEU F 124 -8.93 -26.91 38.77
N TYR F 125 -10.26 -26.95 38.70
CA TYR F 125 -11.11 -26.03 39.44
C TYR F 125 -11.12 -26.42 40.92
N GLU F 126 -11.18 -27.72 41.18
CA GLU F 126 -11.15 -28.24 42.54
C GLU F 126 -9.87 -27.85 43.25
N GLU F 127 -8.75 -28.01 42.55
CA GLU F 127 -7.45 -27.60 43.08
C GLU F 127 -7.15 -26.11 42.96
N GLY F 128 -8.07 -25.37 42.36
CA GLY F 128 -8.19 -23.93 42.47
C GLY F 128 -7.15 -23.18 41.66
N LYS F 129 -6.48 -23.90 40.79
CA LYS F 129 -5.49 -23.33 39.92
C LYS F 129 -6.14 -22.69 38.71
N VAL F 130 -7.43 -22.89 38.59
CA VAL F 130 -8.31 -22.11 37.74
C VAL F 130 -9.58 -21.85 38.56
N LYS F 131 -10.13 -20.65 38.46
CA LYS F 131 -11.29 -20.30 39.28
C LYS F 131 -12.51 -19.95 38.43
N ALA F 132 -12.45 -20.32 37.16
CA ALA F 132 -13.58 -20.20 36.25
C ALA F 132 -13.32 -21.04 35.01
N ILE F 133 -14.22 -21.97 34.73
CA ILE F 133 -14.08 -22.82 33.55
C ILE F 133 -15.27 -22.63 32.62
N GLY F 134 -15.07 -22.92 31.34
CA GLY F 134 -16.13 -22.75 30.36
C GLY F 134 -15.74 -23.30 29.00
N VAL F 135 -16.49 -22.92 27.98
CA VAL F 135 -16.26 -23.41 26.63
C VAL F 135 -16.21 -22.29 25.60
N SER F 136 -15.91 -22.66 24.37
CA SER F 136 -15.89 -21.73 23.25
C SER F 136 -16.36 -22.44 21.99
N ASN F 137 -17.10 -21.72 21.15
CA ASN F 137 -17.66 -22.28 19.92
C ASN F 137 -18.57 -23.47 20.16
N PHE F 138 -19.21 -23.48 21.33
CA PHE F 138 -20.19 -24.51 21.66
C PHE F 138 -21.60 -24.02 21.34
N ASN F 139 -22.36 -24.86 20.63
CA ASN F 139 -23.74 -24.52 20.30
C ASN F 139 -24.69 -25.05 21.36
N VAL F 140 -25.99 -24.84 21.15
CA VAL F 140 -27.02 -25.17 22.12
C VAL F 140 -26.97 -26.61 22.62
N HIS F 141 -27.00 -27.56 21.70
CA HIS F 141 -27.02 -28.98 22.08
C HIS F 141 -25.71 -29.41 22.72
N HIS F 142 -24.63 -28.72 22.37
CA HIS F 142 -23.34 -28.96 23.01
C HIS F 142 -23.42 -28.54 24.48
N LEU F 143 -24.01 -27.37 24.71
CA LEU F 143 -24.17 -26.85 26.05
C LEU F 143 -25.15 -27.69 26.86
N MET F 144 -26.19 -28.18 26.19
CA MET F 144 -27.18 -29.04 26.84
C MET F 144 -26.53 -30.28 27.45
N TYR F 145 -25.55 -30.82 26.75
CA TYR F 145 -24.85 -32.01 27.22
C TYR F 145 -23.96 -31.70 28.41
N LEU F 146 -23.53 -30.44 28.52
CA LEU F 146 -22.69 -30.01 29.62
C LEU F 146 -23.51 -29.52 30.81
N MET F 147 -24.73 -29.04 30.53
CA MET F 147 -25.63 -28.63 31.60
C MET F 147 -26.22 -29.85 32.30
N GLU F 148 -25.97 -31.02 31.72
CA GLU F 148 -26.57 -32.26 32.20
C GLU F 148 -25.54 -33.21 32.81
N ASN F 149 -24.40 -33.38 32.15
CA ASN F 149 -23.42 -34.38 32.56
C ASN F 149 -22.25 -33.85 33.39
N ALA F 150 -22.22 -32.54 33.63
CA ALA F 150 -21.06 -31.95 34.32
C ALA F 150 -21.33 -31.65 35.78
N LYS F 151 -20.30 -31.85 36.61
CA LYS F 151 -20.38 -31.57 38.03
C LYS F 151 -20.35 -30.07 38.29
N ILE F 152 -19.59 -29.35 37.48
CA ILE F 152 -19.46 -27.90 37.61
C ILE F 152 -20.03 -27.20 36.38
N PRO F 153 -21.15 -26.49 36.56
CA PRO F 153 -21.87 -25.82 35.47
C PRO F 153 -21.00 -24.87 34.65
N PRO F 154 -21.08 -24.97 33.31
CA PRO F 154 -20.33 -24.14 32.36
C PRO F 154 -20.58 -22.65 32.60
N MET F 155 -19.49 -21.89 32.80
CA MET F 155 -19.61 -20.50 33.20
C MET F 155 -19.54 -19.52 32.02
N VAL F 156 -18.83 -19.91 30.97
CA VAL F 156 -18.64 -19.04 29.81
C VAL F 156 -18.72 -19.81 28.50
N ASN F 157 -19.41 -19.23 27.51
CA ASN F 157 -19.39 -19.73 26.15
C ASN F 157 -18.92 -18.64 25.19
N GLN F 158 -17.66 -18.71 24.77
CA GLN F 158 -17.09 -17.70 23.90
C GLN F 158 -17.35 -18.01 22.43
N VAL F 159 -18.21 -17.22 21.80
CA VAL F 159 -18.59 -17.46 20.42
C VAL F 159 -18.52 -16.19 19.57
N GLU F 160 -18.39 -16.37 18.26
CA GLU F 160 -18.39 -15.27 17.31
C GLU F 160 -19.71 -14.51 17.36
N THR F 161 -19.66 -13.26 17.79
CA THR F 161 -20.88 -12.47 17.95
C THR F 161 -20.64 -11.00 17.56
N HIS F 162 -21.46 -10.50 16.64
CA HIS F 162 -21.33 -9.13 16.15
C HIS F 162 -22.63 -8.65 15.52
N VAL F 163 -22.57 -7.49 14.85
CA VAL F 163 -23.79 -6.85 14.36
C VAL F 163 -24.49 -7.61 13.23
N THR F 164 -23.74 -8.44 12.51
CA THR F 164 -24.35 -9.22 11.42
C THR F 164 -24.66 -10.65 11.87
N LEU F 165 -24.07 -11.06 12.98
CA LEU F 165 -24.40 -12.34 13.61
C LEU F 165 -24.58 -12.12 15.11
N GLN F 166 -25.80 -11.75 15.50
CA GLN F 166 -26.03 -11.23 16.84
C GLN F 166 -26.35 -12.32 17.87
N ASN F 167 -26.65 -13.53 17.38
CA ASN F 167 -26.86 -14.69 18.24
C ASN F 167 -27.87 -14.48 19.37
N HIS F 168 -28.99 -13.85 19.06
CA HIS F 168 -30.01 -13.56 20.07
C HIS F 168 -30.62 -14.84 20.65
N PHE F 169 -30.74 -15.87 19.82
CA PHE F 169 -31.27 -17.14 20.28
C PHE F 169 -30.30 -17.82 21.23
N LEU F 170 -29.04 -17.93 20.80
CA LEU F 170 -28.00 -18.56 21.60
C LEU F 170 -27.71 -17.79 22.88
N HIS F 171 -27.65 -16.46 22.77
CA HIS F 171 -27.44 -15.59 23.92
C HIS F 171 -28.54 -15.78 24.94
N ASP F 172 -29.78 -15.77 24.47
CA ASP F 172 -30.92 -15.94 25.36
C ASP F 172 -30.89 -17.32 26.00
N TYR F 173 -30.35 -18.31 25.29
CA TYR F 173 -30.21 -19.65 25.86
C TYR F 173 -29.19 -19.69 26.97
N CYS F 174 -28.06 -19.04 26.75
CA CYS F 174 -26.97 -19.06 27.72
C CYS F 174 -27.42 -18.41 29.02
N LYS F 175 -28.30 -17.42 28.91
CA LYS F 175 -28.78 -16.73 30.10
C LYS F 175 -29.75 -17.58 30.94
N LYS F 176 -30.54 -18.44 30.30
CA LYS F 176 -31.44 -19.30 31.07
C LYS F 176 -30.67 -20.43 31.74
N ASN F 177 -29.40 -20.58 31.39
CA ASN F 177 -28.56 -21.61 32.01
C ASN F 177 -27.37 -21.01 32.75
N ASN F 178 -27.47 -19.72 33.07
CA ASN F 178 -26.44 -19.00 33.81
C ASN F 178 -25.08 -19.08 33.15
N ILE F 179 -25.07 -19.02 31.82
CA ILE F 179 -23.83 -19.04 31.05
C ILE F 179 -23.53 -17.65 30.50
N GLN F 180 -22.42 -17.07 30.94
CA GLN F 180 -22.02 -15.76 30.45
C GLN F 180 -21.51 -15.84 29.02
N LEU F 181 -22.26 -15.26 28.09
CA LEU F 181 -21.87 -15.25 26.69
C LEU F 181 -20.71 -14.29 26.47
N GLU F 182 -19.63 -14.79 25.86
CA GLU F 182 -18.49 -13.96 25.54
C GLU F 182 -18.33 -13.86 24.03
N ALA F 183 -18.20 -12.64 23.53
CA ALA F 183 -18.17 -12.42 22.09
C ALA F 183 -16.75 -12.24 21.55
N TYR F 184 -16.35 -13.10 20.62
CA TYR F 184 -15.11 -12.87 19.89
C TYR F 184 -15.47 -12.43 18.47
N ALA F 185 -14.47 -11.91 17.76
CA ALA F 185 -14.68 -11.22 16.49
C ALA F 185 -15.81 -10.20 16.56
N PRO F 186 -15.75 -9.27 17.53
CA PRO F 186 -16.85 -8.32 17.70
C PRO F 186 -16.85 -7.23 16.64
N LEU F 187 -15.72 -7.08 15.95
CA LEU F 187 -15.62 -6.13 14.85
C LEU F 187 -15.60 -6.89 13.53
N MET F 188 -16.19 -8.09 13.55
CA MET F 188 -16.29 -8.97 12.39
C MET F 188 -14.94 -9.36 11.80
N SER F 189 -13.91 -9.37 12.64
CA SER F 189 -12.59 -9.89 12.27
C SER F 189 -12.04 -9.34 10.95
N HIS F 190 -11.79 -10.24 10.01
CA HIS F 190 -11.24 -9.86 8.71
C HIS F 190 -12.31 -9.30 7.78
N GLN F 191 -13.57 -9.39 8.22
CA GLN F 191 -14.68 -8.80 7.48
C GLN F 191 -15.03 -7.43 8.05
N ILE F 192 -14.05 -6.81 8.70
CA ILE F 192 -14.21 -5.51 9.34
C ILE F 192 -14.74 -4.45 8.37
N LYS F 193 -14.41 -4.61 7.09
CA LYS F 193 -14.77 -3.68 6.01
C LYS F 193 -16.24 -3.55 5.86
N ASP F 194 -16.91 -4.67 6.03
CA ASP F 194 -18.35 -4.84 5.93
C ASP F 194 -19.09 -4.17 7.06
N LEU F 195 -18.40 -3.93 8.16
CA LEU F 195 -18.93 -3.26 9.34
C LEU F 195 -18.75 -1.75 9.21
N LEU F 196 -17.59 -1.34 8.74
CA LEU F 196 -17.25 0.08 8.64
C LEU F 196 -18.02 0.77 7.51
N SER F 197 -18.53 -0.01 6.58
CA SER F 197 -19.27 0.53 5.45
C SER F 197 -20.77 0.57 5.72
N ASN F 198 -21.17 0.05 6.88
CA ASN F 198 -22.59 -0.03 7.23
C ASN F 198 -23.20 1.35 7.44
N GLU F 199 -24.29 1.62 6.73
CA GLU F 199 -24.99 2.90 6.80
C GLU F 199 -25.59 3.13 8.17
N THR F 200 -26.28 2.11 8.68
CA THR F 200 -26.95 2.19 9.99
C THR F 200 -25.96 2.46 11.11
N MET F 201 -24.82 1.80 11.07
CA MET F 201 -23.79 1.95 12.10
C MET F 201 -23.15 3.34 12.04
N ALA F 202 -22.93 3.83 10.82
CA ALA F 202 -22.32 5.15 10.61
C ALA F 202 -23.18 6.26 11.20
N LYS F 203 -24.49 6.09 11.10
CA LYS F 203 -25.44 7.05 11.68
C LYS F 203 -25.27 7.16 13.18
N ILE F 204 -25.36 6.02 13.86
CA ILE F 204 -25.28 5.96 15.31
C ILE F 204 -23.90 6.40 15.81
N ALA F 205 -22.89 6.18 14.99
CA ALA F 205 -21.53 6.61 15.31
C ALA F 205 -21.45 8.14 15.42
N LYS F 206 -22.06 8.82 14.46
CA LYS F 206 -21.98 10.28 14.40
C LYS F 206 -22.82 10.96 15.48
N LYS F 207 -23.94 10.36 15.84
CA LYS F 207 -24.84 10.98 16.81
C LYS F 207 -24.28 10.89 18.22
N HIS F 208 -23.33 9.99 18.41
CA HIS F 208 -22.68 9.81 19.71
C HIS F 208 -21.23 10.30 19.68
N ASP F 209 -20.84 10.86 18.54
CA ASP F 209 -19.47 11.34 18.33
C ASP F 209 -18.44 10.24 18.60
N LYS F 210 -18.81 9.01 18.25
CA LYS F 210 -17.92 7.87 18.40
C LYS F 210 -17.65 7.24 17.05
N THR F 211 -16.71 6.29 17.01
CA THR F 211 -16.43 5.56 15.78
C THR F 211 -17.39 4.38 15.65
N ILE F 212 -17.45 3.79 14.47
CA ILE F 212 -18.27 2.62 14.22
C ILE F 212 -17.82 1.40 15.07
N PRO F 213 -16.51 1.13 15.16
CA PRO F 213 -16.11 0.02 16.04
C PRO F 213 -16.51 0.23 17.50
N GLN F 214 -16.49 1.48 17.95
CA GLN F 214 -16.87 1.80 19.33
C GLN F 214 -18.35 1.56 19.57
N ILE F 215 -19.18 1.82 18.56
CA ILE F 215 -20.60 1.57 18.65
C ILE F 215 -20.87 0.07 18.73
N ALA F 216 -20.19 -0.69 17.88
CA ALA F 216 -20.33 -2.13 17.85
C ALA F 216 -19.89 -2.76 19.19
N ILE F 217 -18.82 -2.22 19.75
CA ILE F 217 -18.31 -2.70 21.03
C ILE F 217 -19.27 -2.36 22.17
N ARG F 218 -19.70 -1.11 22.21
CA ARG F 218 -20.65 -0.65 23.23
C ARG F 218 -21.97 -1.40 23.13
N TRP F 219 -22.37 -1.71 21.90
CA TRP F 219 -23.62 -2.42 21.64
C TRP F 219 -23.68 -3.77 22.36
N LEU F 220 -22.54 -4.46 22.40
CA LEU F 220 -22.46 -5.73 23.10
C LEU F 220 -22.54 -5.53 24.61
N ILE F 221 -21.96 -4.43 25.09
CA ILE F 221 -22.01 -4.08 26.50
C ILE F 221 -23.45 -3.86 26.95
N GLU F 222 -24.24 -3.19 26.11
CA GLU F 222 -25.65 -2.93 26.41
C GLU F 222 -26.43 -4.23 26.53
N ARG F 223 -25.96 -5.27 25.85
CA ARG F 223 -26.59 -6.58 25.91
C ARG F 223 -25.99 -7.44 27.02
N GLU F 224 -25.12 -6.83 27.82
CA GLU F 224 -24.42 -7.52 28.90
C GLU F 224 -23.65 -8.74 28.38
N ILE F 225 -22.89 -8.54 27.31
CA ILE F 225 -22.06 -9.58 26.72
C ILE F 225 -20.59 -9.18 26.76
N VAL F 226 -19.75 -10.07 27.27
CA VAL F 226 -18.32 -9.79 27.35
C VAL F 226 -17.70 -9.72 25.96
N VAL F 227 -17.01 -8.62 25.68
CA VAL F 227 -16.47 -8.37 24.34
C VAL F 227 -14.93 -8.28 24.36
N ILE F 228 -14.29 -8.96 23.42
CA ILE F 228 -12.83 -8.93 23.33
C ILE F 228 -12.36 -8.64 21.90
N PRO F 229 -12.20 -7.35 21.57
CA PRO F 229 -11.70 -6.96 20.24
C PRO F 229 -10.22 -7.27 20.07
N LYS F 230 -9.87 -7.90 18.95
CA LYS F 230 -8.48 -8.25 18.67
C LYS F 230 -7.75 -7.13 17.94
N SER F 231 -6.59 -6.74 18.46
CA SER F 231 -5.78 -5.69 17.85
C SER F 231 -4.36 -5.72 18.38
N ILE F 232 -3.42 -5.31 17.53
CA ILE F 232 -2.03 -5.13 17.94
C ILE F 232 -1.61 -3.70 17.65
N THR F 233 -2.58 -2.89 17.23
CA THR F 233 -2.35 -1.48 16.92
C THR F 233 -2.66 -0.60 18.12
N PRO F 234 -1.61 0.02 18.70
CA PRO F 234 -1.69 0.84 19.92
C PRO F 234 -2.81 1.88 19.89
N GLU F 235 -2.94 2.59 18.77
CA GLU F 235 -3.96 3.63 18.64
C GLU F 235 -5.37 3.07 18.70
N ARG F 236 -5.57 1.91 18.07
CA ARG F 236 -6.90 1.31 17.99
C ARG F 236 -7.25 0.52 19.25
N ILE F 237 -6.22 0.03 19.95
CA ILE F 237 -6.43 -0.64 21.23
C ILE F 237 -7.01 0.35 22.24
N VAL F 238 -6.55 1.59 22.17
CA VAL F 238 -7.05 2.64 23.06
C VAL F 238 -8.51 3.00 22.74
N GLN F 239 -8.79 3.21 21.46
CA GLN F 239 -10.13 3.61 21.03
C GLN F 239 -11.18 2.54 21.35
N ASN F 240 -10.78 1.27 21.26
CA ASN F 240 -11.68 0.17 21.59
C ASN F 240 -12.07 0.17 23.06
N PHE F 241 -11.22 0.74 23.90
CA PHE F 241 -11.47 0.82 25.33
C PHE F 241 -12.34 2.01 25.68
N ASP F 242 -12.30 3.04 24.84
CA ASP F 242 -13.06 4.26 25.08
C ASP F 242 -14.54 4.05 24.78
N VAL F 243 -15.19 3.21 25.59
CA VAL F 243 -16.60 2.88 25.37
C VAL F 243 -17.42 2.95 26.66
N PHE F 244 -16.90 3.66 27.66
CA PHE F 244 -17.59 3.75 28.95
C PHE F 244 -17.99 5.17 29.30
N ASP F 245 -18.08 6.04 28.29
CA ASP F 245 -18.43 7.44 28.52
C ASP F 245 -19.69 7.83 27.77
N PHE F 246 -20.43 6.83 27.30
CA PHE F 246 -21.65 7.06 26.55
C PHE F 246 -22.57 5.84 26.60
N THR F 247 -23.85 6.05 26.32
CA THR F 247 -24.82 4.97 26.39
C THR F 247 -25.77 4.94 25.19
N LEU F 248 -25.80 3.80 24.51
CA LEU F 248 -26.78 3.57 23.45
C LEU F 248 -28.18 3.46 24.04
N ASP F 249 -29.16 4.07 23.38
CA ASP F 249 -30.53 4.03 23.87
C ASP F 249 -31.42 3.14 23.03
N GLU F 250 -32.74 3.28 23.21
CA GLU F 250 -33.71 2.35 22.64
C GLU F 250 -33.70 2.29 21.11
N GLU F 251 -33.47 3.43 20.46
CA GLU F 251 -33.57 3.48 19.01
C GLU F 251 -32.26 3.03 18.38
N ASP F 252 -31.18 3.21 19.13
CA ASP F 252 -29.88 2.72 18.71
C ASP F 252 -29.88 1.20 18.70
N MET F 253 -30.37 0.62 19.80
CA MET F 253 -30.45 -0.83 19.91
C MET F 253 -31.40 -1.40 18.86
N LYS F 254 -32.50 -0.71 18.62
CA LYS F 254 -33.49 -1.15 17.64
C LYS F 254 -32.92 -1.09 16.22
N SER F 255 -32.15 -0.05 15.94
CA SER F 255 -31.54 0.12 14.63
C SER F 255 -30.48 -0.96 14.36
N ILE F 256 -29.59 -1.16 15.32
CA ILE F 256 -28.52 -2.16 15.20
C ILE F 256 -29.12 -3.56 15.06
N ARG F 257 -30.28 -3.78 15.68
CA ARG F 257 -30.95 -5.07 15.64
C ARG F 257 -31.23 -5.54 14.21
N SER F 258 -31.54 -4.60 13.33
CA SER F 258 -31.89 -4.93 11.94
C SER F 258 -30.67 -5.19 11.07
N VAL F 259 -29.49 -4.89 11.60
CA VAL F 259 -28.24 -5.07 10.85
C VAL F 259 -27.90 -6.56 10.72
N ASN F 260 -28.46 -7.37 11.59
CA ASN F 260 -28.21 -8.81 11.60
C ASN F 260 -28.52 -9.48 10.26
N THR F 261 -27.61 -10.32 9.80
CA THR F 261 -27.78 -11.03 8.53
C THR F 261 -27.72 -12.55 8.74
N GLY F 262 -27.09 -12.98 9.82
CA GLY F 262 -26.96 -14.39 10.14
C GLY F 262 -25.85 -15.05 9.34
N LYS F 263 -25.01 -14.22 8.72
CA LYS F 263 -23.91 -14.72 7.91
C LYS F 263 -22.67 -14.96 8.77
N LYS F 264 -22.52 -16.20 9.24
CA LYS F 264 -21.41 -16.54 10.13
C LYS F 264 -20.08 -16.59 9.40
N ILE F 265 -19.04 -16.07 10.05
CA ILE F 265 -17.73 -15.93 9.42
C ILE F 265 -16.84 -17.14 9.66
N PHE F 266 -16.87 -17.70 10.86
CA PHE F 266 -15.97 -18.78 11.22
C PHE F 266 -16.64 -20.15 11.19
N THR F 267 -15.82 -21.19 11.29
CA THR F 267 -16.23 -22.58 11.08
C THR F 267 -17.50 -22.97 11.82
N GLU F 268 -18.41 -23.63 11.10
CA GLU F 268 -19.66 -24.13 11.66
C GLU F 268 -19.37 -25.01 12.87
N PHE F 269 -20.18 -24.85 13.91
CA PHE F 269 -19.94 -25.48 15.21
C PHE F 269 -19.68 -26.99 15.13
N ASP F 270 -20.33 -27.66 14.19
CA ASP F 270 -20.25 -29.12 14.10
C ASP F 270 -19.47 -29.61 12.89
N ASN F 271 -18.68 -28.74 12.29
CA ASN F 271 -17.87 -29.12 11.13
C ASN F 271 -16.39 -28.80 11.33
N VAL F 272 -15.90 -29.06 12.54
CA VAL F 272 -14.50 -28.83 12.87
C VAL F 272 -13.68 -30.10 12.71
N ASP F 273 -12.69 -30.07 11.83
CA ASP F 273 -11.83 -31.22 11.60
C ASP F 273 -10.48 -31.05 12.29
N TYR F 274 -9.97 -29.82 12.28
CA TYR F 274 -8.71 -29.49 12.93
C TYR F 274 -8.81 -29.62 14.44
#